data_3SIV
#
_entry.id   3SIV
#
_cell.length_a   255.407
_cell.length_b   105.325
_cell.length_c   188.644
_cell.angle_alpha   90.00
_cell.angle_beta   127.52
_cell.angle_gamma   90.00
#
_symmetry.space_group_name_H-M   'C 1 2 1'
#
loop_
_entity.id
_entity.type
_entity.pdbx_description
1 polymer 'NHP2-like protein 1'
2 polymer 'U4/U6 small nuclear ribonucleoprotein Prp31'
3 polymer 'U4atac snRNA'
#
loop_
_entity_poly.entity_id
_entity_poly.type
_entity_poly.pdbx_seq_one_letter_code
_entity_poly.pdbx_strand_id
1 'polypeptide(L)'
;GSMTEADVNPKAYPLADAHLTKKLLDLVQQSCNYKQLRKGANEATKTLNRGISEFIVMAADAEPLEIILHLPLLCEDKNV
PYVFVRSKQALGRACGVSRPVIACSVTIKEGSQLKQQIQSIQQSIERLLV
;
A,D,G,J
2 'polypeptide(L)'
;GPLGSEAAPEYRVIVDANNLTVEIENELNIIHKFIRDKYSKRFPELESLVPNALDYIRTVKELGNSLDKCKNNENLQQIL
TNATIMVVSVTASTTQGQQLSEEELERLEEACDMALELNASKHRIYEYVESRMSFIAPNLSIIIGASTAAKIMGVAGGLT
NLSKMPACNIMLLGAQRKTLSGFSSTSVLPHTGYIYHSDIVQSLPPDLRRKAARLVAAKCTLAARVDSFHESTEGKVGYE
LKDEIERKFDKWQE
;
B,E,H,K
3 'polyribonucleotide' UACUGUCCAAUGAGCGCAUAGUGAGGGCAGUA C,F,I,L
#
# COMPACT_ATOMS: atom_id res chain seq x y z
N MET A 3 -44.89 -36.17 -37.37
CA MET A 3 -45.32 -34.77 -37.28
C MET A 3 -44.68 -33.87 -38.35
N THR A 4 -45.42 -32.87 -38.82
CA THR A 4 -44.85 -31.85 -39.69
C THR A 4 -44.75 -30.50 -38.95
N GLU A 5 -43.52 -30.01 -38.78
CA GLU A 5 -43.26 -28.72 -38.14
C GLU A 5 -43.60 -27.64 -39.14
N ALA A 6 -44.07 -28.09 -40.31
CA ALA A 6 -44.51 -27.24 -41.41
C ALA A 6 -45.53 -26.17 -40.95
N ASP A 7 -45.91 -26.23 -39.67
CA ASP A 7 -46.80 -25.22 -39.09
C ASP A 7 -46.05 -24.18 -38.27
N VAL A 8 -45.88 -23.02 -38.89
CA VAL A 8 -45.21 -21.86 -38.31
C VAL A 8 -46.24 -20.77 -38.20
N ASN A 9 -46.00 -19.79 -37.34
CA ASN A 9 -46.83 -18.61 -37.24
C ASN A 9 -47.14 -18.05 -38.63
N PRO A 10 -48.43 -17.89 -38.94
CA PRO A 10 -48.89 -17.44 -40.26
C PRO A 10 -48.43 -16.02 -40.62
N LYS A 11 -48.45 -15.11 -39.64
CA LYS A 11 -47.89 -13.77 -39.77
C LYS A 11 -46.49 -13.73 -40.40
N ALA A 12 -45.76 -14.85 -40.35
CA ALA A 12 -44.45 -14.91 -40.96
C ALA A 12 -44.59 -15.19 -42.45
N TYR A 13 -44.84 -14.13 -43.22
CA TYR A 13 -45.18 -14.27 -44.63
C TYR A 13 -44.39 -13.26 -45.46
N PRO A 14 -43.77 -13.72 -46.56
CA PRO A 14 -43.71 -15.07 -47.12
C PRO A 14 -42.61 -15.93 -46.51
N LEU A 15 -42.86 -17.25 -46.46
CA LEU A 15 -41.93 -18.20 -45.87
C LEU A 15 -41.25 -19.07 -46.94
N ALA A 16 -39.94 -18.86 -47.09
CA ALA A 16 -39.14 -19.54 -48.09
C ALA A 16 -39.31 -21.06 -48.20
N ASP A 17 -39.54 -21.48 -49.43
CA ASP A 17 -39.36 -22.86 -49.83
C ASP A 17 -38.02 -23.32 -49.29
N ALA A 18 -38.00 -24.54 -48.78
CA ALA A 18 -36.76 -25.23 -48.40
C ALA A 18 -35.60 -24.91 -49.32
N HIS A 19 -35.76 -25.20 -50.61
CA HIS A 19 -34.73 -24.95 -51.63
C HIS A 19 -34.30 -23.50 -51.75
N LEU A 20 -35.27 -22.59 -51.82
CA LEU A 20 -35.01 -21.17 -51.64
C LEU A 20 -34.23 -20.94 -50.36
N THR A 21 -34.78 -21.36 -49.22
CA THR A 21 -34.15 -21.12 -47.91
C THR A 21 -32.66 -21.42 -47.91
N LYS A 22 -32.23 -22.40 -48.71
CA LYS A 22 -30.81 -22.69 -48.86
C LYS A 22 -30.12 -21.52 -49.52
N LYS A 23 -30.57 -21.17 -50.72
CA LYS A 23 -30.00 -20.08 -51.49
C LYS A 23 -29.78 -18.79 -50.69
N LEU A 24 -30.72 -18.44 -49.81
CA LEU A 24 -30.56 -17.26 -48.98
C LEU A 24 -29.42 -17.41 -47.99
N LEU A 25 -29.53 -18.43 -47.15
CA LEU A 25 -28.51 -18.70 -46.16
C LEU A 25 -27.16 -18.69 -46.85
N ASP A 26 -27.08 -19.39 -47.97
CA ASP A 26 -25.86 -19.41 -48.76
C ASP A 26 -25.46 -18.02 -49.22
N LEU A 27 -26.39 -17.30 -49.83
CA LEU A 27 -26.10 -15.92 -50.20
C LEU A 27 -25.70 -15.08 -48.98
N VAL A 28 -26.50 -15.17 -47.92
CA VAL A 28 -26.25 -14.43 -46.70
C VAL A 28 -24.85 -14.77 -46.18
N GLN A 29 -24.46 -16.03 -46.29
CA GLN A 29 -23.17 -16.43 -45.78
C GLN A 29 -22.07 -15.72 -46.57
N GLN A 30 -22.27 -15.55 -47.87
CA GLN A 30 -21.26 -14.92 -48.72
C GLN A 30 -21.20 -13.42 -48.52
N SER A 31 -22.37 -12.78 -48.65
CA SER A 31 -22.49 -11.36 -48.36
C SER A 31 -21.95 -10.99 -46.97
N CYS A 32 -21.87 -11.95 -46.06
CA CYS A 32 -21.19 -11.71 -44.79
C CYS A 32 -19.68 -11.55 -45.01
N ASN A 33 -19.17 -12.25 -46.05
CA ASN A 33 -17.75 -12.23 -46.36
C ASN A 33 -17.34 -11.08 -47.26
N TYR A 34 -18.30 -10.58 -48.04
CA TYR A 34 -18.08 -9.41 -48.90
C TYR A 34 -18.50 -8.12 -48.21
N LYS A 35 -18.67 -8.18 -46.88
CA LYS A 35 -19.06 -7.03 -46.09
C LYS A 35 -20.26 -6.29 -46.67
N GLN A 36 -21.22 -7.04 -47.20
CA GLN A 36 -22.49 -6.49 -47.68
C GLN A 36 -23.65 -7.03 -46.87
N LEU A 37 -23.41 -7.19 -45.58
CA LEU A 37 -24.41 -7.80 -44.70
C LEU A 37 -24.48 -7.07 -43.38
N ARG A 38 -25.70 -6.83 -42.92
CA ARG A 38 -25.89 -6.36 -41.56
C ARG A 38 -26.77 -7.31 -40.74
N LYS A 39 -26.35 -7.58 -39.52
CA LYS A 39 -27.06 -8.54 -38.74
C LYS A 39 -27.77 -7.81 -37.60
N GLY A 40 -29.08 -7.97 -37.48
CA GLY A 40 -29.78 -7.45 -36.32
C GLY A 40 -31.17 -6.86 -36.58
N ALA A 41 -32.01 -6.91 -35.57
CA ALA A 41 -33.33 -6.34 -35.72
C ALA A 41 -33.07 -4.88 -36.01
N ASN A 42 -32.46 -4.23 -35.03
CA ASN A 42 -32.17 -2.82 -35.06
C ASN A 42 -31.36 -2.47 -36.27
N GLU A 43 -30.36 -3.26 -36.55
CA GLU A 43 -29.48 -2.88 -37.62
C GLU A 43 -30.17 -2.91 -38.96
N ALA A 44 -31.15 -3.80 -39.12
CA ALA A 44 -31.85 -3.91 -40.39
C ALA A 44 -32.73 -2.70 -40.57
N THR A 45 -33.50 -2.38 -39.54
CA THR A 45 -34.33 -1.18 -39.53
C THR A 45 -33.57 0.01 -40.07
N LYS A 46 -32.35 0.21 -39.59
CA LYS A 46 -31.51 1.28 -40.13
C LYS A 46 -31.32 1.18 -41.64
N THR A 47 -30.79 0.07 -42.12
CA THR A 47 -30.59 -0.03 -43.57
C THR A 47 -31.84 0.23 -44.40
N LEU A 48 -33.03 0.06 -43.81
CA LEU A 48 -34.28 0.33 -44.51
C LEU A 48 -34.50 1.81 -44.71
N ASN A 49 -34.46 2.54 -43.59
CA ASN A 49 -34.58 4.00 -43.56
C ASN A 49 -33.55 4.72 -44.43
N ARG A 50 -32.29 4.32 -44.27
CA ARG A 50 -31.21 4.81 -45.12
C ARG A 50 -31.30 4.27 -46.54
N GLY A 51 -32.40 3.59 -46.86
CA GLY A 51 -32.59 3.00 -48.17
C GLY A 51 -31.35 2.38 -48.81
N ILE A 52 -30.62 1.56 -48.06
CA ILE A 52 -29.52 0.82 -48.66
C ILE A 52 -29.55 -0.68 -48.34
N SER A 53 -30.74 -1.26 -48.37
CA SER A 53 -30.84 -2.71 -48.26
C SER A 53 -31.47 -3.28 -49.53
N GLU A 54 -30.85 -4.33 -50.04
CA GLU A 54 -31.38 -5.03 -51.20
C GLU A 54 -32.53 -5.93 -50.78
N PHE A 55 -32.29 -6.77 -49.78
CA PHE A 55 -33.38 -7.51 -49.14
C PHE A 55 -33.21 -7.73 -47.64
N ILE A 56 -34.32 -8.13 -47.03
CA ILE A 56 -34.39 -8.41 -45.60
C ILE A 56 -34.71 -9.91 -45.44
N VAL A 57 -33.96 -10.59 -44.57
CA VAL A 57 -34.30 -11.96 -44.24
C VAL A 57 -34.57 -12.05 -42.76
N MET A 58 -35.71 -12.63 -42.41
CA MET A 58 -36.11 -12.71 -41.03
C MET A 58 -36.41 -14.14 -40.69
N ALA A 59 -36.31 -14.48 -39.40
CA ALA A 59 -36.55 -15.84 -38.96
C ALA A 59 -37.90 -15.92 -38.28
N ALA A 60 -38.71 -16.90 -38.67
CA ALA A 60 -40.03 -17.10 -38.09
C ALA A 60 -39.99 -17.64 -36.63
N ASP A 61 -38.83 -18.20 -36.25
CA ASP A 61 -38.50 -18.64 -34.90
C ASP A 61 -38.85 -17.56 -33.92
N ALA A 62 -38.38 -16.37 -34.27
CA ALA A 62 -38.52 -15.13 -33.50
C ALA A 62 -39.69 -15.06 -32.54
N GLU A 63 -39.41 -15.29 -31.26
CA GLU A 63 -40.44 -15.19 -30.24
C GLU A 63 -40.21 -14.01 -29.30
N PRO A 64 -41.24 -13.16 -29.07
CA PRO A 64 -42.54 -13.04 -29.73
C PRO A 64 -42.30 -12.59 -31.14
N LEU A 65 -43.14 -12.96 -32.09
CA LEU A 65 -42.87 -12.59 -33.49
C LEU A 65 -42.93 -11.08 -33.75
N GLU A 66 -43.74 -10.38 -32.96
CA GLU A 66 -43.97 -8.95 -33.19
C GLU A 66 -42.69 -8.14 -33.07
N ILE A 67 -41.68 -8.73 -32.41
CA ILE A 67 -40.41 -8.02 -32.28
C ILE A 67 -39.71 -7.81 -33.61
N ILE A 68 -40.27 -8.30 -34.71
CA ILE A 68 -39.68 -7.94 -35.99
C ILE A 68 -40.68 -7.69 -37.07
N LEU A 69 -41.97 -7.70 -36.72
CA LEU A 69 -43.05 -7.55 -37.70
C LEU A 69 -43.12 -6.12 -38.22
N HIS A 70 -42.50 -5.22 -37.46
CA HIS A 70 -42.42 -3.84 -37.86
C HIS A 70 -41.67 -3.74 -39.18
N LEU A 71 -40.86 -4.75 -39.49
CA LEU A 71 -40.00 -4.70 -40.67
C LEU A 71 -40.76 -4.87 -41.96
N PRO A 72 -41.58 -5.93 -42.09
CA PRO A 72 -42.33 -6.07 -43.34
C PRO A 72 -43.06 -4.78 -43.72
N LEU A 73 -43.65 -4.08 -42.74
CA LEU A 73 -44.38 -2.84 -43.02
C LEU A 73 -43.46 -1.75 -43.56
N LEU A 74 -42.18 -1.89 -43.27
CA LEU A 74 -41.19 -0.94 -43.75
C LEU A 74 -40.67 -1.26 -45.15
N CYS A 75 -40.63 -2.52 -45.54
CA CYS A 75 -40.16 -2.86 -46.87
C CYS A 75 -41.29 -2.62 -47.84
N GLU A 76 -42.46 -2.34 -47.30
CA GLU A 76 -43.57 -1.93 -48.14
C GLU A 76 -43.27 -0.51 -48.54
N ASP A 77 -43.18 0.36 -47.54
CA ASP A 77 -42.76 1.72 -47.82
C ASP A 77 -41.62 1.72 -48.82
N LYS A 78 -40.41 1.35 -48.39
CA LYS A 78 -39.27 1.48 -49.30
C LYS A 78 -39.24 0.45 -50.44
N ASN A 79 -40.32 -0.29 -50.63
CA ASN A 79 -40.37 -1.30 -51.70
C ASN A 79 -39.15 -2.22 -51.74
N VAL A 80 -38.86 -2.85 -50.61
CA VAL A 80 -37.75 -3.80 -50.53
C VAL A 80 -38.30 -5.20 -50.31
N PRO A 81 -37.78 -6.17 -51.08
CA PRO A 81 -38.13 -7.59 -50.90
C PRO A 81 -37.78 -8.09 -49.49
N TYR A 82 -38.71 -8.84 -48.88
CA TYR A 82 -38.47 -9.43 -47.57
C TYR A 82 -39.03 -10.84 -47.51
N VAL A 83 -38.26 -11.75 -46.90
CA VAL A 83 -38.64 -13.15 -46.79
C VAL A 83 -38.32 -13.72 -45.41
N PHE A 84 -39.14 -14.65 -44.95
CA PHE A 84 -38.85 -15.35 -43.70
C PHE A 84 -38.25 -16.73 -43.97
N VAL A 85 -37.17 -17.06 -43.26
CA VAL A 85 -36.69 -18.45 -43.18
C VAL A 85 -37.06 -19.05 -41.83
N ARG A 86 -36.96 -20.38 -41.77
CA ARG A 86 -37.60 -21.08 -40.68
C ARG A 86 -36.85 -20.94 -39.36
N SER A 87 -35.51 -20.96 -39.39
CA SER A 87 -34.74 -20.98 -38.13
C SER A 87 -33.82 -19.82 -37.80
N LYS A 88 -34.19 -19.09 -36.75
CA LYS A 88 -33.34 -18.04 -36.24
C LYS A 88 -31.98 -18.62 -35.97
N GLN A 89 -31.96 -19.88 -35.53
CA GLN A 89 -30.70 -20.52 -35.19
C GLN A 89 -29.90 -20.80 -36.46
N ALA A 90 -30.57 -21.38 -37.44
CA ALA A 90 -29.93 -21.69 -38.72
C ALA A 90 -29.34 -20.41 -39.26
N LEU A 91 -30.08 -19.30 -39.08
CA LEU A 91 -29.73 -18.02 -39.68
C LEU A 91 -28.50 -17.40 -39.00
N GLY A 92 -28.52 -17.36 -37.68
CA GLY A 92 -27.34 -16.95 -36.94
C GLY A 92 -26.09 -17.60 -37.50
N ARG A 93 -26.11 -18.91 -37.64
CA ARG A 93 -24.94 -19.61 -38.15
C ARG A 93 -24.49 -19.14 -39.52
N ALA A 94 -25.43 -18.70 -40.34
CA ALA A 94 -25.11 -18.19 -41.67
C ALA A 94 -24.34 -16.87 -41.63
N CYS A 95 -24.84 -15.95 -40.81
CA CYS A 95 -24.15 -14.69 -40.59
C CYS A 95 -22.88 -14.93 -39.82
N GLY A 96 -22.55 -16.19 -39.56
CA GLY A 96 -21.39 -16.48 -38.74
C GLY A 96 -21.50 -15.88 -37.35
N VAL A 97 -22.42 -16.41 -36.55
CA VAL A 97 -22.64 -15.96 -35.19
C VAL A 97 -23.09 -17.17 -34.35
N SER A 98 -22.44 -17.40 -33.20
CA SER A 98 -22.76 -18.54 -32.33
C SER A 98 -24.18 -18.48 -31.72
N ARG A 99 -24.78 -17.30 -31.78
CA ARG A 99 -26.13 -17.06 -31.29
C ARG A 99 -27.17 -16.98 -32.40
N PRO A 100 -28.45 -16.90 -32.05
CA PRO A 100 -29.46 -16.74 -33.10
C PRO A 100 -29.56 -15.30 -33.57
N VAL A 101 -29.84 -15.16 -34.86
CA VAL A 101 -30.03 -13.85 -35.47
C VAL A 101 -31.39 -13.84 -36.17
N ILE A 102 -32.32 -13.01 -35.68
CA ILE A 102 -33.70 -13.02 -36.20
C ILE A 102 -33.97 -12.07 -37.35
N ALA A 103 -32.97 -11.30 -37.77
CA ALA A 103 -33.17 -10.37 -38.86
C ALA A 103 -31.83 -10.01 -39.45
N CYS A 104 -31.71 -10.07 -40.75
CA CYS A 104 -30.52 -9.51 -41.36
C CYS A 104 -30.86 -8.85 -42.67
N SER A 105 -29.94 -8.01 -43.14
CA SER A 105 -30.14 -7.22 -44.35
C SER A 105 -28.89 -7.31 -45.21
N VAL A 106 -29.09 -7.45 -46.51
CA VAL A 106 -27.98 -7.41 -47.45
C VAL A 106 -27.90 -6.00 -48.00
N THR A 107 -26.97 -5.21 -47.46
CA THR A 107 -26.76 -3.83 -47.87
C THR A 107 -26.48 -3.70 -49.36
N ILE A 108 -26.84 -2.54 -49.92
CA ILE A 108 -26.46 -2.24 -51.31
C ILE A 108 -25.02 -1.77 -51.41
N LYS A 109 -24.37 -2.10 -52.50
CA LYS A 109 -22.97 -1.74 -52.71
C LYS A 109 -22.69 -1.88 -54.19
N GLU A 110 -21.94 -0.93 -54.75
CA GLU A 110 -21.77 -0.84 -56.20
C GLU A 110 -20.59 -1.64 -56.72
N GLY A 111 -20.82 -2.33 -57.83
CA GLY A 111 -19.81 -3.17 -58.44
C GLY A 111 -19.40 -4.33 -57.55
N SER A 112 -20.38 -5.11 -57.11
CA SER A 112 -20.11 -6.28 -56.27
C SER A 112 -20.50 -7.52 -57.04
N GLN A 113 -19.66 -8.54 -56.98
CA GLN A 113 -19.87 -9.72 -57.78
C GLN A 113 -21.23 -10.39 -57.48
N LEU A 114 -21.75 -10.18 -56.27
CA LEU A 114 -23.00 -10.86 -55.90
C LEU A 114 -24.24 -10.12 -56.42
N LYS A 115 -24.00 -9.14 -57.29
CA LYS A 115 -25.10 -8.39 -57.86
C LYS A 115 -26.14 -9.32 -58.49
N GLN A 116 -25.74 -10.13 -59.48
CA GLN A 116 -26.73 -10.97 -60.15
C GLN A 116 -27.32 -12.01 -59.21
N GLN A 117 -26.53 -12.45 -58.23
CA GLN A 117 -27.01 -13.41 -57.25
C GLN A 117 -28.17 -12.79 -56.47
N ILE A 118 -27.87 -11.65 -55.84
CA ILE A 118 -28.88 -10.81 -55.21
C ILE A 118 -30.05 -10.53 -56.14
N GLN A 119 -29.73 -10.15 -57.38
CA GLN A 119 -30.75 -9.97 -58.40
C GLN A 119 -31.73 -11.12 -58.27
N SER A 120 -31.25 -12.31 -58.57
CA SER A 120 -32.11 -13.48 -58.64
C SER A 120 -32.95 -13.64 -57.37
N ILE A 121 -32.24 -13.72 -56.25
CA ILE A 121 -32.88 -13.84 -54.95
C ILE A 121 -34.08 -12.94 -54.84
N GLN A 122 -33.88 -11.69 -55.25
CA GLN A 122 -34.89 -10.64 -55.17
C GLN A 122 -36.09 -11.00 -56.02
N GLN A 123 -35.82 -11.38 -57.25
CA GLN A 123 -36.90 -11.77 -58.12
C GLN A 123 -37.70 -12.87 -57.42
N SER A 124 -36.96 -13.87 -56.94
CA SER A 124 -37.58 -15.07 -56.37
C SER A 124 -38.47 -14.73 -55.18
N ILE A 125 -38.10 -13.71 -54.42
CA ILE A 125 -38.93 -13.24 -53.32
C ILE A 125 -40.15 -12.48 -53.85
N GLU A 126 -39.91 -11.60 -54.81
CA GLU A 126 -40.99 -10.85 -55.44
C GLU A 126 -42.11 -11.82 -55.76
N ARG A 127 -41.71 -12.93 -56.36
CA ARG A 127 -42.62 -13.98 -56.82
C ARG A 127 -43.65 -14.47 -55.79
N LEU A 128 -43.38 -14.33 -54.49
CA LEU A 128 -44.28 -14.90 -53.49
C LEU A 128 -45.07 -13.83 -52.77
N LEU A 129 -44.52 -12.63 -52.81
CA LEU A 129 -45.20 -11.46 -52.30
C LEU A 129 -46.34 -11.12 -53.26
N VAL A 130 -46.17 -11.54 -54.51
CA VAL A 130 -47.19 -11.40 -55.53
C VAL A 130 -48.00 -12.70 -55.62
N GLU B 6 -54.85 10.35 -35.04
CA GLU B 6 -56.20 10.64 -35.50
C GLU B 6 -56.90 11.66 -34.59
N ALA B 7 -56.84 12.93 -34.98
CA ALA B 7 -57.42 14.01 -34.19
C ALA B 7 -56.72 14.15 -32.84
N ALA B 8 -57.49 14.01 -31.75
CA ALA B 8 -56.91 13.96 -30.41
C ALA B 8 -56.69 12.51 -30.04
N PRO B 9 -55.44 12.06 -30.10
CA PRO B 9 -55.04 10.70 -29.77
C PRO B 9 -54.75 10.62 -28.27
N GLU B 10 -55.21 9.58 -27.60
CA GLU B 10 -55.15 9.62 -26.15
C GLU B 10 -53.75 9.86 -25.66
N TYR B 11 -52.76 9.31 -26.37
CA TYR B 11 -51.38 9.33 -25.86
C TYR B 11 -50.92 10.75 -25.54
N ARG B 12 -51.11 11.64 -26.51
CA ARG B 12 -50.83 13.05 -26.35
C ARG B 12 -51.37 13.57 -25.02
N VAL B 13 -52.64 13.31 -24.75
CA VAL B 13 -53.27 13.82 -23.54
C VAL B 13 -52.53 13.38 -22.30
N ILE B 14 -51.99 12.18 -22.33
CA ILE B 14 -51.25 11.67 -21.18
C ILE B 14 -49.82 12.25 -21.13
N VAL B 15 -49.19 12.36 -22.29
CA VAL B 15 -47.87 12.95 -22.36
C VAL B 15 -47.88 14.31 -21.70
N ASP B 16 -48.83 15.15 -22.11
CA ASP B 16 -48.95 16.50 -21.58
C ASP B 16 -49.31 16.42 -20.11
N ALA B 17 -50.19 15.48 -19.78
CA ALA B 17 -50.58 15.22 -18.40
C ALA B 17 -49.38 14.85 -17.57
N ASN B 18 -48.58 13.92 -18.07
CA ASN B 18 -47.36 13.50 -17.40
C ASN B 18 -46.51 14.71 -17.05
N ASN B 19 -46.40 15.62 -18.02
CA ASN B 19 -45.50 16.78 -17.91
C ASN B 19 -45.78 17.67 -16.72
N LEU B 20 -47.04 17.83 -16.37
CA LEU B 20 -47.38 18.71 -15.25
C LEU B 20 -46.75 18.20 -13.98
N THR B 21 -46.50 16.90 -13.91
CA THR B 21 -45.92 16.33 -12.71
C THR B 21 -44.51 16.87 -12.54
N VAL B 22 -43.69 16.72 -13.57
CA VAL B 22 -42.34 17.28 -13.55
C VAL B 22 -42.38 18.79 -13.27
N GLU B 23 -43.33 19.51 -13.87
CA GLU B 23 -43.50 20.94 -13.62
C GLU B 23 -43.64 21.18 -12.15
N ILE B 24 -44.40 20.29 -11.53
CA ILE B 24 -44.70 20.36 -10.11
C ILE B 24 -43.52 19.86 -9.27
N GLU B 25 -42.69 18.97 -9.80
CA GLU B 25 -41.51 18.60 -9.05
C GLU B 25 -40.73 19.88 -8.91
N ASN B 26 -40.51 20.55 -10.03
CA ASN B 26 -39.77 21.80 -10.07
C ASN B 26 -40.37 22.79 -9.11
N GLU B 27 -41.66 23.04 -9.26
CA GLU B 27 -42.35 23.95 -8.36
C GLU B 27 -42.19 23.59 -6.87
N LEU B 28 -42.21 22.30 -6.53
CA LEU B 28 -42.05 21.90 -5.14
C LEU B 28 -40.61 22.04 -4.68
N ASN B 29 -39.70 21.45 -5.45
CA ASN B 29 -38.27 21.63 -5.26
C ASN B 29 -37.92 23.06 -4.87
N ILE B 30 -38.58 24.02 -5.53
CA ILE B 30 -38.34 25.45 -5.36
C ILE B 30 -39.03 26.00 -4.11
N ILE B 31 -40.25 25.55 -3.86
CA ILE B 31 -40.98 25.88 -2.63
C ILE B 31 -40.26 25.30 -1.43
N HIS B 32 -39.74 24.09 -1.58
CA HIS B 32 -38.90 23.50 -0.57
C HIS B 32 -37.86 24.56 -0.22
N LYS B 33 -37.00 24.88 -1.18
CA LYS B 33 -35.89 25.79 -0.92
C LYS B 33 -36.33 27.11 -0.29
N PHE B 34 -37.49 27.62 -0.71
CA PHE B 34 -38.03 28.86 -0.16
C PHE B 34 -38.41 28.77 1.31
N ILE B 35 -38.98 27.64 1.72
CA ILE B 35 -39.45 27.51 3.09
C ILE B 35 -38.26 27.24 4.00
N ARG B 36 -37.49 26.20 3.70
CA ARG B 36 -36.33 25.85 4.52
C ARG B 36 -35.45 27.08 4.70
N ASP B 37 -35.53 28.01 3.75
CA ASP B 37 -34.70 29.21 3.82
C ASP B 37 -35.34 30.28 4.71
N LYS B 38 -36.54 30.73 4.35
CA LYS B 38 -37.23 31.75 5.11
C LYS B 38 -37.73 31.22 6.44
N TYR B 39 -37.36 29.99 6.79
CA TYR B 39 -37.69 29.40 8.09
C TYR B 39 -36.43 29.15 8.89
N SER B 40 -35.35 28.83 8.19
CA SER B 40 -34.07 28.59 8.85
C SER B 40 -33.70 29.80 9.70
N LYS B 41 -34.59 30.76 9.76
CA LYS B 41 -34.42 31.88 10.67
C LYS B 41 -34.69 31.44 12.12
N ARG B 42 -35.73 30.63 12.31
CA ARG B 42 -36.01 30.02 13.62
C ARG B 42 -36.02 28.51 13.49
N PHE B 43 -35.14 27.84 14.23
CA PHE B 43 -34.91 26.40 14.02
C PHE B 43 -34.04 26.12 12.80
N PRO B 44 -33.09 27.03 12.49
CA PRO B 44 -32.21 26.81 11.34
C PRO B 44 -31.64 25.41 11.25
N GLU B 45 -31.48 24.75 12.39
CA GLU B 45 -30.90 23.41 12.45
C GLU B 45 -31.85 22.33 11.91
N LEU B 46 -33.13 22.44 12.24
CA LEU B 46 -34.15 21.47 11.80
C LEU B 46 -33.98 21.01 10.36
N GLU B 47 -33.70 21.97 9.47
CA GLU B 47 -33.43 21.67 8.07
C GLU B 47 -32.56 20.43 7.97
N SER B 48 -31.36 20.52 8.54
CA SER B 48 -30.36 19.48 8.45
C SER B 48 -30.81 18.17 9.14
N LEU B 49 -31.67 18.32 10.16
CA LEU B 49 -32.21 17.18 10.91
C LEU B 49 -33.04 16.22 10.03
N VAL B 50 -34.17 16.70 9.51
CA VAL B 50 -34.95 15.97 8.49
C VAL B 50 -34.68 16.52 7.08
N PRO B 51 -34.05 15.70 6.22
CA PRO B 51 -33.73 16.13 4.85
C PRO B 51 -34.85 15.87 3.83
N ASN B 52 -36.01 15.43 4.29
CA ASN B 52 -37.08 15.06 3.35
C ASN B 52 -38.17 16.09 3.15
N ALA B 53 -38.31 16.54 1.90
CA ALA B 53 -39.16 17.66 1.55
C ALA B 53 -40.53 17.60 2.20
N LEU B 54 -41.41 16.80 1.62
CA LEU B 54 -42.79 16.72 2.05
C LEU B 54 -42.92 16.70 3.58
N ASP B 55 -42.08 15.90 4.22
CA ASP B 55 -42.10 15.79 5.68
C ASP B 55 -41.81 17.15 6.30
N TYR B 56 -40.60 17.64 6.07
CA TYR B 56 -40.21 18.99 6.44
C TYR B 56 -41.38 19.99 6.34
N ILE B 57 -41.77 20.30 5.09
CA ILE B 57 -42.85 21.25 4.79
C ILE B 57 -44.07 21.01 5.69
N ARG B 58 -44.41 19.72 5.82
CA ARG B 58 -45.53 19.25 6.61
C ARG B 58 -45.32 19.64 8.09
N THR B 59 -44.12 19.32 8.60
CA THR B 59 -43.80 19.61 9.99
C THR B 59 -43.82 21.11 10.27
N VAL B 60 -43.14 21.89 9.42
CA VAL B 60 -43.01 23.31 9.69
C VAL B 60 -44.35 24.01 9.67
N LYS B 61 -45.37 23.33 9.16
CA LYS B 61 -46.69 23.95 9.18
C LYS B 61 -47.26 23.83 10.59
N GLU B 62 -46.92 22.74 11.28
CA GLU B 62 -47.36 22.54 12.64
C GLU B 62 -46.51 23.31 13.62
N LEU B 63 -45.27 22.86 13.77
CA LEU B 63 -44.29 23.55 14.60
C LEU B 63 -44.65 25.03 14.70
N GLY B 64 -44.52 25.76 13.59
CA GLY B 64 -44.99 27.13 13.47
C GLY B 64 -44.33 28.18 14.34
N ASN B 65 -45.18 29.03 14.94
CA ASN B 65 -44.78 30.17 15.77
C ASN B 65 -44.37 29.76 17.21
N SER B 66 -45.06 28.76 17.75
CA SER B 66 -44.70 28.17 19.04
C SER B 66 -44.12 26.76 18.87
N LEU B 67 -42.89 26.58 19.36
CA LEU B 67 -42.11 25.37 19.11
C LEU B 67 -41.99 24.46 20.33
N ASP B 68 -42.57 24.89 21.45
CA ASP B 68 -42.69 24.04 22.63
C ASP B 68 -43.72 22.96 22.33
N LYS B 69 -43.62 21.82 23.00
CA LYS B 69 -44.48 20.66 22.75
C LYS B 69 -44.21 20.00 21.38
N CYS B 70 -42.97 19.52 21.21
CA CYS B 70 -42.63 18.68 20.05
C CYS B 70 -43.03 17.24 20.36
N LYS B 71 -43.04 16.90 21.64
CA LYS B 71 -43.32 15.53 22.09
C LYS B 71 -44.80 15.33 22.42
N ASN B 72 -45.32 14.18 21.99
CA ASN B 72 -46.72 13.78 22.18
C ASN B 72 -47.78 14.54 21.38
N ASN B 73 -47.38 15.24 20.31
CA ASN B 73 -48.37 15.73 19.35
C ASN B 73 -48.75 14.64 18.36
N GLU B 74 -49.99 14.73 17.91
CA GLU B 74 -50.65 13.67 17.19
C GLU B 74 -50.27 13.58 15.71
N ASN B 75 -50.29 14.70 14.98
CA ASN B 75 -49.80 14.66 13.59
C ASN B 75 -48.29 14.82 13.50
N LEU B 76 -47.72 15.59 14.41
CA LEU B 76 -46.28 15.65 14.53
C LEU B 76 -45.83 14.21 14.70
N GLN B 77 -46.70 13.42 15.31
CA GLN B 77 -46.46 12.00 15.52
C GLN B 77 -46.66 11.19 14.25
N GLN B 78 -47.83 11.33 13.63
CA GLN B 78 -48.20 10.50 12.48
C GLN B 78 -47.52 10.92 11.19
N ILE B 79 -46.85 12.08 11.21
CA ILE B 79 -46.12 12.57 10.05
C ILE B 79 -44.64 12.22 10.19
N LEU B 80 -44.24 11.90 11.42
CA LEU B 80 -42.83 11.70 11.76
C LEU B 80 -42.58 10.38 12.50
N THR B 81 -41.41 9.80 12.25
CA THR B 81 -40.91 8.67 13.04
C THR B 81 -40.57 9.15 14.45
N ASN B 82 -40.97 8.40 15.48
CA ASN B 82 -40.80 8.85 16.87
C ASN B 82 -39.34 8.86 17.34
N ALA B 83 -38.50 8.08 16.67
CA ALA B 83 -37.06 8.08 16.96
C ALA B 83 -36.44 9.42 16.62
N THR B 84 -37.00 10.08 15.60
CA THR B 84 -36.51 11.36 15.15
C THR B 84 -37.34 12.56 15.68
N ILE B 85 -38.37 12.28 16.49
CA ILE B 85 -39.13 13.33 17.19
C ILE B 85 -38.50 13.69 18.54
N MET B 86 -37.65 12.80 19.06
CA MET B 86 -36.92 13.10 20.28
C MET B 86 -35.76 14.06 19.97
N VAL B 87 -35.00 13.77 18.91
CA VAL B 87 -33.83 14.57 18.55
C VAL B 87 -34.13 16.05 18.23
N VAL B 88 -35.42 16.40 18.12
CA VAL B 88 -35.83 17.80 17.92
C VAL B 88 -36.02 18.56 19.23
N SER B 89 -36.73 17.97 20.18
CA SER B 89 -37.04 18.64 21.43
C SER B 89 -35.78 19.09 22.20
N VAL B 90 -34.65 18.43 21.94
CA VAL B 90 -33.36 18.78 22.54
C VAL B 90 -32.71 19.97 21.83
N THR B 91 -32.85 20.02 20.50
CA THR B 91 -32.40 21.16 19.72
C THR B 91 -33.55 22.19 19.58
N ALA B 92 -34.69 21.89 20.20
CA ALA B 92 -35.82 22.81 20.26
C ALA B 92 -35.71 23.69 21.49
N SER B 93 -35.29 23.09 22.59
CA SER B 93 -34.95 23.83 23.79
C SER B 93 -33.68 24.66 23.53
N THR B 94 -32.65 24.02 22.97
CA THR B 94 -31.45 24.74 22.53
C THR B 94 -31.75 25.50 21.24
N THR B 95 -32.87 26.23 21.25
CA THR B 95 -33.31 27.05 20.12
C THR B 95 -32.20 27.96 19.63
N GLN B 96 -32.15 28.17 18.32
CA GLN B 96 -31.06 28.90 17.70
C GLN B 96 -31.52 30.19 17.02
N GLY B 97 -32.81 30.45 17.02
CA GLY B 97 -33.35 31.60 16.31
C GLY B 97 -34.49 32.30 17.03
N GLN B 98 -35.03 33.34 16.41
CA GLN B 98 -36.05 34.17 17.06
C GLN B 98 -37.44 33.97 16.46
N GLN B 99 -38.47 34.40 17.21
CA GLN B 99 -39.85 34.31 16.75
C GLN B 99 -40.05 35.08 15.42
N LEU B 100 -41.19 34.86 14.77
CA LEU B 100 -41.46 35.44 13.46
C LEU B 100 -42.63 36.42 13.44
N SER B 101 -42.47 37.47 12.63
CA SER B 101 -43.53 38.43 12.40
C SER B 101 -44.73 37.72 11.80
N GLU B 102 -45.92 38.28 11.95
CA GLU B 102 -47.11 37.66 11.39
C GLU B 102 -47.12 37.73 9.85
N GLU B 103 -46.23 38.54 9.30
CA GLU B 103 -46.13 38.72 7.86
C GLU B 103 -45.16 37.72 7.24
N GLU B 104 -44.25 37.20 8.06
CA GLU B 104 -43.22 36.25 7.63
C GLU B 104 -43.66 34.81 7.86
N LEU B 105 -44.64 34.66 8.76
CA LEU B 105 -45.24 33.37 9.09
C LEU B 105 -46.37 33.11 8.11
N GLU B 106 -47.32 34.04 8.10
CA GLU B 106 -48.43 34.02 7.16
C GLU B 106 -48.01 33.60 5.74
N ARG B 107 -46.79 33.92 5.35
CA ARG B 107 -46.35 33.60 3.99
C ARG B 107 -45.65 32.26 3.97
N LEU B 108 -45.33 31.76 5.16
CA LEU B 108 -44.73 30.44 5.30
C LEU B 108 -45.83 29.37 5.38
N GLU B 109 -46.78 29.56 6.28
CA GLU B 109 -47.95 28.70 6.34
C GLU B 109 -48.59 28.64 4.94
N GLU B 110 -48.87 29.80 4.34
CA GLU B 110 -49.48 29.89 3.01
C GLU B 110 -48.72 29.14 1.91
N ALA B 111 -47.41 29.03 2.07
CA ALA B 111 -46.55 28.39 1.07
C ALA B 111 -46.32 26.94 1.41
N CYS B 112 -46.87 26.50 2.54
CA CYS B 112 -46.89 25.08 2.87
C CYS B 112 -48.15 24.47 2.29
N ASP B 113 -49.31 25.03 2.67
CA ASP B 113 -50.57 24.64 2.05
C ASP B 113 -50.37 24.53 0.55
N MET B 114 -49.64 25.48 -0.02
CA MET B 114 -49.31 25.38 -1.43
C MET B 114 -48.55 24.07 -1.68
N ALA B 115 -47.46 23.86 -0.95
CA ALA B 115 -46.63 22.69 -1.18
C ALA B 115 -47.45 21.41 -1.21
N LEU B 116 -48.28 21.21 -0.18
CA LEU B 116 -49.07 19.98 -0.04
C LEU B 116 -50.11 19.87 -1.14
N GLU B 117 -50.85 20.95 -1.36
CA GLU B 117 -51.87 20.96 -2.38
C GLU B 117 -51.28 20.68 -3.77
N LEU B 118 -50.05 21.12 -4.00
CA LEU B 118 -49.37 20.74 -5.24
C LEU B 118 -49.11 19.26 -5.20
N ASN B 119 -48.59 18.79 -4.06
CA ASN B 119 -48.26 17.38 -3.92
C ASN B 119 -49.43 16.46 -4.17
N ALA B 120 -50.57 16.75 -3.55
CA ALA B 120 -51.81 16.03 -3.87
C ALA B 120 -51.93 15.96 -5.38
N SER B 121 -52.22 17.11 -5.98
CA SER B 121 -52.41 17.19 -7.41
C SER B 121 -51.38 16.40 -8.18
N LYS B 122 -50.13 16.43 -7.72
CA LYS B 122 -49.09 15.63 -8.35
C LYS B 122 -49.46 14.13 -8.39
N HIS B 123 -49.60 13.50 -7.23
CA HIS B 123 -49.92 12.07 -7.15
C HIS B 123 -51.12 11.75 -8.04
N ARG B 124 -52.24 12.43 -7.79
CA ARG B 124 -53.46 12.16 -8.53
C ARG B 124 -53.33 12.40 -10.05
N ILE B 125 -52.21 12.94 -10.49
CA ILE B 125 -51.91 12.97 -11.93
C ILE B 125 -51.12 11.72 -12.29
N TYR B 126 -50.25 11.31 -11.39
CA TYR B 126 -49.46 10.11 -11.63
C TYR B 126 -50.40 8.92 -11.69
N GLU B 127 -51.41 8.93 -10.83
CA GLU B 127 -52.39 7.86 -10.81
C GLU B 127 -53.06 7.74 -12.18
N TYR B 128 -53.48 8.88 -12.73
CA TYR B 128 -54.06 8.91 -14.05
C TYR B 128 -53.13 8.33 -15.10
N VAL B 129 -51.86 8.77 -15.11
CA VAL B 129 -50.94 8.41 -16.19
C VAL B 129 -50.59 6.95 -16.13
N GLU B 130 -50.30 6.45 -14.93
CA GLU B 130 -49.93 5.05 -14.77
C GLU B 130 -51.05 4.16 -15.24
N SER B 131 -52.27 4.49 -14.86
CA SER B 131 -53.43 3.80 -15.36
C SER B 131 -53.48 3.75 -16.90
N ARG B 132 -53.88 4.87 -17.50
CA ARG B 132 -54.10 4.94 -18.95
C ARG B 132 -52.89 4.49 -19.75
N MET B 133 -51.72 4.68 -19.17
CA MET B 133 -50.50 4.18 -19.80
C MET B 133 -50.51 2.65 -19.95
N SER B 134 -51.02 1.95 -18.93
CA SER B 134 -51.04 0.51 -18.95
C SER B 134 -52.11 -0.03 -19.87
N PHE B 135 -52.99 0.82 -20.33
CA PHE B 135 -53.89 0.39 -21.36
C PHE B 135 -53.29 0.74 -22.73
N ILE B 136 -52.58 1.88 -22.81
CA ILE B 136 -52.03 2.37 -24.10
C ILE B 136 -50.90 1.53 -24.63
N ALA B 137 -49.92 1.34 -23.74
CA ALA B 137 -48.76 0.51 -23.99
C ALA B 137 -48.37 -0.15 -22.67
N PRO B 138 -48.97 -1.33 -22.39
CA PRO B 138 -48.90 -2.09 -21.13
C PRO B 138 -47.55 -2.71 -20.81
N ASN B 139 -46.90 -3.30 -21.82
CA ASN B 139 -45.59 -3.91 -21.67
C ASN B 139 -44.43 -2.93 -21.48
N LEU B 140 -44.36 -1.91 -22.33
CA LEU B 140 -43.41 -0.82 -22.15
C LEU B 140 -43.44 -0.33 -20.72
N SER B 141 -44.61 0.12 -20.29
CA SER B 141 -44.84 0.44 -18.89
C SER B 141 -44.26 -0.53 -17.84
N ILE B 142 -44.53 -1.82 -17.98
CA ILE B 142 -44.13 -2.76 -16.95
C ILE B 142 -42.66 -2.62 -16.61
N ILE B 143 -41.83 -2.45 -17.64
CA ILE B 143 -40.38 -2.36 -17.48
C ILE B 143 -39.89 -1.05 -16.84
N ILE B 144 -39.98 0.05 -17.60
CA ILE B 144 -39.41 1.33 -17.17
C ILE B 144 -40.31 2.15 -16.26
N GLY B 145 -41.60 2.16 -16.55
CA GLY B 145 -42.56 2.79 -15.67
C GLY B 145 -43.55 3.66 -16.41
N ALA B 146 -44.69 3.91 -15.78
CA ALA B 146 -45.71 4.79 -16.34
C ALA B 146 -45.12 6.01 -17.01
N SER B 147 -44.58 6.93 -16.20
CA SER B 147 -44.10 8.21 -16.69
C SER B 147 -43.00 8.07 -17.73
N THR B 148 -41.87 7.51 -17.33
CA THR B 148 -40.75 7.40 -18.25
C THR B 148 -41.21 6.88 -19.61
N ALA B 149 -42.19 5.99 -19.60
CA ALA B 149 -42.72 5.39 -20.81
C ALA B 149 -43.53 6.42 -21.59
N ALA B 150 -44.19 7.31 -20.86
CA ALA B 150 -44.98 8.35 -21.49
C ALA B 150 -44.05 9.40 -22.05
N LYS B 151 -42.89 9.56 -21.43
CA LYS B 151 -41.90 10.49 -21.96
C LYS B 151 -41.34 9.96 -23.29
N ILE B 152 -40.77 8.76 -23.31
CA ILE B 152 -40.17 8.27 -24.56
C ILE B 152 -41.17 8.36 -25.68
N MET B 153 -42.44 8.32 -25.31
CA MET B 153 -43.53 8.31 -26.27
C MET B 153 -43.87 9.72 -26.69
N GLY B 154 -43.79 10.62 -25.74
CA GLY B 154 -44.03 12.03 -26.03
C GLY B 154 -43.19 12.39 -27.21
N VAL B 155 -41.88 12.17 -27.09
CA VAL B 155 -40.96 12.64 -28.09
C VAL B 155 -40.90 11.74 -29.32
N ALA B 156 -41.00 10.44 -29.13
CA ALA B 156 -41.00 9.55 -30.28
C ALA B 156 -42.15 9.98 -31.21
N GLY B 157 -43.18 10.59 -30.58
CA GLY B 157 -44.44 10.91 -31.23
C GLY B 157 -45.45 9.76 -31.33
N GLY B 158 -45.59 8.96 -30.27
CA GLY B 158 -46.52 7.86 -30.28
C GLY B 158 -46.00 6.47 -30.64
N LEU B 159 -46.56 5.47 -29.96
CA LEU B 159 -46.15 4.08 -30.02
C LEU B 159 -45.78 3.52 -31.38
N THR B 160 -46.44 4.04 -32.41
CA THR B 160 -46.16 3.55 -33.75
C THR B 160 -44.70 3.81 -34.10
N ASN B 161 -44.29 5.07 -34.14
CA ASN B 161 -42.90 5.43 -34.49
C ASN B 161 -41.94 4.91 -33.43
N LEU B 162 -42.18 5.28 -32.18
CA LEU B 162 -41.40 4.73 -31.10
C LEU B 162 -40.99 3.31 -31.42
N SER B 163 -41.93 2.53 -31.94
CA SER B 163 -41.69 1.16 -32.37
C SER B 163 -40.63 1.00 -33.49
N LYS B 164 -40.73 1.81 -34.53
CA LYS B 164 -39.84 1.66 -35.69
C LYS B 164 -38.40 2.17 -35.43
N MET B 165 -38.12 2.47 -34.16
CA MET B 165 -36.83 3.03 -33.79
C MET B 165 -35.88 2.01 -33.25
N PRO B 166 -34.64 2.02 -33.73
CA PRO B 166 -33.56 1.18 -33.23
C PRO B 166 -33.32 1.50 -31.77
N ALA B 167 -32.78 0.54 -31.01
CA ALA B 167 -32.72 0.75 -29.60
C ALA B 167 -31.71 1.83 -29.36
N CYS B 168 -30.68 1.90 -30.22
CA CYS B 168 -29.61 2.87 -29.96
C CYS B 168 -30.18 4.27 -29.88
N ASN B 169 -30.99 4.61 -30.87
CA ASN B 169 -31.76 5.85 -30.88
C ASN B 169 -32.73 5.97 -29.72
N ILE B 170 -33.50 4.93 -29.47
CA ILE B 170 -34.48 4.99 -28.38
C ILE B 170 -33.74 5.35 -27.11
N MET B 171 -32.52 4.82 -26.94
CA MET B 171 -31.79 5.03 -25.69
C MET B 171 -31.49 6.49 -25.42
N LEU B 172 -31.20 7.20 -26.51
CA LEU B 172 -30.88 8.62 -26.52
C LEU B 172 -32.09 9.54 -26.60
N LEU B 173 -33.29 9.09 -26.25
CA LEU B 173 -34.44 9.96 -26.46
C LEU B 173 -34.48 11.03 -25.39
N GLY B 174 -34.72 12.26 -25.83
CA GLY B 174 -34.70 13.40 -24.94
C GLY B 174 -33.43 13.53 -24.10
N ALA B 175 -32.28 13.56 -24.78
CA ALA B 175 -31.01 13.83 -24.11
C ALA B 175 -30.44 15.11 -24.69
N GLN B 176 -29.59 15.79 -23.92
CA GLN B 176 -28.90 16.93 -24.49
C GLN B 176 -27.40 16.70 -24.58
N VAL B 188 -25.13 18.28 -18.19
CA VAL B 188 -25.52 17.35 -17.12
C VAL B 188 -24.82 15.98 -17.23
N LEU B 189 -24.89 15.38 -18.43
CA LEU B 189 -24.27 14.07 -18.70
C LEU B 189 -24.52 13.72 -20.19
N PRO B 190 -23.49 13.22 -20.89
CA PRO B 190 -23.54 13.19 -22.36
C PRO B 190 -24.13 11.89 -22.85
N HIS B 191 -25.09 11.95 -23.75
CA HIS B 191 -25.69 10.71 -24.24
C HIS B 191 -26.37 9.98 -23.10
N THR B 192 -27.07 10.71 -22.25
CA THR B 192 -27.96 10.08 -21.29
C THR B 192 -29.31 10.74 -21.43
N GLY B 193 -30.32 9.88 -21.61
CA GLY B 193 -31.65 10.29 -21.98
C GLY B 193 -32.67 9.71 -21.05
N TYR B 194 -33.93 9.76 -21.46
CA TYR B 194 -35.01 9.50 -20.54
C TYR B 194 -34.81 8.20 -19.79
N ILE B 195 -34.30 7.20 -20.50
CA ILE B 195 -34.17 5.88 -19.94
C ILE B 195 -33.02 5.86 -18.96
N TYR B 196 -31.90 6.50 -19.31
CA TYR B 196 -30.80 6.58 -18.36
C TYR B 196 -31.25 7.12 -17.01
N HIS B 197 -31.99 8.23 -16.99
CA HIS B 197 -32.41 8.82 -15.72
C HIS B 197 -33.68 8.18 -15.21
N SER B 198 -34.17 7.16 -15.92
CA SER B 198 -35.37 6.42 -15.49
C SER B 198 -35.25 5.99 -14.04
N ASP B 199 -36.29 5.36 -13.50
CA ASP B 199 -36.14 4.88 -12.14
C ASP B 199 -35.31 3.61 -12.12
N ILE B 200 -35.74 2.63 -12.91
CA ILE B 200 -35.13 1.31 -12.88
C ILE B 200 -33.62 1.28 -13.12
N VAL B 201 -33.06 2.35 -13.70
CA VAL B 201 -31.62 2.41 -13.89
C VAL B 201 -30.93 3.15 -12.74
N GLN B 202 -31.42 4.35 -12.42
CA GLN B 202 -30.80 5.18 -11.38
C GLN B 202 -30.61 4.43 -10.06
N SER B 203 -31.46 3.45 -9.78
CA SER B 203 -31.36 2.69 -8.53
C SER B 203 -30.23 1.66 -8.56
N LEU B 204 -29.10 2.05 -9.14
CA LEU B 204 -27.95 1.16 -9.25
C LEU B 204 -26.63 1.88 -8.98
N PRO B 205 -25.64 1.11 -8.53
CA PRO B 205 -24.23 1.54 -8.48
C PRO B 205 -23.82 2.16 -9.82
N PRO B 206 -23.47 3.45 -9.79
CA PRO B 206 -23.17 4.33 -10.92
C PRO B 206 -22.29 3.74 -12.03
N ASP B 207 -21.47 2.76 -11.69
CA ASP B 207 -20.60 2.09 -12.66
C ASP B 207 -21.43 1.15 -13.54
N LEU B 208 -22.57 0.76 -12.98
CA LEU B 208 -23.51 -0.16 -13.58
C LEU B 208 -24.50 0.55 -14.50
N ARG B 209 -24.49 1.87 -14.51
CA ARG B 209 -25.56 2.56 -15.22
C ARG B 209 -25.33 2.65 -16.71
N ARG B 210 -24.12 2.94 -17.16
CA ARG B 210 -23.95 3.09 -18.59
C ARG B 210 -24.31 1.80 -19.32
N LYS B 211 -24.06 0.66 -18.70
CA LYS B 211 -24.48 -0.60 -19.29
C LYS B 211 -26.00 -0.72 -19.16
N ALA B 212 -26.50 -0.77 -17.92
CA ALA B 212 -27.93 -0.96 -17.64
C ALA B 212 -28.86 -0.21 -18.58
N ALA B 213 -28.47 0.98 -18.97
CA ALA B 213 -29.27 1.81 -19.86
C ALA B 213 -29.49 1.10 -21.17
N ARG B 214 -28.41 0.63 -21.79
CA ARG B 214 -28.54 -0.03 -23.08
C ARG B 214 -29.35 -1.32 -22.98
N LEU B 215 -29.22 -2.01 -21.83
CA LEU B 215 -30.00 -3.24 -21.60
C LEU B 215 -31.47 -2.90 -21.56
N VAL B 216 -31.86 -2.08 -20.59
CA VAL B 216 -33.21 -1.53 -20.57
C VAL B 216 -33.61 -0.90 -21.93
N ALA B 217 -32.82 0.03 -22.43
CA ALA B 217 -33.15 0.60 -23.73
C ALA B 217 -33.63 -0.50 -24.66
N ALA B 218 -32.83 -1.55 -24.83
CA ALA B 218 -33.12 -2.56 -25.85
C ALA B 218 -34.37 -3.39 -25.61
N LYS B 219 -34.56 -3.86 -24.38
CA LYS B 219 -35.80 -4.53 -23.99
C LYS B 219 -37.04 -3.62 -24.21
N CYS B 220 -36.93 -2.35 -23.86
CA CYS B 220 -38.01 -1.41 -24.15
C CYS B 220 -38.32 -1.38 -25.61
N THR B 221 -37.31 -1.49 -26.44
CA THR B 221 -37.59 -1.49 -27.85
C THR B 221 -38.41 -2.72 -28.20
N LEU B 222 -38.22 -3.81 -27.48
CA LEU B 222 -39.01 -5.00 -27.77
C LEU B 222 -40.45 -4.79 -27.31
N ALA B 223 -40.66 -4.50 -26.02
CA ALA B 223 -42.00 -4.17 -25.51
C ALA B 223 -42.69 -3.22 -26.46
N ALA B 224 -42.06 -2.06 -26.65
CA ALA B 224 -42.59 -1.02 -27.50
C ALA B 224 -43.15 -1.61 -28.77
N ARG B 225 -42.41 -2.51 -29.40
CA ARG B 225 -42.85 -3.14 -30.64
C ARG B 225 -44.02 -4.06 -30.40
N VAL B 226 -43.95 -4.85 -29.34
CA VAL B 226 -45.01 -5.78 -28.99
C VAL B 226 -46.29 -5.03 -28.69
N ASP B 227 -46.19 -3.88 -28.04
CA ASP B 227 -47.35 -3.03 -27.75
C ASP B 227 -47.90 -2.36 -29.01
N SER B 228 -47.00 -2.08 -29.93
CA SER B 228 -47.34 -1.49 -31.20
C SER B 228 -48.41 -2.31 -31.89
N PHE B 229 -48.34 -3.63 -31.76
CA PHE B 229 -49.28 -4.52 -32.44
C PHE B 229 -50.36 -5.04 -31.51
N HIS B 230 -50.28 -4.66 -30.25
CA HIS B 230 -51.31 -5.03 -29.29
C HIS B 230 -51.38 -6.53 -29.04
N GLU B 231 -50.24 -7.10 -28.65
CA GLU B 231 -50.20 -8.41 -28.06
C GLU B 231 -49.86 -8.25 -26.59
N SER B 232 -49.60 -9.36 -25.93
CA SER B 232 -49.32 -9.36 -24.50
C SER B 232 -50.06 -8.25 -23.75
N THR B 233 -51.32 -8.05 -24.10
CA THR B 233 -52.15 -7.07 -23.46
C THR B 233 -52.22 -7.23 -21.95
N GLU B 234 -52.32 -8.46 -21.46
CA GLU B 234 -52.35 -8.68 -20.03
C GLU B 234 -51.04 -8.18 -19.41
N GLY B 235 -50.00 -8.13 -20.22
CA GLY B 235 -48.73 -7.59 -19.80
C GLY B 235 -47.60 -8.59 -19.69
N LYS B 236 -47.82 -9.78 -20.26
CA LYS B 236 -46.89 -10.92 -20.13
C LYS B 236 -45.47 -10.56 -20.53
N VAL B 237 -45.25 -10.37 -21.84
CA VAL B 237 -43.94 -9.99 -22.35
C VAL B 237 -43.28 -8.95 -21.44
N GLY B 238 -44.02 -7.89 -21.14
CA GLY B 238 -43.53 -6.90 -20.21
C GLY B 238 -42.95 -7.53 -18.96
N TYR B 239 -43.75 -8.29 -18.24
CA TYR B 239 -43.30 -8.82 -16.97
C TYR B 239 -42.07 -9.68 -17.15
N GLU B 240 -42.04 -10.41 -18.25
CA GLU B 240 -40.93 -11.31 -18.55
C GLU B 240 -39.63 -10.55 -18.73
N LEU B 241 -39.61 -9.66 -19.70
CA LEU B 241 -38.49 -8.77 -19.93
C LEU B 241 -38.06 -8.02 -18.65
N LYS B 242 -39.02 -7.54 -17.86
CA LYS B 242 -38.64 -6.89 -16.62
C LYS B 242 -37.93 -7.87 -15.73
N ASP B 243 -38.31 -9.15 -15.74
CA ASP B 243 -37.58 -10.10 -14.92
C ASP B 243 -36.21 -10.42 -15.50
N GLU B 244 -36.18 -10.81 -16.77
CA GLU B 244 -34.92 -11.09 -17.43
C GLU B 244 -33.93 -9.97 -17.19
N ILE B 245 -34.43 -8.77 -16.93
CA ILE B 245 -33.56 -7.63 -16.69
C ILE B 245 -33.14 -7.54 -15.24
N GLU B 246 -34.10 -7.57 -14.33
CA GLU B 246 -33.77 -7.51 -12.92
C GLU B 246 -32.76 -8.60 -12.62
N ARG B 247 -32.98 -9.80 -13.15
CA ARG B 247 -32.13 -10.94 -12.83
C ARG B 247 -30.70 -10.71 -13.28
N LYS B 248 -30.53 -10.15 -14.47
CA LYS B 248 -29.21 -9.81 -15.00
C LYS B 248 -28.55 -8.74 -14.14
N PHE B 249 -29.37 -8.01 -13.42
CA PHE B 249 -28.87 -6.95 -12.58
C PHE B 249 -28.24 -7.55 -11.33
N ASP B 250 -28.77 -8.68 -10.87
CA ASP B 250 -28.20 -9.36 -9.71
C ASP B 250 -26.88 -10.02 -10.08
N LYS B 251 -26.92 -10.86 -11.10
CA LYS B 251 -25.73 -11.57 -11.61
C LYS B 251 -24.59 -10.56 -11.73
N TRP B 252 -24.98 -9.30 -11.85
CA TRP B 252 -24.09 -8.20 -12.13
C TRP B 252 -23.64 -7.49 -10.87
N GLN B 253 -24.27 -7.83 -9.75
CA GLN B 253 -24.18 -7.05 -8.52
C GLN B 253 -24.51 -5.57 -8.80
N ALA D 6 25.98 20.78 -6.74
CA ALA D 6 26.28 21.84 -7.70
C ALA D 6 25.16 22.87 -7.73
N ASP D 7 25.55 24.14 -7.93
CA ASP D 7 24.58 25.24 -7.96
C ASP D 7 23.69 25.15 -9.20
N VAL D 8 22.46 25.63 -9.07
CA VAL D 8 21.47 25.56 -10.14
C VAL D 8 21.42 26.88 -10.88
N ASN D 9 20.72 26.91 -12.01
CA ASN D 9 20.50 28.17 -12.72
C ASN D 9 19.71 29.14 -11.83
N PRO D 10 20.20 30.39 -11.75
CA PRO D 10 19.69 31.48 -10.91
C PRO D 10 18.18 31.65 -10.97
N LYS D 11 17.60 31.45 -12.15
CA LYS D 11 16.18 31.66 -12.34
C LYS D 11 15.36 30.68 -11.51
N ALA D 12 15.95 29.51 -11.22
CA ALA D 12 15.29 28.51 -10.40
C ALA D 12 15.09 29.08 -9.01
N TYR D 13 13.85 29.44 -8.69
CA TYR D 13 13.55 30.11 -7.43
C TYR D 13 12.04 30.18 -7.23
N PRO D 14 11.58 29.82 -6.04
CA PRO D 14 12.47 29.36 -4.95
C PRO D 14 12.89 27.89 -5.07
N LEU D 15 14.14 27.61 -4.66
CA LEU D 15 14.72 26.25 -4.67
C LEU D 15 14.67 25.59 -3.27
N ALA D 16 14.13 24.37 -3.18
CA ALA D 16 13.87 23.71 -1.88
C ALA D 16 15.06 22.93 -1.28
N ASP D 17 15.22 23.05 0.04
CA ASP D 17 16.29 22.36 0.77
C ASP D 17 16.28 20.91 0.34
N ALA D 18 17.38 20.21 0.54
CA ALA D 18 17.37 18.79 0.24
C ALA D 18 16.26 18.12 1.08
N HIS D 19 15.80 18.85 2.10
CA HIS D 19 14.72 18.41 2.98
C HIS D 19 13.36 18.65 2.34
N LEU D 20 13.11 19.91 2.00
CA LEU D 20 11.85 20.30 1.36
C LEU D 20 11.60 19.44 0.14
N THR D 21 12.65 19.28 -0.68
CA THR D 21 12.69 18.37 -1.82
C THR D 21 11.95 17.07 -1.51
N LYS D 22 12.47 16.32 -0.53
CA LYS D 22 11.86 15.04 -0.19
C LYS D 22 10.41 15.19 0.30
N LYS D 23 10.19 16.04 1.28
CA LYS D 23 8.82 16.30 1.74
C LYS D 23 7.83 16.47 0.57
N LEU D 24 8.27 17.16 -0.47
CA LEU D 24 7.45 17.48 -1.65
C LEU D 24 7.14 16.26 -2.50
N LEU D 25 8.21 15.58 -2.89
CA LEU D 25 8.13 14.36 -3.67
C LEU D 25 7.35 13.19 -3.09
N ASP D 26 7.18 13.07 -1.76
CA ASP D 26 6.27 12.03 -1.25
C ASP D 26 4.89 12.60 -0.95
N LEU D 27 4.78 13.92 -0.99
CA LEU D 27 3.45 14.52 -1.06
C LEU D 27 2.89 14.20 -2.43
N VAL D 28 3.67 14.57 -3.45
CA VAL D 28 3.33 14.32 -4.85
C VAL D 28 3.05 12.84 -5.16
N GLN D 29 3.86 11.95 -4.62
CA GLN D 29 3.58 10.52 -4.76
C GLN D 29 2.24 10.23 -4.12
N GLN D 30 2.04 10.73 -2.91
CA GLN D 30 0.81 10.44 -2.17
C GLN D 30 -0.39 11.00 -2.91
N SER D 31 -0.27 12.23 -3.37
CA SER D 31 -1.36 12.87 -4.11
C SER D 31 -1.55 12.24 -5.48
N CYS D 32 -0.66 11.33 -5.85
CA CYS D 32 -0.75 10.63 -7.12
C CYS D 32 -1.75 9.46 -7.06
N ASN D 33 -1.63 8.61 -6.04
CA ASN D 33 -2.57 7.50 -5.83
C ASN D 33 -3.91 8.02 -5.32
N TYR D 34 -3.86 9.20 -4.70
CA TYR D 34 -5.07 10.01 -4.55
C TYR D 34 -5.22 10.70 -5.88
N LYS D 35 -6.45 10.96 -6.30
CA LYS D 35 -6.66 11.48 -7.65
C LYS D 35 -6.19 12.92 -7.86
N GLN D 36 -5.62 13.53 -6.82
CA GLN D 36 -5.32 14.95 -6.85
C GLN D 36 -3.96 15.35 -7.43
N LEU D 37 -3.56 14.71 -8.53
CA LEU D 37 -2.30 15.10 -9.18
C LEU D 37 -2.39 15.20 -10.70
N ARG D 38 -1.95 16.35 -11.23
CA ARG D 38 -1.84 16.57 -12.67
C ARG D 38 -0.36 16.66 -13.03
N LYS D 39 0.06 15.79 -13.95
CA LYS D 39 1.49 15.68 -14.25
C LYS D 39 1.84 15.97 -15.69
N GLY D 40 2.78 16.91 -15.84
CA GLY D 40 3.21 17.41 -17.13
C GLY D 40 3.09 18.93 -17.18
N ALA D 41 4.05 19.58 -17.82
CA ALA D 41 4.04 21.03 -17.91
C ALA D 41 2.79 21.55 -18.62
N ASN D 42 2.29 20.81 -19.60
CA ASN D 42 1.06 21.24 -20.28
C ASN D 42 -0.15 21.22 -19.36
N GLU D 43 -0.45 20.03 -18.82
CA GLU D 43 -1.56 19.82 -17.91
C GLU D 43 -1.46 20.70 -16.68
N ALA D 44 -0.21 20.94 -16.29
CA ALA D 44 0.13 21.88 -15.23
C ALA D 44 -0.47 23.25 -15.49
N THR D 45 -0.23 23.75 -16.70
CA THR D 45 -0.72 25.06 -17.09
C THR D 45 -2.24 25.10 -17.12
N LYS D 46 -2.84 24.08 -17.73
CA LYS D 46 -4.29 23.96 -17.79
C LYS D 46 -4.97 24.28 -16.45
N THR D 47 -4.46 23.65 -15.40
CA THR D 47 -5.04 23.76 -14.09
C THR D 47 -4.77 25.11 -13.45
N LEU D 48 -3.55 25.63 -13.62
CA LEU D 48 -3.30 27.02 -13.23
C LEU D 48 -4.36 27.92 -13.85
N ASN D 49 -4.53 27.84 -15.17
CA ASN D 49 -5.51 28.65 -15.89
C ASN D 49 -6.88 28.55 -15.22
N ARG D 50 -7.27 27.31 -14.92
CA ARG D 50 -8.60 27.06 -14.39
C ARG D 50 -8.78 27.40 -12.89
N GLY D 51 -7.72 27.92 -12.25
CA GLY D 51 -7.76 28.36 -10.86
C GLY D 51 -7.81 27.26 -9.80
N ILE D 52 -7.62 26.03 -10.24
CA ILE D 52 -7.78 24.86 -9.39
C ILE D 52 -6.43 24.19 -9.07
N SER D 53 -5.39 24.98 -8.91
CA SER D 53 -4.11 24.41 -8.54
C SER D 53 -3.82 24.73 -7.09
N GLU D 54 -3.17 23.80 -6.38
CA GLU D 54 -2.79 24.00 -4.97
C GLU D 54 -1.38 24.54 -4.85
N PHE D 55 -0.46 23.84 -5.49
CA PHE D 55 0.87 24.36 -5.71
C PHE D 55 1.49 23.74 -6.97
N ILE D 56 2.64 24.30 -7.37
CA ILE D 56 3.33 23.85 -8.56
C ILE D 56 4.70 23.40 -8.13
N VAL D 57 5.15 22.31 -8.72
CA VAL D 57 6.53 21.89 -8.52
C VAL D 57 7.19 21.77 -9.89
N MET D 58 8.39 22.32 -9.99
CA MET D 58 9.08 22.34 -11.25
C MET D 58 10.44 21.72 -11.06
N ALA D 59 11.23 21.67 -12.14
CA ALA D 59 12.43 20.87 -12.12
C ALA D 59 13.65 21.61 -12.64
N ALA D 60 14.23 22.46 -11.81
CA ALA D 60 15.28 23.35 -12.25
C ALA D 60 16.38 22.77 -13.15
N ASP D 61 16.36 21.47 -13.47
CA ASP D 61 17.35 20.96 -14.41
C ASP D 61 16.80 20.82 -15.83
N ALA D 62 15.58 21.30 -16.04
CA ALA D 62 14.90 21.18 -17.33
C ALA D 62 15.42 22.19 -18.35
N GLU D 63 16.10 21.74 -19.40
CA GLU D 63 16.58 22.69 -20.42
C GLU D 63 15.85 22.60 -21.75
N PRO D 64 15.62 23.77 -22.37
CA PRO D 64 15.90 25.10 -21.81
C PRO D 64 14.94 25.47 -20.70
N LEU D 65 15.46 26.09 -19.66
CA LEU D 65 14.67 26.35 -18.45
C LEU D 65 13.36 27.01 -18.78
N GLU D 66 13.42 27.95 -19.71
CA GLU D 66 12.27 28.77 -20.05
C GLU D 66 11.04 27.94 -20.37
N ILE D 67 11.25 26.68 -20.73
CA ILE D 67 10.14 25.83 -21.17
C ILE D 67 9.10 25.58 -20.08
N ILE D 68 9.32 26.13 -18.89
CA ILE D 68 8.35 26.02 -17.79
C ILE D 68 8.18 27.34 -17.06
N LEU D 69 9.01 28.32 -17.39
CA LEU D 69 9.10 29.55 -16.62
C LEU D 69 7.86 30.41 -16.71
N HIS D 70 6.92 30.02 -17.55
CA HIS D 70 5.66 30.74 -17.62
C HIS D 70 4.78 30.45 -16.40
N LEU D 71 4.79 29.19 -15.96
CA LEU D 71 4.00 28.72 -14.80
C LEU D 71 4.07 29.67 -13.59
N PRO D 72 5.29 30.11 -13.23
CA PRO D 72 5.51 31.17 -12.24
C PRO D 72 4.63 32.42 -12.44
N LEU D 73 4.32 32.76 -13.69
CA LEU D 73 3.61 34.00 -13.98
C LEU D 73 2.11 33.80 -13.92
N LEU D 74 1.70 32.55 -13.94
CA LEU D 74 0.29 32.24 -13.76
C LEU D 74 -0.01 32.06 -12.26
N CYS D 75 1.04 31.86 -11.48
CA CYS D 75 0.90 31.78 -10.03
C CYS D 75 0.69 33.16 -9.45
N GLU D 76 0.84 34.18 -10.27
CA GLU D 76 0.67 35.53 -9.80
C GLU D 76 -0.77 35.99 -10.01
N ASP D 77 -1.39 35.53 -11.10
CA ASP D 77 -2.79 35.84 -11.39
C ASP D 77 -3.71 35.39 -10.24
N LYS D 78 -3.78 34.08 -10.01
CA LYS D 78 -4.34 33.55 -8.76
C LYS D 78 -3.13 33.28 -7.90
N ASN D 79 -3.03 33.86 -6.70
CA ASN D 79 -1.82 33.60 -5.92
C ASN D 79 -1.73 32.14 -5.50
N VAL D 80 -0.65 31.52 -5.97
CA VAL D 80 -0.43 30.10 -5.86
C VAL D 80 1.07 29.93 -5.69
N PRO D 81 1.47 28.96 -4.87
CA PRO D 81 2.87 28.73 -4.53
C PRO D 81 3.57 27.86 -5.56
N TYR D 82 4.89 27.81 -5.51
CA TYR D 82 5.59 26.95 -6.45
C TYR D 82 7.05 26.77 -6.07
N VAL D 83 7.60 25.59 -6.34
CA VAL D 83 8.99 25.34 -5.99
C VAL D 83 9.74 24.53 -7.02
N PHE D 84 11.06 24.61 -6.94
CA PHE D 84 11.93 23.92 -7.87
C PHE D 84 12.75 22.87 -7.15
N VAL D 85 12.55 21.60 -7.50
CA VAL D 85 13.42 20.54 -6.97
C VAL D 85 14.59 20.32 -7.92
N ARG D 86 15.73 19.94 -7.37
CA ARG D 86 16.96 19.94 -8.13
C ARG D 86 16.90 19.06 -9.38
N SER D 87 16.05 18.03 -9.38
CA SER D 87 16.04 17.09 -10.52
C SER D 87 14.72 16.44 -10.89
N LYS D 88 14.51 16.38 -12.20
CA LYS D 88 13.25 15.97 -12.80
C LYS D 88 13.19 14.47 -12.88
N GLN D 89 14.34 13.83 -13.06
CA GLN D 89 14.34 12.39 -13.11
C GLN D 89 13.67 11.93 -11.83
N ALA D 90 14.06 12.56 -10.73
CA ALA D 90 13.54 12.22 -9.43
C ALA D 90 12.05 12.50 -9.37
N LEU D 91 11.67 13.70 -9.83
CA LEU D 91 10.27 14.11 -9.81
C LEU D 91 9.37 13.24 -10.70
N GLY D 92 9.99 12.49 -11.60
CA GLY D 92 9.25 11.55 -12.42
C GLY D 92 8.96 10.25 -11.69
N ARG D 93 9.97 9.71 -11.02
CA ARG D 93 9.77 8.54 -10.19
C ARG D 93 8.65 8.89 -9.24
N ALA D 94 8.68 10.12 -8.74
CA ALA D 94 7.76 10.58 -7.72
C ALA D 94 6.30 10.67 -8.18
N CYS D 95 6.11 10.94 -9.47
CA CYS D 95 4.76 11.11 -10.01
C CYS D 95 4.21 9.80 -10.50
N GLY D 96 5.08 8.80 -10.60
CA GLY D 96 4.62 7.45 -10.89
C GLY D 96 4.77 7.13 -12.37
N VAL D 97 5.90 7.56 -12.90
CA VAL D 97 6.13 7.55 -14.33
C VAL D 97 7.51 7.04 -14.65
N SER D 98 7.64 6.38 -15.80
CA SER D 98 8.90 5.85 -16.28
C SER D 98 9.85 6.94 -16.83
N ARG D 99 9.31 8.12 -17.10
CA ARG D 99 10.05 9.20 -17.74
C ARG D 99 10.14 10.45 -16.86
N PRO D 100 11.08 11.37 -17.17
CA PRO D 100 11.24 12.61 -16.39
C PRO D 100 9.96 13.44 -16.38
N VAL D 101 9.69 14.17 -15.31
CA VAL D 101 8.56 15.10 -15.34
C VAL D 101 8.98 16.51 -14.92
N ILE D 102 8.78 17.52 -15.77
CA ILE D 102 9.31 18.85 -15.46
C ILE D 102 8.35 19.77 -14.71
N ALA D 103 7.10 19.35 -14.56
CA ALA D 103 6.27 20.05 -13.62
C ALA D 103 5.03 19.27 -13.29
N CYS D 104 4.36 19.69 -12.23
CA CYS D 104 3.17 19.01 -11.77
C CYS D 104 2.40 19.93 -10.88
N SER D 105 1.14 19.57 -10.71
CA SER D 105 0.21 20.47 -10.08
C SER D 105 -0.74 19.64 -9.26
N VAL D 106 -0.96 20.06 -8.02
CA VAL D 106 -1.88 19.32 -7.16
C VAL D 106 -3.27 19.95 -7.16
N THR D 107 -4.18 19.29 -7.86
CA THR D 107 -5.60 19.63 -7.93
C THR D 107 -6.18 20.16 -6.61
N ILE D 108 -7.31 20.87 -6.70
CA ILE D 108 -8.12 21.17 -5.52
C ILE D 108 -9.31 20.23 -5.52
N LYS D 109 -9.49 19.53 -4.39
CA LYS D 109 -10.64 18.65 -4.20
C LYS D 109 -11.19 18.80 -2.78
N GLU D 110 -12.46 19.19 -2.68
CA GLU D 110 -13.09 19.38 -1.38
C GLU D 110 -13.05 18.11 -0.52
N GLY D 111 -12.71 18.26 0.76
CA GLY D 111 -12.68 17.15 1.68
C GLY D 111 -11.71 16.06 1.26
N SER D 112 -10.45 16.44 1.08
CA SER D 112 -9.42 15.46 0.81
C SER D 112 -8.62 15.27 2.07
N GLN D 113 -8.38 14.02 2.43
CA GLN D 113 -7.60 13.73 3.63
C GLN D 113 -6.19 14.30 3.50
N LEU D 114 -5.79 14.65 2.28
CA LEU D 114 -4.51 15.32 2.08
C LEU D 114 -4.59 16.79 2.49
N LYS D 115 -5.81 17.26 2.72
CA LYS D 115 -6.08 18.67 2.95
C LYS D 115 -5.08 19.32 3.90
N GLN D 116 -4.73 18.61 4.97
CA GLN D 116 -3.81 19.15 5.97
C GLN D 116 -2.36 19.06 5.50
N GLN D 117 -1.99 17.90 4.97
CA GLN D 117 -0.62 17.67 4.55
C GLN D 117 -0.21 18.58 3.37
N ILE D 118 -1.21 19.19 2.73
CA ILE D 118 -0.98 20.11 1.61
C ILE D 118 -0.70 21.52 2.10
N GLN D 119 -1.64 22.07 2.85
CA GLN D 119 -1.49 23.40 3.43
C GLN D 119 -0.19 23.45 4.20
N SER D 120 0.23 22.29 4.68
CA SER D 120 1.50 22.16 5.36
C SER D 120 2.61 22.56 4.42
N ILE D 121 2.48 22.17 3.16
CA ILE D 121 3.47 22.51 2.15
C ILE D 121 3.28 23.96 1.70
N GLN D 122 2.04 24.34 1.42
CA GLN D 122 1.76 25.69 0.98
C GLN D 122 2.52 26.66 1.87
N GLN D 123 2.25 26.56 3.17
CA GLN D 123 2.81 27.50 4.14
C GLN D 123 4.32 27.37 4.24
N SER D 124 4.85 26.22 3.83
CA SER D 124 6.29 25.97 3.91
C SER D 124 7.06 26.74 2.83
N ILE D 125 6.41 26.96 1.70
CA ILE D 125 7.06 27.62 0.58
C ILE D 125 7.07 29.11 0.80
N GLU D 126 5.95 29.64 1.30
CA GLU D 126 5.83 31.05 1.66
C GLU D 126 7.06 31.55 2.41
N ARG D 127 7.54 30.72 3.35
CA ARG D 127 8.66 31.08 4.23
C ARG D 127 9.96 31.17 3.45
N LEU D 128 9.92 30.69 2.21
CA LEU D 128 11.08 30.67 1.33
C LEU D 128 11.14 31.99 0.53
N LEU D 129 9.96 32.49 0.21
CA LEU D 129 9.78 33.71 -0.58
C LEU D 129 9.89 34.96 0.30
N VAL D 130 10.03 36.12 -0.34
CA VAL D 130 10.18 37.41 0.34
C VAL D 130 9.16 37.63 1.47
N ALA E 7 -2.29 50.94 -27.23
CA ALA E 7 -1.98 49.95 -28.26
C ALA E 7 -0.56 50.12 -28.82
N ALA E 8 -0.48 50.13 -30.15
CA ALA E 8 0.78 49.99 -30.87
C ALA E 8 1.29 48.56 -30.70
N PRO E 9 0.46 47.59 -31.03
CA PRO E 9 0.93 46.21 -30.89
C PRO E 9 1.69 45.79 -32.15
N GLU E 10 3.02 45.76 -32.11
CA GLU E 10 3.79 45.37 -33.29
C GLU E 10 3.22 44.11 -33.97
N TYR E 11 3.10 43.01 -33.23
CA TYR E 11 2.56 41.77 -33.82
C TYR E 11 1.31 42.03 -34.68
N ARG E 12 0.30 42.73 -34.17
CA ARG E 12 -0.97 42.85 -34.88
C ARG E 12 -0.79 43.32 -36.32
N VAL E 13 0.24 44.12 -36.55
CA VAL E 13 0.52 44.58 -37.88
C VAL E 13 1.04 43.44 -38.70
N ILE E 14 2.07 42.77 -38.20
CA ILE E 14 2.60 41.60 -38.87
C ILE E 14 1.51 40.61 -39.21
N VAL E 15 0.71 40.22 -38.23
CA VAL E 15 -0.39 39.31 -38.51
C VAL E 15 -1.26 39.88 -39.64
N ASP E 16 -1.52 41.18 -39.57
CA ASP E 16 -2.39 41.83 -40.53
C ASP E 16 -1.83 41.83 -41.94
N ALA E 17 -0.53 42.12 -42.04
CA ALA E 17 0.17 42.15 -43.32
C ALA E 17 0.18 40.76 -43.93
N ASN E 18 0.70 39.78 -43.19
CA ASN E 18 0.69 38.40 -43.63
C ASN E 18 -0.64 38.04 -44.27
N ASN E 19 -1.73 38.68 -43.85
CA ASN E 19 -3.01 38.35 -44.46
C ASN E 19 -3.12 38.76 -45.92
N LEU E 20 -2.64 39.96 -46.27
CA LEU E 20 -2.66 40.40 -47.66
C LEU E 20 -2.12 39.24 -48.44
N THR E 21 -0.88 38.89 -48.13
CA THR E 21 -0.19 37.87 -48.90
C THR E 21 -1.08 36.68 -49.26
N VAL E 22 -2.01 36.26 -48.39
CA VAL E 22 -2.91 35.18 -48.79
C VAL E 22 -4.04 35.68 -49.68
N GLU E 23 -4.41 36.96 -49.52
CA GLU E 23 -5.43 37.60 -50.35
C GLU E 23 -4.91 37.85 -51.75
N ILE E 24 -3.63 38.20 -51.80
CA ILE E 24 -2.90 38.46 -53.02
C ILE E 24 -2.65 37.12 -53.65
N GLU E 25 -2.44 36.14 -52.79
CA GLU E 25 -2.23 34.80 -53.24
C GLU E 25 -3.52 34.37 -53.88
N ASN E 26 -4.64 34.76 -53.29
CA ASN E 26 -5.93 34.37 -53.83
C ASN E 26 -6.21 35.08 -55.13
N GLU E 27 -5.92 36.37 -55.17
CA GLU E 27 -6.09 37.13 -56.39
C GLU E 27 -5.27 36.53 -57.53
N LEU E 28 -3.95 36.49 -57.36
CA LEU E 28 -3.07 35.88 -58.34
C LEU E 28 -3.70 34.63 -58.94
N ASN E 29 -4.27 33.80 -58.08
CA ASN E 29 -4.93 32.60 -58.53
C ASN E 29 -6.05 32.87 -59.52
N ILE E 30 -6.92 33.79 -59.14
CA ILE E 30 -8.03 34.21 -60.00
C ILE E 30 -7.54 34.76 -61.35
N ILE E 31 -6.57 35.68 -61.30
CA ILE E 31 -6.01 36.25 -62.51
C ILE E 31 -5.51 35.15 -63.41
N HIS E 32 -4.64 34.31 -62.87
CA HIS E 32 -4.11 33.15 -63.60
C HIS E 32 -5.26 32.45 -64.31
N LYS E 33 -6.20 31.94 -63.53
CA LYS E 33 -7.33 31.21 -64.09
C LYS E 33 -8.03 32.02 -65.19
N PHE E 34 -8.03 33.33 -65.03
CA PHE E 34 -8.59 34.25 -66.02
C PHE E 34 -7.74 34.31 -67.28
N ILE E 35 -6.46 34.61 -67.13
CA ILE E 35 -5.55 34.76 -68.26
C ILE E 35 -5.40 33.45 -68.98
N ARG E 36 -5.36 32.35 -68.23
CA ARG E 36 -5.33 31.05 -68.88
C ARG E 36 -6.60 30.91 -69.70
N ASP E 37 -7.71 31.39 -69.16
CA ASP E 37 -9.01 31.26 -69.83
C ASP E 37 -9.07 32.08 -71.11
N LYS E 38 -8.71 33.35 -71.04
CA LYS E 38 -8.82 34.16 -72.24
C LYS E 38 -7.75 33.77 -73.23
N TYR E 39 -6.50 33.62 -72.79
CA TYR E 39 -5.41 33.38 -73.73
C TYR E 39 -5.55 32.13 -74.57
N SER E 40 -6.32 31.16 -74.08
CA SER E 40 -6.48 29.89 -74.77
C SER E 40 -7.19 30.01 -76.13
N LYS E 41 -7.52 31.25 -76.49
CA LYS E 41 -8.10 31.52 -77.79
C LYS E 41 -6.98 31.73 -78.80
N ARG E 42 -5.81 32.10 -78.30
CA ARG E 42 -4.68 32.37 -79.16
C ARG E 42 -3.66 31.25 -79.17
N PHE E 43 -3.60 30.47 -78.10
CA PHE E 43 -2.52 29.49 -77.99
C PHE E 43 -2.86 28.43 -76.95
N PRO E 44 -3.99 27.75 -77.15
CA PRO E 44 -4.58 26.78 -76.22
C PRO E 44 -3.57 25.89 -75.51
N GLU E 45 -2.79 25.13 -76.27
CA GLU E 45 -1.86 24.11 -75.75
C GLU E 45 -0.85 24.58 -74.68
N LEU E 46 -0.63 25.90 -74.60
CA LEU E 46 0.35 26.49 -73.68
C LEU E 46 0.03 26.19 -72.22
N GLU E 47 -1.24 26.30 -71.89
CA GLU E 47 -1.73 26.02 -70.57
C GLU E 47 -0.92 24.89 -69.93
N SER E 48 -0.67 23.84 -70.70
CA SER E 48 -0.16 22.57 -70.18
C SER E 48 1.32 22.31 -70.44
N LEU E 49 1.96 23.19 -71.18
CA LEU E 49 3.41 23.11 -71.37
C LEU E 49 4.08 23.84 -70.21
N VAL E 50 3.48 24.97 -69.86
CA VAL E 50 3.87 25.72 -68.69
C VAL E 50 2.72 25.57 -67.69
N PRO E 51 2.95 24.79 -66.62
CA PRO E 51 1.89 24.49 -65.67
C PRO E 51 1.91 25.53 -64.57
N ASN E 52 3.06 26.17 -64.40
CA ASN E 52 3.31 27.08 -63.28
C ASN E 52 2.64 28.45 -63.47
N ALA E 53 1.74 28.79 -62.54
CA ALA E 53 0.98 30.03 -62.59
C ALA E 53 1.81 31.24 -63.00
N LEU E 54 2.88 31.50 -62.26
CA LEU E 54 3.66 32.69 -62.55
C LEU E 54 4.35 32.56 -63.90
N ASP E 55 4.97 31.41 -64.19
CA ASP E 55 5.75 31.27 -65.40
C ASP E 55 4.86 31.35 -66.61
N TYR E 56 3.62 30.93 -66.42
CA TYR E 56 2.65 30.99 -67.49
C TYR E 56 2.27 32.44 -67.83
N ILE E 57 2.06 33.26 -66.81
CA ILE E 57 1.81 34.67 -67.06
C ILE E 57 3.01 35.31 -67.71
N ARG E 58 4.16 35.34 -67.03
CA ARG E 58 5.35 35.93 -67.61
C ARG E 58 5.50 35.64 -69.11
N THR E 59 5.05 34.45 -69.54
CA THR E 59 5.13 34.06 -70.94
C THR E 59 4.08 34.79 -71.78
N VAL E 60 2.80 34.66 -71.43
CA VAL E 60 1.75 35.34 -72.21
C VAL E 60 2.00 36.83 -72.29
N LYS E 61 2.73 37.36 -71.31
CA LYS E 61 3.14 38.75 -71.35
C LYS E 61 4.23 38.91 -72.39
N GLU E 62 5.06 37.88 -72.52
CA GLU E 62 6.20 37.98 -73.42
C GLU E 62 5.81 37.74 -74.86
N LEU E 63 5.25 36.59 -75.16
CA LEU E 63 5.05 36.28 -76.56
C LEU E 63 3.84 37.05 -77.10
N GLY E 64 2.76 37.07 -76.33
CA GLY E 64 1.63 37.92 -76.66
C GLY E 64 0.96 37.46 -77.92
N ASN E 65 0.73 38.37 -78.88
CA ASN E 65 0.02 38.00 -80.11
C ASN E 65 0.91 37.38 -81.17
N SER E 66 2.16 37.82 -81.21
CA SER E 66 3.15 37.22 -82.08
C SER E 66 3.77 35.99 -81.42
N LEU E 67 3.31 34.80 -81.82
CA LEU E 67 3.87 33.56 -81.23
C LEU E 67 5.34 33.29 -81.60
N ASP E 68 5.77 33.83 -82.75
CA ASP E 68 7.12 33.58 -83.28
C ASP E 68 8.25 34.19 -82.43
N LYS E 69 7.92 35.20 -81.63
CA LYS E 69 8.96 35.93 -80.93
C LYS E 69 9.44 35.16 -79.69
N CYS E 70 9.09 33.87 -79.63
CA CYS E 70 9.35 33.07 -78.43
C CYS E 70 10.57 32.15 -78.56
N LYS E 71 11.04 31.96 -79.79
CA LYS E 71 12.34 31.32 -80.02
C LYS E 71 13.41 32.42 -80.06
N ASN E 72 14.59 32.13 -79.52
CA ASN E 72 15.68 33.10 -79.55
C ASN E 72 15.48 34.13 -78.45
N ASN E 73 14.39 34.00 -77.72
CA ASN E 73 14.00 35.07 -76.82
C ASN E 73 14.84 35.12 -75.57
N GLU E 74 15.55 36.23 -75.41
CA GLU E 74 16.44 36.38 -74.26
C GLU E 74 15.68 36.30 -72.95
N ASN E 75 14.64 37.12 -72.82
CA ASN E 75 13.87 37.13 -71.59
C ASN E 75 13.29 35.76 -71.27
N LEU E 76 12.68 35.11 -72.28
CA LEU E 76 12.08 33.79 -72.08
C LEU E 76 13.10 32.79 -71.56
N GLN E 77 14.28 32.77 -72.17
CA GLN E 77 15.33 31.81 -71.82
C GLN E 77 15.74 31.90 -70.35
N GLN E 78 15.45 33.02 -69.70
CA GLN E 78 15.78 33.21 -68.29
C GLN E 78 14.65 32.74 -67.38
N ILE E 79 13.59 32.25 -68.00
CA ILE E 79 12.40 31.79 -67.26
C ILE E 79 12.09 30.32 -67.47
N LEU E 80 12.32 29.84 -68.70
CA LEU E 80 12.01 28.46 -69.09
C LEU E 80 13.23 27.65 -69.58
N THR E 81 13.40 26.45 -69.02
CA THR E 81 14.33 25.44 -69.56
C THR E 81 14.36 25.41 -71.11
N ASN E 82 15.49 24.99 -71.69
CA ASN E 82 15.57 24.87 -73.15
C ASN E 82 14.51 23.92 -73.64
N ALA E 83 14.39 22.82 -72.94
CA ALA E 83 13.37 21.84 -73.21
C ALA E 83 12.02 22.52 -73.48
N THR E 84 11.49 23.17 -72.44
CA THR E 84 10.14 23.69 -72.50
C THR E 84 10.03 24.76 -73.56
N ILE E 85 11.02 25.65 -73.60
CA ILE E 85 11.09 26.64 -74.67
C ILE E 85 11.05 26.02 -76.07
N MET E 86 11.91 25.04 -76.34
CA MET E 86 11.95 24.47 -77.68
C MET E 86 10.63 23.78 -77.97
N VAL E 87 9.94 23.36 -76.91
CA VAL E 87 8.63 22.72 -77.05
C VAL E 87 7.54 23.70 -77.39
N VAL E 88 7.38 24.73 -76.56
CA VAL E 88 6.43 25.78 -76.88
C VAL E 88 6.72 26.36 -78.29
N SER E 89 8.00 26.41 -78.67
CA SER E 89 8.32 26.96 -79.97
C SER E 89 7.82 26.10 -81.12
N VAL E 90 8.05 24.80 -81.06
CA VAL E 90 7.54 23.94 -82.11
C VAL E 90 6.01 23.89 -82.06
N THR E 91 5.44 23.63 -80.88
CA THR E 91 3.98 23.46 -80.78
C THR E 91 3.26 24.75 -81.17
N ALA E 92 4.01 25.84 -81.25
CA ALA E 92 3.42 27.15 -81.59
C ALA E 92 3.58 27.55 -83.07
N SER E 93 4.10 26.62 -83.89
CA SER E 93 3.96 26.75 -85.34
C SER E 93 2.76 25.91 -85.75
N THR E 94 2.26 25.13 -84.80
CA THR E 94 1.03 24.37 -84.98
C THR E 94 0.02 24.89 -83.96
N THR E 95 -0.14 26.21 -83.93
CA THR E 95 -0.83 26.86 -82.82
C THR E 95 -2.24 26.35 -82.55
N GLN E 96 -3.10 26.39 -83.57
CA GLN E 96 -4.48 25.89 -83.48
C GLN E 96 -5.46 26.89 -82.85
N GLY E 97 -5.22 28.19 -83.07
CA GLY E 97 -6.06 29.22 -82.48
C GLY E 97 -5.72 30.57 -83.12
N GLN E 98 -6.71 31.44 -83.31
CA GLN E 98 -6.47 32.67 -84.08
C GLN E 98 -5.84 33.76 -83.24
N GLN E 99 -5.65 34.92 -83.85
CA GLN E 99 -5.04 36.04 -83.16
C GLN E 99 -6.06 36.72 -82.24
N LEU E 100 -5.64 37.81 -81.59
CA LEU E 100 -6.52 38.54 -80.67
C LEU E 100 -6.78 40.01 -81.07
N SER E 101 -8.03 40.45 -80.94
CA SER E 101 -8.37 41.84 -81.22
C SER E 101 -7.78 42.73 -80.13
N GLU E 102 -7.40 43.95 -80.49
CA GLU E 102 -6.80 44.89 -79.54
C GLU E 102 -7.49 44.91 -78.19
N GLU E 103 -8.82 44.95 -78.17
CA GLU E 103 -9.56 44.96 -76.91
C GLU E 103 -9.26 43.71 -76.10
N GLU E 104 -9.16 42.57 -76.78
CA GLU E 104 -8.92 41.28 -76.14
C GLU E 104 -7.48 41.13 -75.66
N LEU E 105 -6.57 41.78 -76.37
CA LEU E 105 -5.15 41.70 -76.07
C LEU E 105 -4.76 42.73 -75.03
N GLU E 106 -5.20 43.96 -75.20
CA GLU E 106 -4.81 44.97 -74.26
C GLU E 106 -5.28 44.58 -72.85
N ARG E 107 -6.40 43.87 -72.79
CA ARG E 107 -7.03 43.53 -71.52
C ARG E 107 -6.22 42.48 -70.80
N LEU E 108 -5.83 41.49 -71.59
CA LEU E 108 -5.09 40.34 -71.15
C LEU E 108 -3.66 40.77 -70.82
N GLU E 109 -3.02 41.52 -71.69
CA GLU E 109 -1.72 42.08 -71.34
C GLU E 109 -1.80 42.91 -70.06
N GLU E 110 -2.91 43.63 -69.87
CA GLU E 110 -3.07 44.53 -68.73
C GLU E 110 -3.23 43.72 -67.45
N ALA E 111 -3.95 42.61 -67.58
CA ALA E 111 -4.12 41.64 -66.51
C ALA E 111 -2.78 41.00 -66.12
N CYS E 112 -1.94 40.68 -67.11
CA CYS E 112 -0.62 40.15 -66.79
C CYS E 112 0.16 41.11 -65.92
N ASP E 113 0.36 42.30 -66.43
CA ASP E 113 1.06 43.32 -65.69
C ASP E 113 0.57 43.34 -64.24
N MET E 114 -0.73 43.20 -64.06
CA MET E 114 -1.27 43.18 -62.70
C MET E 114 -0.69 42.03 -61.87
N ALA E 115 -0.91 40.79 -62.33
CA ALA E 115 -0.37 39.61 -61.66
C ALA E 115 1.01 39.90 -61.09
N LEU E 116 1.90 40.41 -61.95
CA LEU E 116 3.30 40.52 -61.61
C LEU E 116 3.58 41.58 -60.56
N GLU E 117 2.85 42.68 -60.66
CA GLU E 117 2.92 43.78 -59.71
C GLU E 117 2.42 43.31 -58.36
N LEU E 118 1.35 42.51 -58.39
CA LEU E 118 0.81 41.92 -57.17
C LEU E 118 1.89 41.02 -56.67
N ASN E 119 2.19 39.99 -57.47
CA ASN E 119 3.20 39.01 -57.10
C ASN E 119 4.42 39.63 -56.43
N ALA E 120 5.19 40.40 -57.18
CA ALA E 120 6.38 41.00 -56.62
C ALA E 120 6.13 41.89 -55.39
N SER E 121 4.93 42.47 -55.26
CA SER E 121 4.60 43.19 -54.04
C SER E 121 4.27 42.23 -52.89
N LYS E 122 3.63 41.11 -53.22
CA LYS E 122 3.44 40.08 -52.22
C LYS E 122 4.79 39.68 -51.63
N HIS E 123 5.84 39.60 -52.44
CA HIS E 123 7.13 39.21 -51.90
C HIS E 123 7.70 40.25 -50.97
N ARG E 124 7.61 41.52 -51.35
CA ARG E 124 8.12 42.57 -50.47
C ARG E 124 7.37 42.52 -49.15
N ILE E 125 6.14 42.03 -49.18
CA ILE E 125 5.38 41.84 -47.95
C ILE E 125 5.91 40.66 -47.14
N TYR E 126 6.17 39.53 -47.80
CA TYR E 126 6.74 38.39 -47.10
C TYR E 126 8.08 38.73 -46.46
N GLU E 127 8.95 39.35 -47.23
CA GLU E 127 10.26 39.74 -46.70
C GLU E 127 10.12 40.51 -45.39
N TYR E 128 9.08 41.32 -45.26
CA TYR E 128 8.80 42.07 -44.03
C TYR E 128 8.41 41.12 -42.91
N VAL E 129 7.34 40.35 -43.16
CA VAL E 129 6.80 39.39 -42.20
C VAL E 129 7.86 38.45 -41.61
N GLU E 130 8.79 37.95 -42.44
CA GLU E 130 9.91 37.16 -41.91
C GLU E 130 10.89 38.04 -41.16
N SER E 131 11.29 39.15 -41.78
CA SER E 131 12.28 40.00 -41.15
C SER E 131 11.80 40.49 -39.78
N ARG E 132 10.49 40.50 -39.55
CA ARG E 132 9.97 40.86 -38.24
C ARG E 132 9.67 39.62 -37.39
N MET E 133 9.03 38.63 -37.99
CA MET E 133 8.59 37.48 -37.23
C MET E 133 9.75 36.85 -36.48
N SER E 134 10.97 36.97 -37.02
CA SER E 134 12.14 36.39 -36.37
C SER E 134 12.73 37.26 -35.25
N PHE E 135 12.16 38.43 -35.05
CA PHE E 135 12.60 39.32 -33.97
C PHE E 135 11.58 39.21 -32.84
N ILE E 136 10.31 39.07 -33.18
CA ILE E 136 9.30 38.93 -32.14
C ILE E 136 9.25 37.51 -31.60
N ALA E 137 9.60 36.54 -32.45
CA ALA E 137 9.46 35.12 -32.13
C ALA E 137 10.27 34.23 -33.06
N PRO E 138 11.59 34.42 -33.04
CA PRO E 138 12.62 33.76 -33.87
C PRO E 138 12.52 32.24 -33.81
N ASN E 139 12.62 31.68 -32.60
CA ASN E 139 12.60 30.23 -32.42
C ASN E 139 11.32 29.59 -32.89
N LEU E 140 10.21 30.30 -32.75
CA LEU E 140 8.94 29.81 -33.27
C LEU E 140 9.04 29.67 -34.78
N SER E 141 9.25 30.81 -35.44
CA SER E 141 9.37 30.88 -36.90
C SER E 141 10.21 29.78 -37.54
N ILE E 142 11.33 29.44 -36.93
CA ILE E 142 12.20 28.43 -37.52
C ILE E 142 11.53 27.07 -37.64
N ILE E 143 10.60 26.77 -36.74
CA ILE E 143 9.97 25.47 -36.78
C ILE E 143 8.85 25.42 -37.79
N ILE E 144 7.78 26.21 -37.58
CA ILE E 144 6.58 26.14 -38.43
C ILE E 144 6.74 26.86 -39.75
N GLY E 145 7.15 28.12 -39.68
CA GLY E 145 7.25 29.00 -40.83
C GLY E 145 6.99 30.40 -40.33
N ALA E 146 7.72 31.38 -40.85
CA ALA E 146 7.50 32.75 -40.38
C ALA E 146 6.03 33.07 -40.58
N SER E 147 5.45 32.56 -41.66
CA SER E 147 4.05 32.81 -41.99
C SER E 147 3.10 32.25 -40.93
N THR E 148 2.99 30.92 -40.94
CA THR E 148 2.17 30.16 -40.01
C THR E 148 2.33 30.59 -38.55
N ALA E 149 3.57 30.89 -38.17
CA ALA E 149 3.88 31.45 -36.86
C ALA E 149 3.01 32.67 -36.64
N ALA E 150 3.19 33.65 -37.49
CA ALA E 150 2.48 34.90 -37.35
C ALA E 150 0.98 34.69 -37.39
N LYS E 151 0.53 33.58 -38.00
CA LYS E 151 -0.91 33.29 -38.03
C LYS E 151 -1.44 32.96 -36.64
N ILE E 152 -0.87 31.92 -36.03
CA ILE E 152 -1.35 31.46 -34.74
C ILE E 152 -1.12 32.54 -33.69
N MET E 153 0.04 33.15 -33.73
CA MET E 153 0.29 34.28 -32.88
C MET E 153 -0.77 35.36 -33.03
N GLY E 154 -1.36 35.42 -34.22
CA GLY E 154 -2.33 36.45 -34.51
C GLY E 154 -3.60 36.16 -33.75
N VAL E 155 -4.05 34.92 -33.87
CA VAL E 155 -5.27 34.48 -33.20
C VAL E 155 -5.10 34.25 -31.70
N ALA E 156 -3.88 33.93 -31.26
CA ALA E 156 -3.58 33.87 -29.82
C ALA E 156 -3.58 35.27 -29.21
N GLY E 157 -3.39 36.28 -30.04
CA GLY E 157 -3.34 37.63 -29.54
C GLY E 157 -2.10 37.93 -28.70
N GLY E 158 -0.92 37.63 -29.25
CA GLY E 158 0.30 38.06 -28.61
C GLY E 158 1.18 36.89 -28.35
N LEU E 159 2.49 37.11 -28.34
CA LEU E 159 3.40 36.04 -28.03
C LEU E 159 3.29 35.64 -26.56
N THR E 160 2.80 36.53 -25.72
CA THR E 160 2.74 36.20 -24.30
C THR E 160 1.58 35.24 -24.02
N ASN E 161 0.39 35.63 -24.43
CA ASN E 161 -0.75 34.75 -24.30
C ASN E 161 -0.53 33.45 -25.02
N LEU E 162 0.34 33.46 -26.01
CA LEU E 162 0.62 32.21 -26.69
C LEU E 162 1.37 31.31 -25.73
N SER E 163 2.33 31.88 -25.00
CA SER E 163 3.20 31.07 -24.16
C SER E 163 2.44 30.51 -22.95
N LYS E 164 1.27 31.07 -22.67
CA LYS E 164 0.48 30.59 -21.56
C LYS E 164 -0.57 29.55 -21.98
N MET E 165 -0.28 28.80 -23.04
CA MET E 165 -1.23 27.82 -23.56
C MET E 165 -0.68 26.40 -23.57
N PRO E 166 -1.56 25.43 -23.36
CA PRO E 166 -1.24 24.01 -23.51
C PRO E 166 -1.02 23.67 -24.97
N ALA E 167 -0.07 22.80 -25.27
CA ALA E 167 0.14 22.43 -26.66
C ALA E 167 -1.20 22.00 -27.25
N CYS E 168 -1.92 21.17 -26.52
CA CYS E 168 -3.18 20.64 -27.04
C CYS E 168 -4.04 21.73 -27.71
N ASN E 169 -4.04 22.92 -27.11
CA ASN E 169 -4.85 24.04 -27.57
C ASN E 169 -4.25 24.68 -28.78
N ILE E 170 -2.99 25.09 -28.64
CA ILE E 170 -2.22 25.62 -29.75
C ILE E 170 -2.49 24.79 -31.01
N MET E 171 -2.32 23.47 -30.94
CA MET E 171 -2.59 22.65 -32.10
C MET E 171 -3.91 23.08 -32.78
N LEU E 172 -4.94 23.31 -31.96
CA LEU E 172 -6.27 23.73 -32.42
C LEU E 172 -6.44 25.17 -32.89
N LEU E 173 -5.49 26.06 -32.56
CA LEU E 173 -5.61 27.44 -33.01
C LEU E 173 -5.91 27.46 -34.49
N GLY E 174 -7.01 28.14 -34.84
CA GLY E 174 -7.46 28.27 -36.21
C GLY E 174 -8.07 27.03 -36.84
N ALA E 175 -9.08 26.44 -36.21
CA ALA E 175 -9.89 25.40 -36.84
C ALA E 175 -11.35 25.76 -36.56
N GLN E 176 -12.28 25.31 -37.39
CA GLN E 176 -13.61 25.94 -37.39
C GLN E 176 -14.63 25.39 -36.39
N VAL E 188 -13.98 20.45 -43.86
CA VAL E 188 -12.68 19.83 -44.11
C VAL E 188 -12.43 18.64 -43.16
N LEU E 189 -11.42 18.79 -42.31
CA LEU E 189 -11.05 17.79 -41.31
C LEU E 189 -11.29 18.31 -39.90
N PRO E 190 -11.54 17.39 -38.98
CA PRO E 190 -11.96 17.82 -37.64
C PRO E 190 -10.75 18.17 -36.80
N HIS E 191 -10.76 19.36 -36.20
CA HIS E 191 -9.63 19.78 -35.38
C HIS E 191 -8.32 19.77 -36.16
N THR E 192 -8.37 20.30 -37.38
CA THR E 192 -7.15 20.68 -38.04
C THR E 192 -7.13 22.19 -37.95
N GLY E 193 -5.99 22.72 -37.52
CA GLY E 193 -5.81 24.14 -37.30
C GLY E 193 -4.67 24.66 -38.14
N TYR E 194 -4.10 25.79 -37.74
CA TYR E 194 -3.04 26.38 -38.54
C TYR E 194 -1.84 25.46 -38.60
N ILE E 195 -1.55 24.77 -37.51
CA ILE E 195 -0.40 23.86 -37.51
C ILE E 195 -0.65 22.72 -38.47
N TYR E 196 -1.78 22.02 -38.34
CA TYR E 196 -2.05 20.93 -39.28
C TYR E 196 -1.81 21.36 -40.74
N HIS E 197 -2.17 22.60 -41.09
CA HIS E 197 -2.08 23.05 -42.49
C HIS E 197 -0.75 23.71 -42.82
N SER E 198 0.09 23.88 -41.82
CA SER E 198 1.41 24.42 -42.08
C SER E 198 2.07 23.60 -43.17
N ASP E 199 3.23 24.09 -43.57
CA ASP E 199 4.02 23.48 -44.63
C ASP E 199 4.66 22.22 -44.12
N ILE E 200 5.24 22.29 -42.92
CA ILE E 200 5.93 21.14 -42.34
C ILE E 200 5.02 19.96 -42.18
N VAL E 201 3.87 20.21 -41.54
CA VAL E 201 2.88 19.16 -41.35
C VAL E 201 2.35 18.67 -42.68
N GLN E 202 2.38 19.54 -43.70
CA GLN E 202 1.73 19.19 -44.96
C GLN E 202 2.61 18.33 -45.87
N SER E 203 3.91 18.54 -45.81
CA SER E 203 4.83 17.88 -46.72
C SER E 203 5.12 16.42 -46.35
N LEU E 204 4.09 15.65 -46.04
CA LEU E 204 4.26 14.20 -45.86
C LEU E 204 2.97 13.44 -46.16
N PRO E 205 3.09 12.13 -46.41
CA PRO E 205 1.97 11.19 -46.53
C PRO E 205 0.86 11.52 -45.53
N PRO E 206 -0.38 11.57 -46.00
CA PRO E 206 -1.51 12.03 -45.19
C PRO E 206 -1.81 11.27 -43.90
N ASP E 207 -1.47 10.00 -43.77
CA ASP E 207 -1.71 9.31 -42.50
C ASP E 207 -0.76 9.82 -41.39
N LEU E 208 0.51 10.01 -41.76
CA LEU E 208 1.51 10.56 -40.86
C LEU E 208 1.32 12.03 -40.51
N ARG E 209 0.22 12.64 -40.92
CA ARG E 209 0.06 14.08 -40.69
C ARG E 209 -0.59 14.40 -39.37
N ARG E 210 -1.37 13.48 -38.81
CA ARG E 210 -1.93 13.77 -37.51
C ARG E 210 -0.88 13.61 -36.42
N LYS E 211 -0.17 12.49 -36.43
CA LYS E 211 0.90 12.31 -35.45
C LYS E 211 1.84 13.50 -35.56
N ALA E 212 2.01 13.95 -36.80
CA ALA E 212 2.91 15.06 -37.11
C ALA E 212 2.42 16.43 -36.61
N ALA E 213 1.12 16.67 -36.63
CA ALA E 213 0.58 17.94 -36.16
C ALA E 213 0.80 18.06 -34.67
N ARG E 214 0.49 16.96 -33.97
CA ARG E 214 0.61 16.90 -32.53
C ARG E 214 2.02 17.23 -32.12
N LEU E 215 2.96 16.61 -32.83
CA LEU E 215 4.36 16.77 -32.52
C LEU E 215 4.76 18.23 -32.64
N VAL E 216 4.46 18.79 -33.80
CA VAL E 216 4.86 20.15 -34.13
C VAL E 216 4.17 21.16 -33.22
N ALA E 217 2.88 20.96 -32.97
CA ALA E 217 2.18 21.82 -32.03
C ALA E 217 2.99 21.77 -30.75
N ALA E 218 3.18 20.56 -30.23
CA ALA E 218 3.96 20.32 -29.01
C ALA E 218 5.28 21.10 -28.95
N LYS E 219 6.15 20.88 -29.94
CA LYS E 219 7.43 21.55 -29.98
C LYS E 219 7.34 23.08 -30.18
N CYS E 220 6.25 23.56 -30.74
CA CYS E 220 6.11 25.00 -30.87
C CYS E 220 5.71 25.62 -29.54
N THR E 221 4.89 24.91 -28.78
CA THR E 221 4.52 25.39 -27.47
C THR E 221 5.80 25.58 -26.68
N LEU E 222 6.85 24.87 -27.05
CA LEU E 222 8.12 25.04 -26.37
C LEU E 222 8.84 26.29 -26.82
N ALA E 223 9.10 26.37 -28.13
CA ALA E 223 9.69 27.56 -28.73
C ALA E 223 8.93 28.84 -28.38
N ALA E 224 7.59 28.76 -28.38
CA ALA E 224 6.78 29.90 -28.00
C ALA E 224 7.16 30.41 -26.63
N ARG E 225 7.25 29.47 -25.69
CA ARG E 225 7.63 29.79 -24.32
C ARG E 225 9.06 30.33 -24.27
N VAL E 226 9.99 29.69 -24.98
CA VAL E 226 11.37 30.16 -25.03
C VAL E 226 11.41 31.63 -25.46
N ASP E 227 10.54 31.98 -26.41
CA ASP E 227 10.63 33.29 -27.00
C ASP E 227 9.83 34.32 -26.27
N SER E 228 8.97 33.91 -25.34
CA SER E 228 8.23 34.87 -24.54
C SER E 228 9.17 35.49 -23.53
N PHE E 229 10.39 34.95 -23.50
CA PHE E 229 11.46 35.45 -22.63
C PHE E 229 12.67 35.88 -23.47
N HIS E 230 12.44 36.10 -24.76
CA HIS E 230 13.48 36.59 -25.66
C HIS E 230 14.84 35.97 -25.36
N GLU E 231 14.84 34.68 -25.13
CA GLU E 231 16.09 33.94 -24.97
C GLU E 231 16.39 33.24 -26.27
N SER E 232 17.62 32.73 -26.38
CA SER E 232 18.04 32.05 -27.61
C SER E 232 17.67 32.87 -28.86
N THR E 233 17.81 34.18 -28.75
CA THR E 233 17.37 35.08 -29.81
C THR E 233 18.10 34.86 -31.11
N GLU E 234 19.38 34.54 -31.09
CA GLU E 234 20.04 34.24 -32.35
C GLU E 234 19.49 32.94 -32.95
N GLY E 235 18.64 32.24 -32.20
CA GLY E 235 17.79 31.20 -32.77
C GLY E 235 18.06 29.75 -32.39
N LYS E 236 18.91 29.54 -31.40
CA LYS E 236 19.41 28.21 -31.04
C LYS E 236 18.33 27.16 -30.87
N VAL E 237 17.63 27.22 -29.74
CA VAL E 237 16.56 26.30 -29.40
C VAL E 237 15.81 25.82 -30.65
N GLY E 238 15.34 26.81 -31.42
CA GLY E 238 14.48 26.59 -32.56
C GLY E 238 15.02 25.60 -33.55
N TYR E 239 16.29 25.74 -33.90
CA TYR E 239 16.91 24.82 -34.84
C TYR E 239 17.00 23.40 -34.29
N GLU E 240 17.48 23.28 -33.06
CA GLU E 240 17.62 21.97 -32.41
C GLU E 240 16.27 21.26 -32.41
N LEU E 241 15.23 22.06 -32.12
CA LEU E 241 13.88 21.56 -31.96
C LEU E 241 13.39 21.01 -33.28
N LYS E 242 13.56 21.80 -34.33
CA LYS E 242 13.20 21.40 -35.68
C LYS E 242 13.97 20.17 -36.09
N ASP E 243 15.22 20.08 -35.66
CA ASP E 243 16.01 18.90 -35.97
C ASP E 243 15.39 17.68 -35.35
N GLU E 244 15.19 17.73 -34.04
CA GLU E 244 14.58 16.60 -33.35
C GLU E 244 13.34 16.18 -34.12
N ILE E 245 12.57 17.18 -34.58
CA ILE E 245 11.33 16.92 -35.29
C ILE E 245 11.59 16.30 -36.65
N GLU E 246 12.61 16.79 -37.34
CA GLU E 246 12.89 16.30 -38.69
C GLU E 246 13.32 14.85 -38.64
N ARG E 247 14.12 14.49 -37.66
CA ARG E 247 14.55 13.10 -37.54
C ARG E 247 13.42 12.17 -37.15
N LYS E 248 12.59 12.59 -36.20
CA LYS E 248 11.39 11.83 -35.84
C LYS E 248 10.55 11.55 -37.08
N PHE E 249 10.66 12.41 -38.08
CA PHE E 249 9.94 12.22 -39.33
C PHE E 249 10.69 11.21 -40.17
N ASP E 250 11.95 11.51 -40.47
CA ASP E 250 12.77 10.61 -41.29
C ASP E 250 12.73 9.19 -40.75
N LYS E 251 12.51 9.05 -39.44
CA LYS E 251 12.31 7.75 -38.81
C LYS E 251 11.01 7.09 -39.27
N TRP E 252 9.92 7.83 -39.21
CA TRP E 252 8.60 7.31 -39.57
C TRP E 252 8.46 6.79 -40.99
N GLN E 253 9.37 7.23 -41.88
CA GLN E 253 9.30 7.01 -43.33
C GLN E 253 8.29 7.96 -44.00
N MET G 3 8.98 29.85 63.05
CA MET G 3 9.91 29.45 61.98
C MET G 3 9.21 29.29 60.63
N THR G 4 9.39 30.28 59.75
CA THR G 4 8.70 30.33 58.44
C THR G 4 9.36 29.55 57.26
N GLU G 5 10.67 29.33 57.27
CA GLU G 5 11.32 28.73 56.09
C GLU G 5 11.53 27.22 56.05
N ALA G 6 11.66 26.57 57.21
CA ALA G 6 12.01 25.15 57.17
C ALA G 6 11.78 24.35 58.45
N ASP G 7 11.13 23.20 58.29
CA ASP G 7 11.02 22.15 59.31
C ASP G 7 10.74 20.83 58.59
N VAL G 8 11.09 19.70 59.20
CA VAL G 8 11.02 18.40 58.53
C VAL G 8 10.48 17.32 59.46
N ASN G 9 10.15 16.15 58.88
CA ASN G 9 9.75 15.01 59.70
C ASN G 9 10.93 14.51 60.51
N PRO G 10 10.78 14.45 61.84
CA PRO G 10 11.87 13.96 62.70
C PRO G 10 12.35 12.58 62.28
N LYS G 11 11.46 11.75 61.75
CA LYS G 11 11.87 10.44 61.26
C LYS G 11 12.96 10.52 60.17
N ALA G 12 13.19 11.71 59.60
CA ALA G 12 14.24 11.94 58.62
C ALA G 12 15.55 12.31 59.28
N TYR G 13 16.17 11.35 59.95
CA TYR G 13 17.38 11.57 60.71
C TYR G 13 18.46 10.68 60.17
N PRO G 14 19.69 11.18 60.11
CA PRO G 14 20.06 12.53 60.49
C PRO G 14 19.86 13.45 59.29
N LEU G 15 19.54 14.73 59.54
CA LEU G 15 19.35 15.69 58.46
C LEU G 15 20.53 16.64 58.33
N ALA G 16 21.16 16.63 57.16
CA ALA G 16 22.40 17.37 56.92
C ALA G 16 22.18 18.88 57.01
N ASP G 17 23.06 19.58 57.73
CA ASP G 17 22.94 21.04 57.77
C ASP G 17 23.29 21.62 56.40
N ALA G 18 23.16 22.94 56.29
CA ALA G 18 23.30 23.61 55.00
C ALA G 18 24.61 23.30 54.29
N HIS G 19 25.73 23.56 54.96
CA HIS G 19 27.03 23.40 54.31
C HIS G 19 27.29 21.97 53.86
N LEU G 20 27.10 21.04 54.80
CA LEU G 20 27.23 19.64 54.50
C LEU G 20 26.31 19.20 53.35
N THR G 21 25.09 19.74 53.31
CA THR G 21 24.17 19.40 52.23
C THR G 21 24.85 19.75 50.92
N LYS G 22 25.59 20.86 50.91
CA LYS G 22 26.33 21.22 49.70
C LYS G 22 27.35 20.16 49.33
N LYS G 23 28.31 19.92 50.22
CA LYS G 23 29.32 18.88 50.02
C LYS G 23 28.69 17.66 49.39
N LEU G 24 27.61 17.20 50.02
CA LEU G 24 26.84 16.05 49.56
C LEU G 24 26.37 16.14 48.10
N LEU G 25 25.61 17.18 47.77
CA LEU G 25 25.08 17.31 46.42
C LEU G 25 26.24 17.49 45.47
N ASP G 26 27.21 18.31 45.87
CA ASP G 26 28.33 18.61 45.02
C ASP G 26 29.04 17.33 44.69
N LEU G 27 29.30 16.53 45.71
CA LEU G 27 29.84 15.18 45.53
C LEU G 27 28.88 14.29 44.74
N VAL G 28 27.62 14.23 45.15
CA VAL G 28 26.63 13.43 44.42
C VAL G 28 26.62 13.78 42.95
N GLN G 29 26.94 15.03 42.63
CA GLN G 29 27.00 15.47 41.24
C GLN G 29 28.19 14.84 40.52
N GLN G 30 29.37 14.91 41.14
CA GLN G 30 30.57 14.33 40.54
C GLN G 30 30.48 12.83 40.40
N SER G 31 29.86 12.16 41.35
CA SER G 31 29.65 10.73 41.25
C SER G 31 28.92 10.39 39.98
N CYS G 32 28.01 11.26 39.58
CA CYS G 32 27.25 11.05 38.37
C CYS G 32 28.15 10.99 37.14
N ASN G 33 29.29 11.67 37.21
CA ASN G 33 30.23 11.73 36.09
C ASN G 33 31.14 10.52 36.03
N TYR G 34 31.54 10.03 37.20
CA TYR G 34 32.47 8.91 37.31
C TYR G 34 31.71 7.60 37.42
N LYS G 35 30.46 7.63 37.00
CA LYS G 35 29.54 6.50 37.03
C LYS G 35 29.58 5.73 38.32
N GLN G 36 29.75 6.42 39.43
CA GLN G 36 29.68 5.77 40.73
C GLN G 36 28.39 6.11 41.46
N LEU G 37 27.34 6.43 40.70
CA LEU G 37 26.09 6.81 41.33
C LEU G 37 24.93 6.04 40.76
N ARG G 38 24.12 5.48 41.65
CA ARG G 38 22.83 4.93 41.23
C ARG G 38 21.72 5.77 41.84
N LYS G 39 20.69 6.01 41.04
CA LYS G 39 19.64 6.95 41.42
C LYS G 39 18.33 6.20 41.61
N GLY G 40 17.76 6.26 42.81
CA GLY G 40 16.42 5.74 43.01
C GLY G 40 16.19 4.87 44.24
N ALA G 41 14.95 4.88 44.72
CA ALA G 41 14.60 4.10 45.89
C ALA G 41 15.13 2.70 45.70
N ASN G 42 14.58 2.02 44.69
CA ASN G 42 14.88 0.63 44.39
C ASN G 42 16.36 0.42 44.18
N GLU G 43 16.91 1.10 43.19
CA GLU G 43 18.31 0.95 42.87
C GLU G 43 19.20 1.11 44.09
N ALA G 44 18.77 1.94 45.03
CA ALA G 44 19.56 2.15 46.24
C ALA G 44 19.51 0.90 47.11
N THR G 45 18.30 0.41 47.30
CA THR G 45 18.07 -0.84 47.98
C THR G 45 19.03 -1.92 47.51
N LYS G 46 19.03 -2.23 46.22
CA LYS G 46 19.96 -3.22 45.68
C LYS G 46 21.43 -2.92 45.96
N THR G 47 21.88 -1.70 45.72
CA THR G 47 23.30 -1.41 45.99
C THR G 47 23.69 -1.80 47.41
N LEU G 48 22.70 -1.86 48.29
CA LEU G 48 22.96 -2.14 49.71
C LEU G 48 23.02 -3.64 50.00
N ASN G 49 22.17 -4.38 49.31
CA ASN G 49 22.13 -5.82 49.46
C ASN G 49 23.42 -6.44 48.99
N ARG G 50 24.03 -5.83 47.98
CA ARG G 50 25.31 -6.27 47.46
C ARG G 50 26.51 -5.42 47.94
N GLY G 51 26.39 -4.82 49.13
CA GLY G 51 27.44 -4.03 49.74
C GLY G 51 28.35 -3.28 48.79
N ILE G 52 27.76 -2.68 47.77
CA ILE G 52 28.49 -1.90 46.78
C ILE G 52 28.17 -0.43 46.94
N SER G 53 27.67 -0.04 48.10
CA SER G 53 27.26 1.34 48.31
C SER G 53 28.16 2.03 49.31
N GLU G 54 28.78 3.13 48.91
CA GLU G 54 29.61 3.88 49.85
C GLU G 54 28.72 4.62 50.89
N PHE G 55 27.72 5.37 50.42
CA PHE G 55 26.72 5.94 51.33
C PHE G 55 25.33 6.21 50.71
N ILE G 56 24.36 6.48 51.56
CA ILE G 56 23.03 6.76 51.08
C ILE G 56 22.67 8.23 51.23
N VAL G 57 21.93 8.74 50.25
CA VAL G 57 21.34 10.08 50.38
C VAL G 57 19.83 10.01 50.13
N MET G 58 19.08 10.64 51.03
CA MET G 58 17.63 10.61 50.91
C MET G 58 17.07 12.01 51.08
N ALA G 59 15.89 12.22 50.52
CA ALA G 59 15.24 13.53 50.58
C ALA G 59 14.17 13.50 51.65
N ALA G 60 14.28 14.42 52.61
CA ALA G 60 13.34 14.46 53.71
C ALA G 60 11.93 14.94 53.32
N ASP G 61 11.78 15.42 52.09
CA ASP G 61 10.46 15.87 51.62
C ASP G 61 9.75 14.81 50.78
N ALA G 62 10.21 13.57 50.89
CA ALA G 62 9.53 12.43 50.28
C ALA G 62 8.19 12.21 51.00
N GLU G 63 7.09 12.15 50.25
CA GLU G 63 5.74 11.97 50.81
C GLU G 63 5.15 10.70 50.24
N PRO G 64 4.79 9.73 51.09
CA PRO G 64 4.95 9.57 52.54
C PRO G 64 6.36 9.17 52.91
N LEU G 65 6.95 9.75 53.96
CA LEU G 65 8.37 9.48 54.19
C LEU G 65 8.67 8.00 54.25
N GLU G 66 7.71 7.20 54.70
CA GLU G 66 7.94 5.78 54.89
C GLU G 66 8.34 5.04 53.60
N ILE G 67 7.99 5.60 52.46
CA ILE G 67 8.39 4.99 51.20
C ILE G 67 9.89 5.03 50.97
N ILE G 68 10.68 5.30 52.00
CA ILE G 68 12.14 5.14 51.89
C ILE G 68 12.82 4.91 53.24
N LEU G 69 12.01 4.77 54.28
CA LEU G 69 12.55 4.65 55.64
C LEU G 69 13.00 3.23 55.85
N HIS G 70 12.70 2.39 54.86
CA HIS G 70 13.19 1.04 54.89
C HIS G 70 14.71 1.04 54.69
N LEU G 71 15.24 2.08 54.07
CA LEU G 71 16.70 2.19 53.84
C LEU G 71 17.57 2.40 55.08
N PRO G 72 17.20 3.36 55.94
CA PRO G 72 18.03 3.60 57.13
C PRO G 72 18.28 2.31 57.93
N LEU G 73 17.27 1.43 58.00
CA LEU G 73 17.35 0.19 58.79
C LEU G 73 18.31 -0.73 58.12
N LEU G 74 18.14 -0.88 56.82
CA LEU G 74 19.02 -1.67 56.00
C LEU G 74 20.47 -1.15 56.03
N CYS G 75 20.65 0.10 56.41
CA CYS G 75 21.98 0.69 56.49
C CYS G 75 22.52 0.45 57.87
N GLU G 76 21.64 0.07 58.77
CA GLU G 76 22.10 -0.29 60.09
C GLU G 76 22.73 -1.66 60.01
N ASP G 77 21.99 -2.66 59.56
CA ASP G 77 22.61 -3.98 59.50
C ASP G 77 23.74 -4.12 58.48
N LYS G 78 23.95 -3.10 57.65
CA LYS G 78 25.04 -3.17 56.69
C LYS G 78 26.20 -2.23 57.05
N ASN G 79 25.97 -1.38 58.05
CA ASN G 79 27.02 -0.47 58.50
C ASN G 79 27.38 0.59 57.48
N VAL G 80 26.45 0.87 56.58
CA VAL G 80 26.61 1.91 55.57
C VAL G 80 26.07 3.22 56.12
N PRO G 81 26.73 4.34 55.77
CA PRO G 81 26.28 5.65 56.27
C PRO G 81 25.12 6.24 55.44
N TYR G 82 24.20 6.89 56.13
CA TYR G 82 23.04 7.47 55.47
C TYR G 82 22.70 8.81 56.10
N VAL G 83 22.48 9.81 55.25
CA VAL G 83 22.04 11.11 55.72
C VAL G 83 20.88 11.61 54.89
N PHE G 84 20.05 12.44 55.49
CA PHE G 84 19.01 13.11 54.73
C PHE G 84 19.42 14.50 54.24
N VAL G 85 19.00 14.84 53.02
CA VAL G 85 18.98 16.24 52.57
C VAL G 85 17.52 16.68 52.45
N ARG G 86 17.29 17.98 52.36
CA ARG G 86 15.92 18.45 52.55
C ARG G 86 15.07 18.45 51.30
N SER G 87 15.67 18.51 50.11
CA SER G 87 14.89 18.61 48.89
C SER G 87 15.02 17.50 47.84
N LYS G 88 13.95 16.77 47.61
CA LYS G 88 13.96 15.71 46.62
C LYS G 88 14.18 16.40 45.31
N GLN G 89 13.68 17.63 45.24
CA GLN G 89 13.73 18.40 44.03
C GLN G 89 15.16 18.77 43.68
N ALA G 90 15.86 19.30 44.67
CA ALA G 90 17.24 19.71 44.51
C ALA G 90 18.10 18.51 44.25
N LEU G 91 17.80 17.41 44.95
CA LEU G 91 18.56 16.17 44.83
C LEU G 91 18.50 15.73 43.40
N GLY G 92 17.28 15.62 42.89
CA GLY G 92 17.04 15.30 41.50
C GLY G 92 18.02 15.98 40.58
N ARG G 93 18.23 17.27 40.79
CA ARG G 93 19.13 18.01 39.93
C ARG G 93 20.56 17.47 40.05
N ALA G 94 21.02 17.28 41.28
CA ALA G 94 22.38 16.83 41.50
C ALA G 94 22.63 15.55 40.74
N CYS G 95 21.57 14.80 40.54
CA CYS G 95 21.66 13.50 39.91
C CYS G 95 21.50 13.63 38.40
N GLY G 96 21.27 14.85 37.93
CA GLY G 96 21.14 15.07 36.50
C GLY G 96 19.71 14.85 36.02
N VAL G 97 18.85 14.42 36.92
CA VAL G 97 17.45 14.25 36.56
C VAL G 97 16.61 15.53 36.72
N SER G 98 15.74 15.80 35.75
CA SER G 98 14.86 16.97 35.83
C SER G 98 13.66 16.71 36.70
N ARG G 99 13.67 15.56 37.37
CA ARG G 99 12.60 15.16 38.28
C ARG G 99 13.11 15.05 39.70
N PRO G 100 12.22 14.82 40.67
CA PRO G 100 12.73 14.65 42.02
C PRO G 100 13.29 13.25 42.22
N VAL G 101 14.22 13.14 43.15
CA VAL G 101 14.83 11.86 43.46
C VAL G 101 14.91 11.75 44.99
N ILE G 102 14.27 10.73 45.55
CA ILE G 102 14.13 10.64 47.00
C ILE G 102 15.19 9.79 47.69
N ALA G 103 16.01 9.09 46.91
CA ALA G 103 17.07 8.26 47.44
C ALA G 103 18.10 7.99 46.38
N CYS G 104 19.36 8.10 46.73
CA CYS G 104 20.39 7.67 45.81
C CYS G 104 21.57 7.12 46.60
N SER G 105 22.35 6.28 45.94
CA SER G 105 23.47 5.64 46.57
C SER G 105 24.70 5.88 45.73
N VAL G 106 25.81 6.17 46.39
CA VAL G 106 27.08 6.29 45.70
C VAL G 106 27.83 4.94 45.77
N THR G 107 27.87 4.23 44.63
CA THR G 107 28.48 2.90 44.55
C THR G 107 30.00 2.90 44.74
N ILE G 108 30.53 1.74 45.17
CA ILE G 108 31.98 1.58 45.43
C ILE G 108 32.76 1.24 44.17
N LYS G 109 33.87 1.93 43.97
CA LYS G 109 34.73 1.64 42.85
C LYS G 109 36.17 1.56 43.34
N GLU G 110 36.84 0.50 42.94
CA GLU G 110 38.26 0.35 43.17
C GLU G 110 38.96 1.28 42.19
N GLY G 111 40.11 1.81 42.58
CA GLY G 111 40.84 2.72 41.71
C GLY G 111 40.01 3.94 41.39
N SER G 112 39.17 4.32 42.34
CA SER G 112 38.38 5.54 42.23
C SER G 112 39.29 6.75 42.17
N GLN G 113 38.74 7.87 41.74
CA GLN G 113 39.45 9.13 41.83
C GLN G 113 38.87 9.92 43.00
N LEU G 114 37.60 9.65 43.27
CA LEU G 114 36.81 10.38 44.27
C LEU G 114 37.09 9.96 45.71
N LYS G 115 37.96 8.97 45.89
CA LYS G 115 38.07 8.23 47.15
C LYS G 115 38.24 9.08 48.41
N GLN G 116 39.08 10.11 48.37
CA GLN G 116 39.26 10.93 49.57
C GLN G 116 37.95 11.61 49.94
N GLN G 117 37.32 12.22 48.94
CA GLN G 117 36.08 12.96 49.12
C GLN G 117 35.00 12.04 49.68
N ILE G 118 34.75 10.95 48.98
CA ILE G 118 33.82 9.93 49.46
C ILE G 118 34.06 9.55 50.92
N GLN G 119 35.32 9.53 51.33
CA GLN G 119 35.65 9.15 52.68
C GLN G 119 35.35 10.30 53.62
N SER G 120 35.75 11.51 53.23
CA SER G 120 35.52 12.66 54.11
C SER G 120 34.03 12.86 54.33
N ILE G 121 33.24 12.72 53.26
CA ILE G 121 31.79 12.73 53.41
C ILE G 121 31.38 11.69 54.43
N GLN G 122 31.74 10.45 54.13
CA GLN G 122 31.43 9.26 54.93
C GLN G 122 31.66 9.52 56.42
N GLN G 123 32.83 10.07 56.73
CA GLN G 123 33.16 10.39 58.11
C GLN G 123 32.15 11.36 58.66
N SER G 124 32.02 12.50 57.98
CA SER G 124 31.17 13.59 58.42
C SER G 124 29.74 13.15 58.67
N ILE G 125 29.30 12.15 57.89
CA ILE G 125 27.97 11.56 58.07
C ILE G 125 27.94 10.71 59.34
N GLU G 126 28.97 9.90 59.52
CA GLU G 126 29.03 9.04 60.67
C GLU G 126 28.96 9.94 61.89
N ARG G 127 29.68 11.05 61.83
CA ARG G 127 29.80 11.93 63.00
C ARG G 127 28.47 12.48 63.48
N LEU G 128 27.39 12.17 62.77
CA LEU G 128 26.07 12.68 63.15
C LEU G 128 25.21 11.58 63.69
N LEU G 129 25.41 10.40 63.14
CA LEU G 129 24.56 9.27 63.46
C LEU G 129 24.62 8.92 64.95
N VAL G 130 25.79 9.13 65.55
CA VAL G 130 25.96 9.00 66.99
C VAL G 130 27.25 9.70 67.41
N ALA H 7 6.79 -18.20 66.50
CA ALA H 7 6.51 -18.19 65.07
C ALA H 7 5.03 -17.97 64.75
N ALA H 8 4.44 -18.94 64.05
CA ALA H 8 3.05 -18.89 63.62
C ALA H 8 2.60 -17.48 63.23
N PRO H 9 3.15 -16.95 62.12
CA PRO H 9 2.78 -15.63 61.62
C PRO H 9 1.40 -15.70 60.98
N GLU H 10 0.59 -14.66 61.18
CA GLU H 10 -0.79 -14.69 60.70
C GLU H 10 -0.89 -14.92 59.19
N TYR H 11 0.02 -14.32 58.43
CA TYR H 11 -0.08 -14.38 56.98
C TYR H 11 -0.10 -15.81 56.41
N ARG H 12 0.87 -16.64 56.80
CA ARG H 12 1.02 -17.97 56.18
C ARG H 12 -0.28 -18.73 56.21
N VAL H 13 -1.14 -18.36 57.15
CA VAL H 13 -2.50 -18.89 57.22
C VAL H 13 -3.38 -18.36 56.09
N ILE H 14 -3.59 -17.04 56.09
CA ILE H 14 -4.42 -16.35 55.09
C ILE H 14 -4.03 -16.77 53.69
N VAL H 15 -2.74 -17.01 53.48
CA VAL H 15 -2.29 -17.31 52.13
C VAL H 15 -2.90 -18.60 51.66
N ASP H 16 -2.81 -19.62 52.50
CA ASP H 16 -3.35 -20.94 52.18
C ASP H 16 -4.86 -20.89 52.12
N ALA H 17 -5.44 -20.18 53.09
CA ALA H 17 -6.88 -19.92 53.12
C ALA H 17 -7.35 -19.31 51.80
N ASN H 18 -6.49 -18.51 51.17
CA ASN H 18 -6.77 -17.97 49.84
C ASN H 18 -6.82 -19.13 48.85
N ASN H 19 -5.72 -19.83 48.74
CA ASN H 19 -5.57 -20.93 47.80
C ASN H 19 -6.81 -21.81 47.76
N LEU H 20 -7.34 -22.14 48.93
CA LEU H 20 -8.57 -22.91 49.03
C LEU H 20 -9.57 -22.46 48.01
N THR H 21 -9.80 -21.16 47.99
CA THR H 21 -10.79 -20.55 47.12
C THR H 21 -10.38 -20.70 45.67
N VAL H 22 -9.07 -20.69 45.40
CA VAL H 22 -8.59 -20.92 44.04
C VAL H 22 -8.96 -22.32 43.58
N GLU H 23 -8.88 -23.28 44.51
CA GLU H 23 -9.13 -24.70 44.25
C GLU H 23 -10.61 -25.02 44.17
N ILE H 24 -11.40 -24.27 44.95
CA ILE H 24 -12.84 -24.41 44.96
C ILE H 24 -13.47 -23.79 43.71
N GLU H 25 -12.82 -22.81 43.09
CA GLU H 25 -13.37 -22.26 41.87
C GLU H 25 -13.22 -23.25 40.73
N ASN H 26 -12.09 -23.97 40.70
CA ASN H 26 -11.85 -25.00 39.69
C ASN H 26 -12.88 -26.11 39.80
N GLU H 27 -12.97 -26.69 40.99
CA GLU H 27 -13.92 -27.76 41.28
C GLU H 27 -15.36 -27.38 40.96
N LEU H 28 -15.65 -26.08 40.95
CA LEU H 28 -16.96 -25.60 40.54
C LEU H 28 -17.02 -25.49 39.00
N ASN H 29 -15.89 -25.13 38.40
CA ASN H 29 -15.80 -25.13 36.95
C ASN H 29 -15.99 -26.55 36.41
N ILE H 30 -15.51 -27.51 37.19
CA ILE H 30 -15.66 -28.94 36.88
C ILE H 30 -17.09 -29.41 37.10
N ILE H 31 -17.67 -29.03 38.24
CA ILE H 31 -19.07 -29.30 38.49
C ILE H 31 -19.95 -28.66 37.42
N HIS H 32 -19.57 -27.49 36.91
CA HIS H 32 -20.32 -26.88 35.82
C HIS H 32 -20.19 -27.70 34.55
N LYS H 33 -19.00 -27.66 33.94
CA LYS H 33 -18.73 -28.45 32.74
C LYS H 33 -19.44 -29.80 32.86
N PHE H 34 -19.59 -30.28 34.09
CA PHE H 34 -20.22 -31.57 34.34
C PHE H 34 -21.75 -31.56 34.36
N ILE H 35 -22.37 -30.94 35.37
CA ILE H 35 -23.83 -30.97 35.46
C ILE H 35 -24.48 -30.51 34.16
N ARG H 36 -23.71 -29.91 33.25
CA ARG H 36 -24.23 -29.49 31.95
C ARG H 36 -24.00 -30.57 30.89
N ASP H 37 -22.75 -31.01 30.80
CA ASP H 37 -22.35 -32.06 29.87
C ASP H 37 -23.14 -33.34 30.16
N LYS H 38 -23.34 -33.64 31.44
CA LYS H 38 -24.12 -34.79 31.88
C LYS H 38 -25.55 -34.35 32.29
N TYR H 39 -26.08 -33.39 31.53
CA TYR H 39 -27.47 -32.95 31.64
C TYR H 39 -27.89 -32.50 30.25
N SER H 40 -26.90 -32.50 29.34
CA SER H 40 -27.12 -32.21 27.92
C SER H 40 -27.93 -33.31 27.24
N LYS H 41 -28.14 -34.44 27.94
CA LYS H 41 -28.93 -35.55 27.42
C LYS H 41 -30.40 -35.38 27.79
N ARG H 42 -30.67 -34.62 28.86
CA ARG H 42 -32.02 -34.23 29.23
C ARG H 42 -32.45 -32.98 28.47
N PHE H 43 -31.48 -32.14 28.13
CA PHE H 43 -31.76 -30.79 27.61
C PHE H 43 -30.43 -30.11 27.25
N PRO H 44 -30.09 -30.06 25.95
CA PRO H 44 -28.78 -29.55 25.51
C PRO H 44 -28.83 -28.12 24.99
N GLU H 45 -29.84 -27.35 25.39
CA GLU H 45 -30.01 -26.00 24.86
C GLU H 45 -29.79 -24.89 25.88
N LEU H 46 -29.46 -25.27 27.12
CA LEU H 46 -29.30 -24.30 28.21
C LEU H 46 -27.83 -23.95 28.38
N GLU H 47 -26.95 -24.66 27.68
CA GLU H 47 -25.52 -24.44 27.75
C GLU H 47 -25.09 -23.18 26.99
N SER H 48 -25.89 -22.77 26.01
CA SER H 48 -25.62 -21.55 25.24
C SER H 48 -26.73 -20.51 25.41
N LEU H 49 -27.83 -20.92 26.01
CA LEU H 49 -28.93 -20.01 26.34
C LEU H 49 -28.48 -19.00 27.40
N VAL H 50 -27.72 -19.49 28.39
CA VAL H 50 -27.14 -18.65 29.46
C VAL H 50 -25.64 -18.93 29.64
N PRO H 51 -24.77 -18.15 28.96
CA PRO H 51 -23.35 -18.43 29.07
C PRO H 51 -22.78 -18.11 30.46
N ASN H 52 -23.07 -18.92 31.47
CA ASN H 52 -22.43 -18.74 32.78
C ASN H 52 -22.14 -19.99 33.60
N ALA H 53 -21.15 -19.87 34.47
CA ALA H 53 -20.58 -21.01 35.20
C ALA H 53 -21.21 -21.31 36.57
N LEU H 54 -21.97 -20.36 37.11
CA LEU H 54 -22.60 -20.55 38.43
C LEU H 54 -24.10 -20.33 38.29
N ASP H 55 -24.44 -19.67 37.18
CA ASP H 55 -25.83 -19.48 36.80
C ASP H 55 -26.46 -20.83 36.53
N TYR H 56 -26.10 -21.40 35.40
CA TYR H 56 -26.60 -22.71 34.97
C TYR H 56 -26.97 -23.55 36.19
N ILE H 57 -25.98 -23.76 37.04
CA ILE H 57 -26.04 -24.75 38.12
C ILE H 57 -27.12 -24.50 39.18
N ARG H 58 -27.38 -23.24 39.49
CA ARG H 58 -28.31 -22.95 40.57
C ARG H 58 -29.76 -23.02 40.08
N THR H 59 -29.92 -23.11 38.77
CA THR H 59 -31.25 -23.23 38.17
C THR H 59 -31.74 -24.68 38.16
N VAL H 60 -30.91 -25.58 37.60
CA VAL H 60 -31.32 -26.97 37.34
C VAL H 60 -31.66 -27.77 38.58
N LYS H 61 -31.52 -27.17 39.75
CA LYS H 61 -31.89 -27.84 40.99
C LYS H 61 -33.41 -27.91 41.09
N GLU H 62 -34.07 -26.97 40.41
CA GLU H 62 -35.53 -26.96 40.36
C GLU H 62 -36.12 -27.58 39.09
N LEU H 63 -35.36 -27.52 37.99
CA LEU H 63 -35.75 -28.17 36.74
C LEU H 63 -35.49 -29.69 36.79
N GLY H 64 -36.42 -30.41 37.41
CA GLY H 64 -36.36 -31.86 37.49
C GLY H 64 -37.21 -32.48 36.41
N ASN H 65 -36.60 -32.72 35.25
CA ASN H 65 -37.30 -33.16 34.04
C ASN H 65 -38.73 -32.61 33.92
N SER H 66 -38.85 -31.29 34.06
CA SER H 66 -40.15 -30.60 34.06
C SER H 66 -40.17 -29.37 33.13
N LEU H 67 -40.95 -29.45 32.06
CA LEU H 67 -41.21 -28.28 31.22
C LEU H 67 -42.52 -27.63 31.66
N ASP H 68 -42.89 -26.54 30.99
CA ASP H 68 -44.15 -25.85 31.27
C ASP H 68 -44.28 -25.26 32.69
N LYS H 69 -43.13 -24.95 33.31
CA LYS H 69 -43.11 -24.15 34.52
C LYS H 69 -42.24 -22.91 34.25
N CYS H 70 -42.20 -22.54 32.97
CA CYS H 70 -41.35 -21.46 32.47
C CYS H 70 -42.08 -20.11 32.40
N LYS H 71 -43.33 -20.10 32.86
CA LYS H 71 -44.15 -18.89 32.80
C LYS H 71 -44.75 -18.52 34.15
N ASN H 72 -44.53 -17.27 34.56
CA ASN H 72 -45.09 -16.70 35.80
C ASN H 72 -44.34 -17.07 37.08
N ASN H 73 -43.08 -17.48 36.94
CA ASN H 73 -42.25 -17.84 38.09
C ASN H 73 -41.17 -16.76 38.33
N GLU H 74 -40.91 -16.41 39.59
CA GLU H 74 -39.87 -15.42 39.93
C GLU H 74 -38.78 -15.98 40.87
N ASN H 75 -38.82 -17.29 41.11
CA ASN H 75 -37.74 -18.03 41.74
C ASN H 75 -36.50 -17.98 40.87
N LEU H 76 -36.72 -18.20 39.58
CA LEU H 76 -35.66 -18.33 38.58
C LEU H 76 -35.33 -17.00 37.90
N GLN H 77 -36.05 -15.95 38.27
CA GLN H 77 -35.70 -14.59 37.84
C GLN H 77 -34.94 -13.94 38.99
N GLN H 78 -34.97 -14.61 40.13
CA GLN H 78 -34.06 -14.32 41.23
C GLN H 78 -32.69 -14.79 40.80
N ILE H 79 -32.65 -15.35 39.60
CA ILE H 79 -31.49 -16.11 39.16
C ILE H 79 -31.13 -15.82 37.70
N LEU H 80 -32.16 -15.67 36.86
CA LEU H 80 -31.96 -15.33 35.45
C LEU H 80 -32.89 -14.17 35.01
N THR H 81 -32.35 -13.27 34.19
CA THR H 81 -33.08 -12.09 33.74
C THR H 81 -34.43 -12.46 33.13
N ASN H 82 -35.28 -11.45 32.91
CA ASN H 82 -36.57 -11.65 32.23
C ASN H 82 -36.44 -11.59 30.70
N ALA H 83 -35.29 -11.15 30.23
CA ALA H 83 -34.97 -11.21 28.80
C ALA H 83 -34.61 -12.63 28.40
N THR H 84 -34.14 -13.41 29.38
CA THR H 84 -33.99 -14.86 29.22
C THR H 84 -35.10 -15.61 29.97
N ILE H 85 -36.30 -15.05 29.95
CA ILE H 85 -37.52 -15.75 30.34
C ILE H 85 -38.35 -16.00 29.08
N MET H 86 -38.00 -15.28 28.01
CA MET H 86 -38.56 -15.48 26.68
C MET H 86 -37.77 -16.51 25.88
N VAL H 87 -36.53 -16.76 26.30
CA VAL H 87 -35.70 -17.79 25.68
C VAL H 87 -35.91 -19.13 26.40
N VAL H 88 -36.59 -19.08 27.55
CA VAL H 88 -36.95 -20.28 28.31
C VAL H 88 -38.39 -20.70 28.02
N SER H 89 -38.98 -20.08 27.00
CA SER H 89 -40.24 -20.55 26.47
C SER H 89 -40.00 -21.15 25.08
N VAL H 90 -38.92 -20.70 24.42
CA VAL H 90 -38.47 -21.29 23.16
C VAL H 90 -37.51 -22.45 23.45
N THR H 91 -37.58 -22.96 24.68
CA THR H 91 -36.93 -24.20 25.06
C THR H 91 -37.88 -25.03 25.94
N ALA H 92 -38.98 -24.39 26.35
CA ALA H 92 -40.06 -25.08 27.06
C ALA H 92 -40.97 -25.78 26.06
N SER H 93 -41.19 -25.11 24.93
CA SER H 93 -41.93 -25.71 23.83
C SER H 93 -41.03 -26.71 23.07
N THR H 94 -39.87 -26.24 22.62
CA THR H 94 -38.89 -27.13 22.00
C THR H 94 -38.04 -27.84 23.05
N THR H 95 -38.38 -29.09 23.33
CA THR H 95 -37.69 -29.88 24.35
C THR H 95 -36.34 -30.43 23.80
N GLN H 96 -36.42 -31.29 22.78
CA GLN H 96 -35.24 -31.85 22.08
C GLN H 96 -34.47 -32.91 22.87
N GLY H 97 -35.01 -33.33 24.00
CA GLY H 97 -34.35 -34.32 24.83
C GLY H 97 -35.32 -35.16 25.64
N GLN H 98 -34.87 -36.37 26.01
CA GLN H 98 -35.66 -37.28 26.80
C GLN H 98 -35.51 -36.97 28.29
N GLN H 99 -36.31 -37.63 29.12
CA GLN H 99 -36.27 -37.39 30.57
C GLN H 99 -35.19 -38.23 31.26
N LEU H 100 -35.01 -38.02 32.57
CA LEU H 100 -33.96 -38.73 33.30
C LEU H 100 -34.44 -39.61 34.46
N SER H 101 -33.67 -40.66 34.72
CA SER H 101 -34.06 -41.77 35.61
C SER H 101 -34.02 -41.47 37.13
N GLU H 102 -34.38 -42.47 37.93
CA GLU H 102 -34.32 -42.34 39.38
C GLU H 102 -32.89 -42.18 39.89
N GLU H 103 -31.94 -42.70 39.12
CA GLU H 103 -30.54 -42.65 39.50
C GLU H 103 -29.81 -41.48 38.88
N GLU H 104 -30.19 -41.11 37.65
CA GLU H 104 -29.55 -40.00 36.95
C GLU H 104 -29.99 -38.62 37.50
N LEU H 105 -30.99 -38.62 38.37
CA LEU H 105 -31.47 -37.40 39.05
C LEU H 105 -30.95 -37.31 40.49
N GLU H 106 -30.80 -38.46 41.13
CA GLU H 106 -30.10 -38.49 42.41
C GLU H 106 -28.68 -38.01 42.19
N ARG H 107 -28.12 -38.31 41.01
CA ARG H 107 -26.80 -37.86 40.64
C ARG H 107 -26.73 -36.35 40.60
N LEU H 108 -27.40 -35.77 39.61
CA LEU H 108 -27.35 -34.33 39.41
C LEU H 108 -27.84 -33.55 40.61
N GLU H 109 -29.00 -33.90 41.16
CA GLU H 109 -29.53 -33.14 42.31
C GLU H 109 -28.58 -33.12 43.51
N GLU H 110 -27.80 -34.17 43.71
CA GLU H 110 -26.84 -34.23 44.81
C GLU H 110 -25.57 -33.48 44.47
N ALA H 111 -25.28 -33.40 43.17
CA ALA H 111 -24.10 -32.71 42.66
C ALA H 111 -24.35 -31.20 42.54
N CYS H 112 -25.52 -30.79 43.04
CA CYS H 112 -25.87 -29.39 43.14
C CYS H 112 -25.86 -28.99 44.59
N ASP H 113 -26.54 -29.76 45.44
CA ASP H 113 -26.42 -29.57 46.87
C ASP H 113 -24.94 -29.37 47.21
N MET H 114 -24.08 -29.82 46.29
CA MET H 114 -22.63 -29.69 46.43
C MET H 114 -22.08 -28.39 45.87
N ALA H 115 -22.56 -28.01 44.68
CA ALA H 115 -22.18 -26.74 44.08
C ALA H 115 -22.38 -25.60 45.06
N LEU H 116 -23.62 -25.47 45.54
CA LEU H 116 -24.02 -24.47 46.54
C LEU H 116 -23.19 -24.53 47.82
N GLU H 117 -23.15 -25.71 48.42
CA GLU H 117 -22.34 -25.92 49.62
C GLU H 117 -20.90 -25.45 49.46
N LEU H 118 -20.39 -25.59 48.25
CA LEU H 118 -19.02 -25.18 47.92
C LEU H 118 -18.88 -23.66 47.77
N ASN H 119 -19.73 -23.06 46.93
CA ASN H 119 -19.78 -21.60 46.72
C ASN H 119 -20.00 -20.86 48.03
N ALA H 120 -21.02 -21.28 48.76
CA ALA H 120 -21.17 -20.89 50.15
C ALA H 120 -19.82 -20.83 50.90
N SER H 121 -19.09 -21.93 50.93
CA SER H 121 -17.79 -21.95 51.60
C SER H 121 -16.84 -20.96 50.95
N LYS H 122 -16.93 -20.82 49.63
CA LYS H 122 -15.98 -20.00 48.89
C LYS H 122 -16.02 -18.60 49.44
N HIS H 123 -17.22 -18.04 49.52
CA HIS H 123 -17.40 -16.68 50.02
C HIS H 123 -17.00 -16.60 51.46
N ARG H 124 -17.73 -17.27 52.34
CA ARG H 124 -17.37 -17.29 53.75
C ARG H 124 -15.86 -17.46 53.97
N ILE H 125 -15.09 -17.73 52.91
CA ILE H 125 -13.61 -17.77 53.01
C ILE H 125 -12.99 -16.51 52.42
N TYR H 126 -13.39 -16.15 51.20
CA TYR H 126 -12.89 -14.92 50.61
C TYR H 126 -13.12 -13.78 51.59
N GLU H 127 -14.27 -13.80 52.24
CA GLU H 127 -14.62 -12.80 53.23
C GLU H 127 -13.71 -12.82 54.43
N TYR H 128 -13.08 -13.95 54.73
CA TYR H 128 -12.10 -13.98 55.81
C TYR H 128 -10.75 -13.44 55.35
N VAL H 129 -10.42 -13.70 54.09
CA VAL H 129 -9.18 -13.23 53.52
C VAL H 129 -9.25 -11.73 53.28
N GLU H 130 -10.37 -11.27 52.71
CA GLU H 130 -10.63 -9.83 52.60
C GLU H 130 -10.24 -9.18 53.89
N SER H 131 -10.88 -9.61 54.96
CA SER H 131 -10.75 -8.98 56.26
C SER H 131 -9.38 -9.09 56.91
N ARG H 132 -8.82 -10.27 57.02
CA ARG H 132 -7.52 -10.32 57.65
C ARG H 132 -6.51 -9.57 56.80
N MET H 133 -6.65 -9.69 55.48
CA MET H 133 -5.64 -9.17 54.58
C MET H 133 -5.60 -7.65 54.63
N SER H 134 -6.74 -7.02 54.93
CA SER H 134 -6.79 -5.57 55.03
C SER H 134 -6.48 -5.12 56.45
N PHE H 135 -5.96 -5.99 57.27
CA PHE H 135 -5.63 -5.51 58.59
C PHE H 135 -4.13 -5.71 58.70
N ILE H 136 -3.58 -6.52 57.80
CA ILE H 136 -2.14 -6.76 57.84
C ILE H 136 -1.45 -5.80 56.91
N ALA H 137 -2.05 -5.63 55.73
CA ALA H 137 -1.51 -4.77 54.70
C ALA H 137 -2.65 -4.05 53.98
N PRO H 138 -3.25 -3.05 54.66
CA PRO H 138 -4.42 -2.23 54.28
C PRO H 138 -4.28 -1.56 52.95
N ASN H 139 -3.14 -0.89 52.76
CA ASN H 139 -2.89 -0.14 51.54
C ASN H 139 -2.59 -1.04 50.36
N LEU H 140 -1.79 -2.07 50.60
CA LEU H 140 -1.56 -3.08 49.56
C LEU H 140 -2.88 -3.62 49.03
N SER H 141 -3.72 -4.15 49.91
CA SER H 141 -5.05 -4.62 49.53
C SER H 141 -5.85 -3.67 48.62
N ILE H 142 -5.73 -2.38 48.89
CA ILE H 142 -6.54 -1.43 48.17
C ILE H 142 -6.18 -1.36 46.69
N ILE H 143 -4.88 -1.33 46.40
CA ILE H 143 -4.40 -1.29 45.03
C ILE H 143 -4.79 -2.57 44.26
N ILE H 144 -4.10 -3.69 44.54
CA ILE H 144 -4.26 -4.92 43.73
C ILE H 144 -5.48 -5.79 44.01
N GLY H 145 -5.69 -6.13 45.28
CA GLY H 145 -6.82 -6.96 45.66
C GLY H 145 -6.59 -7.68 46.97
N ALA H 146 -7.65 -8.00 47.69
CA ALA H 146 -7.48 -8.67 48.96
C ALA H 146 -6.67 -9.94 48.78
N SER H 147 -7.05 -10.71 47.76
CA SER H 147 -6.41 -11.99 47.49
C SER H 147 -5.02 -11.82 46.88
N THR H 148 -4.93 -11.26 45.68
CA THR H 148 -3.63 -11.13 44.99
C THR H 148 -2.56 -10.60 45.92
N ALA H 149 -2.96 -9.88 46.96
CA ALA H 149 -2.04 -9.36 47.95
C ALA H 149 -1.56 -10.51 48.82
N ALA H 150 -2.53 -11.33 49.24
CA ALA H 150 -2.23 -12.53 50.01
C ALA H 150 -1.20 -13.34 49.27
N LYS H 151 -1.50 -13.62 48.00
CA LYS H 151 -0.61 -14.41 47.15
C LYS H 151 0.81 -13.89 47.23
N ILE H 152 1.04 -12.70 46.69
CA ILE H 152 2.40 -12.18 46.61
C ILE H 152 3.02 -12.04 48.00
N MET H 153 2.20 -11.70 48.98
CA MET H 153 2.67 -11.64 50.34
C MET H 153 3.16 -13.00 50.80
N GLY H 154 2.49 -14.05 50.34
CA GLY H 154 2.87 -15.40 50.69
C GLY H 154 4.25 -15.78 50.22
N VAL H 155 4.46 -15.70 48.91
CA VAL H 155 5.76 -16.03 48.32
C VAL H 155 6.91 -15.12 48.78
N ALA H 156 6.57 -13.90 49.20
CA ALA H 156 7.60 -12.96 49.64
C ALA H 156 8.17 -13.30 51.01
N GLY H 157 7.27 -13.79 51.88
CA GLY H 157 7.62 -14.13 53.24
C GLY H 157 7.01 -13.17 54.24
N GLY H 158 5.88 -12.60 53.87
CA GLY H 158 5.24 -11.61 54.73
C GLY H 158 5.73 -10.22 54.43
N LEU H 159 5.13 -9.24 55.08
CA LEU H 159 5.31 -7.84 54.74
C LEU H 159 6.67 -7.26 55.10
N THR H 160 7.32 -7.83 56.11
CA THR H 160 8.60 -7.31 56.58
C THR H 160 9.68 -7.65 55.60
N ASN H 161 9.39 -8.55 54.66
CA ASN H 161 10.31 -8.90 53.59
C ASN H 161 9.84 -8.19 52.36
N LEU H 162 8.58 -8.45 52.02
CA LEU H 162 7.97 -7.86 50.84
C LEU H 162 8.35 -6.41 50.75
N SER H 163 8.46 -5.76 51.90
CA SER H 163 8.71 -4.34 51.96
C SER H 163 10.11 -4.03 51.45
N LYS H 164 11.12 -4.67 52.02
CA LYS H 164 12.49 -4.31 51.65
C LYS H 164 12.95 -4.90 50.30
N MET H 165 11.99 -5.10 49.40
CA MET H 165 12.29 -5.67 48.10
C MET H 165 12.03 -4.61 47.07
N PRO H 166 12.89 -4.54 46.04
CA PRO H 166 12.71 -3.62 44.90
C PRO H 166 11.53 -4.05 44.10
N ALA H 167 10.88 -3.13 43.40
CA ALA H 167 9.69 -3.47 42.63
C ALA H 167 10.01 -4.29 41.40
N CYS H 168 11.20 -4.16 40.85
CA CYS H 168 11.52 -4.95 39.67
C CYS H 168 11.30 -6.41 40.01
N ASN H 169 11.78 -6.79 41.20
CA ASN H 169 11.55 -8.12 41.80
C ASN H 169 10.11 -8.36 42.22
N ILE H 170 9.46 -7.38 42.84
CA ILE H 170 8.08 -7.58 43.31
C ILE H 170 7.14 -7.81 42.14
N MET H 171 7.47 -7.25 40.99
CA MET H 171 6.71 -7.51 39.78
C MET H 171 6.76 -8.99 39.42
N LEU H 172 7.80 -9.63 39.94
CA LEU H 172 8.28 -10.93 39.50
C LEU H 172 8.15 -11.99 40.59
N LEU H 173 7.11 -11.85 41.42
CA LEU H 173 6.80 -12.89 42.38
C LEU H 173 5.72 -13.75 41.74
N GLY H 174 5.98 -15.06 41.69
CA GLY H 174 5.04 -16.00 41.11
C GLY H 174 5.17 -16.18 39.61
N ALA H 175 6.40 -16.24 39.11
CA ALA H 175 6.61 -16.31 37.68
C ALA H 175 7.36 -17.58 37.23
N GLN H 176 6.72 -18.37 36.36
CA GLN H 176 7.36 -19.54 35.75
C GLN H 176 7.39 -20.76 36.70
N LEU H 189 2.92 -16.50 29.58
CA LEU H 189 3.80 -15.42 29.16
C LEU H 189 5.01 -15.31 30.09
N PRO H 190 6.19 -15.00 29.54
CA PRO H 190 7.38 -15.04 30.38
C PRO H 190 7.34 -13.89 31.35
N HIS H 191 8.14 -13.92 32.40
CA HIS H 191 8.19 -12.82 33.36
C HIS H 191 6.81 -12.17 33.56
N THR H 192 5.79 -13.00 33.83
CA THR H 192 4.55 -12.49 34.37
C THR H 192 4.30 -13.18 35.72
N GLY H 193 4.14 -12.36 36.75
CA GLY H 193 3.97 -12.82 38.12
C GLY H 193 2.53 -12.69 38.56
N TYR H 194 2.32 -12.65 39.87
CA TYR H 194 0.96 -12.66 40.36
C TYR H 194 0.28 -11.39 39.95
N ILE H 195 1.08 -10.33 39.92
CA ILE H 195 0.58 -8.99 39.62
C ILE H 195 0.04 -8.91 38.20
N TYR H 196 0.81 -9.42 37.24
CA TYR H 196 0.36 -9.42 35.85
C TYR H 196 -1.05 -9.97 35.72
N HIS H 197 -1.42 -10.92 36.59
CA HIS H 197 -2.71 -11.59 36.47
C HIS H 197 -3.76 -11.02 37.40
N SER H 198 -3.29 -10.28 38.40
CA SER H 198 -4.18 -9.50 39.24
C SER H 198 -5.39 -9.08 38.43
N ASP H 199 -6.56 -9.09 39.06
CA ASP H 199 -7.75 -8.67 38.34
C ASP H 199 -7.56 -7.27 37.78
N ILE H 200 -6.89 -6.41 38.53
CA ILE H 200 -6.78 -5.00 38.11
C ILE H 200 -6.08 -4.80 36.77
N VAL H 201 -5.02 -5.57 36.53
CA VAL H 201 -4.29 -5.50 35.27
C VAL H 201 -5.04 -6.27 34.18
N GLN H 202 -5.46 -7.50 34.50
CA GLN H 202 -5.96 -8.42 33.48
C GLN H 202 -7.31 -8.00 32.90
N SER H 203 -7.78 -6.81 33.27
CA SER H 203 -9.01 -6.26 32.73
C SER H 203 -8.72 -5.00 31.95
N LEU H 204 -7.60 -5.02 31.24
CA LEU H 204 -7.25 -3.95 30.33
C LEU H 204 -6.97 -4.56 28.97
N PRO H 205 -7.07 -3.75 27.91
CA PRO H 205 -6.66 -4.20 26.57
C PRO H 205 -5.26 -4.79 26.64
N PRO H 206 -5.11 -6.02 26.20
CA PRO H 206 -3.84 -6.76 26.31
C PRO H 206 -2.57 -5.94 26.04
N ASP H 207 -2.45 -5.27 24.89
CA ASP H 207 -1.23 -4.50 24.60
C ASP H 207 -0.72 -3.69 25.80
N LEU H 208 -1.67 -3.20 26.60
CA LEU H 208 -1.38 -2.32 27.76
C LEU H 208 -0.81 -3.06 28.96
N ARG H 209 -1.01 -4.36 29.01
CA ARG H 209 -0.71 -5.11 30.22
C ARG H 209 0.75 -5.12 30.65
N ARG H 210 1.71 -5.19 29.73
CA ARG H 210 3.09 -5.25 30.20
C ARG H 210 3.54 -3.95 30.87
N LYS H 211 2.95 -2.82 30.46
CA LYS H 211 3.21 -1.53 31.09
C LYS H 211 2.42 -1.46 32.38
N ALA H 212 1.11 -1.73 32.31
CA ALA H 212 0.23 -1.68 33.48
C ALA H 212 0.77 -2.48 34.66
N ALA H 213 1.10 -3.72 34.40
CA ALA H 213 1.64 -4.54 35.45
C ALA H 213 2.90 -3.87 35.96
N ARG H 214 3.68 -3.33 35.03
CA ARG H 214 4.97 -2.78 35.39
C ARG H 214 4.76 -1.65 36.40
N LEU H 215 3.59 -1.02 36.29
CA LEU H 215 3.23 0.17 37.09
C LEU H 215 2.58 -0.25 38.39
N VAL H 216 1.54 -1.06 38.28
CA VAL H 216 0.85 -1.57 39.45
C VAL H 216 1.86 -2.23 40.39
N ALA H 217 2.90 -2.81 39.81
CA ALA H 217 3.96 -3.37 40.62
C ALA H 217 4.57 -2.26 41.48
N ALA H 218 5.00 -1.19 40.83
CA ALA H 218 5.75 -0.11 41.50
C ALA H 218 5.03 0.54 42.69
N LYS H 219 3.70 0.68 42.54
CA LYS H 219 2.85 1.23 43.58
C LYS H 219 2.65 0.27 44.76
N CYS H 220 2.43 -1.01 44.47
CA CYS H 220 2.30 -1.97 45.55
C CYS H 220 3.55 -1.98 46.36
N THR H 221 4.68 -1.76 45.72
CA THR H 221 5.91 -1.67 46.46
C THR H 221 5.86 -0.49 47.41
N LEU H 222 5.21 0.58 46.96
CA LEU H 222 5.05 1.74 47.83
C LEU H 222 4.09 1.40 48.95
N ALA H 223 2.86 1.01 48.60
CA ALA H 223 1.90 0.56 49.61
C ALA H 223 2.60 -0.35 50.61
N ALA H 224 3.02 -1.54 50.17
CA ALA H 224 3.76 -2.46 51.02
C ALA H 224 4.62 -1.73 52.03
N ARG H 225 5.52 -0.86 51.55
CA ARG H 225 6.41 -0.13 52.44
C ARG H 225 5.65 0.69 53.48
N VAL H 226 4.64 1.42 53.03
CA VAL H 226 3.79 2.22 53.92
C VAL H 226 3.06 1.37 54.95
N ASP H 227 2.79 0.11 54.60
CA ASP H 227 2.04 -0.77 55.47
C ASP H 227 2.94 -1.44 56.48
N SER H 228 4.23 -1.44 56.18
CA SER H 228 5.16 -2.15 57.02
C SER H 228 5.75 -1.17 57.98
N PHE H 229 5.13 0.00 58.08
CA PHE H 229 5.48 0.98 59.10
C PHE H 229 4.17 1.36 59.73
N HIS H 230 3.12 0.79 59.18
CA HIS H 230 1.79 0.92 59.77
C HIS H 230 1.27 2.32 59.88
N GLU H 231 1.49 3.13 58.84
CA GLU H 231 0.76 4.38 58.68
C GLU H 231 -0.43 4.11 57.79
N SER H 232 -1.22 5.14 57.58
CA SER H 232 -2.35 5.06 56.66
C SER H 232 -3.20 3.80 56.87
N THR H 233 -3.37 3.38 58.11
CA THR H 233 -4.21 2.23 58.38
C THR H 233 -5.59 2.40 57.76
N GLU H 234 -5.96 3.64 57.46
CA GLU H 234 -7.30 3.90 56.97
C GLU H 234 -7.36 3.49 55.53
N GLY H 235 -6.19 3.53 54.90
CA GLY H 235 -6.07 3.08 53.54
C GLY H 235 -5.82 4.24 52.60
N LYS H 236 -5.52 5.41 53.15
CA LYS H 236 -5.42 6.60 52.34
C LYS H 236 -4.40 6.39 51.23
N VAL H 237 -3.13 6.24 51.60
CA VAL H 237 -2.07 6.02 50.62
C VAL H 237 -2.50 5.00 49.56
N GLY H 238 -3.14 3.92 49.99
CA GLY H 238 -3.67 2.94 49.07
C GLY H 238 -4.72 3.49 48.11
N TYR H 239 -5.69 4.26 48.61
CA TYR H 239 -6.73 4.76 47.72
C TYR H 239 -6.15 5.75 46.77
N GLU H 240 -5.32 6.66 47.27
CA GLU H 240 -4.70 7.65 46.39
C GLU H 240 -3.99 6.91 45.28
N LEU H 241 -3.10 6.01 45.69
CA LEU H 241 -2.33 5.22 44.75
C LEU H 241 -3.22 4.50 43.73
N LYS H 242 -4.29 3.85 44.18
CA LYS H 242 -5.19 3.23 43.22
C LYS H 242 -5.73 4.27 42.28
N ASP H 243 -6.12 5.41 42.82
CA ASP H 243 -6.77 6.41 42.01
C ASP H 243 -5.83 6.93 40.94
N GLU H 244 -4.57 7.11 41.31
CA GLU H 244 -3.61 7.57 40.33
C GLU H 244 -3.43 6.57 39.22
N ILE H 245 -3.36 5.30 39.58
CA ILE H 245 -3.17 4.25 38.59
C ILE H 245 -4.38 4.20 37.70
N GLU H 246 -5.57 4.17 38.29
CA GLU H 246 -6.81 4.11 37.53
C GLU H 246 -6.91 5.25 36.55
N ARG H 247 -6.28 6.38 36.88
CA ARG H 247 -6.29 7.52 35.98
C ARG H 247 -5.26 7.37 34.89
N LYS H 248 -4.09 6.86 35.22
CA LYS H 248 -3.09 6.59 34.20
C LYS H 248 -3.68 5.66 33.14
N PHE H 249 -4.62 4.83 33.56
CA PHE H 249 -5.20 3.85 32.66
C PHE H 249 -6.19 4.56 31.76
N ASP H 250 -6.83 5.59 32.28
CA ASP H 250 -7.73 6.35 31.44
C ASP H 250 -6.97 7.14 30.36
N LYS H 251 -5.95 7.89 30.75
CA LYS H 251 -5.12 8.62 29.78
C LYS H 251 -4.61 7.64 28.71
N TRP H 252 -4.49 6.39 29.12
CA TRP H 252 -3.96 5.33 28.27
C TRP H 252 -5.00 4.78 27.30
N GLN H 253 -6.28 4.88 27.70
CA GLN H 253 -7.41 4.16 27.07
C GLN H 253 -7.35 2.64 27.34
N GLU J 5 20.60 -18.48 -25.96
CA GLU J 5 19.82 -18.95 -24.82
C GLU J 5 20.72 -19.24 -23.62
N ALA J 6 20.46 -18.57 -22.50
CA ALA J 6 21.28 -18.72 -21.31
C ALA J 6 21.45 -20.19 -20.91
N ASP J 7 22.70 -20.62 -20.78
CA ASP J 7 22.97 -21.99 -20.36
C ASP J 7 23.30 -22.07 -18.88
N VAL J 8 22.69 -23.02 -18.20
CA VAL J 8 22.72 -23.11 -16.74
C VAL J 8 23.44 -24.35 -16.24
N ASN J 9 24.07 -24.22 -15.08
CA ASN J 9 24.71 -25.36 -14.44
C ASN J 9 23.73 -26.51 -14.30
N PRO J 10 24.02 -27.63 -14.98
CA PRO J 10 23.19 -28.84 -15.05
C PRO J 10 22.71 -29.34 -13.71
N LYS J 11 23.41 -29.06 -12.62
CA LYS J 11 22.98 -29.59 -11.34
C LYS J 11 21.83 -28.78 -10.78
N ALA J 12 21.52 -27.67 -11.45
CA ALA J 12 20.40 -26.79 -11.10
C ALA J 12 19.12 -27.24 -11.77
N TYR J 13 18.49 -28.25 -11.18
CA TYR J 13 17.32 -28.91 -11.76
C TYR J 13 16.31 -29.28 -10.69
N PRO J 14 15.02 -28.98 -10.92
CA PRO J 14 14.51 -28.48 -12.19
C PRO J 14 14.57 -26.97 -12.29
N LEU J 15 14.92 -26.50 -13.49
CA LEU J 15 14.94 -25.08 -13.79
C LEU J 15 13.59 -24.58 -14.34
N ALA J 16 13.01 -23.60 -13.66
CA ALA J 16 11.75 -23.00 -14.09
C ALA J 16 11.95 -22.11 -15.31
N ASP J 17 11.10 -22.32 -16.30
CA ASP J 17 11.07 -21.50 -17.52
C ASP J 17 10.65 -20.07 -17.20
N ALA J 18 10.76 -19.18 -18.18
CA ALA J 18 10.58 -17.76 -17.90
C ALA J 18 9.17 -17.38 -17.44
N HIS J 19 8.19 -18.22 -17.75
CA HIS J 19 6.85 -18.04 -17.22
C HIS J 19 6.78 -18.44 -15.75
N LEU J 20 7.10 -19.72 -15.47
CA LEU J 20 7.14 -20.24 -14.09
C LEU J 20 7.96 -19.33 -13.16
N THR J 21 9.05 -18.77 -13.70
CA THR J 21 9.84 -17.79 -12.97
C THR J 21 8.90 -16.68 -12.52
N LYS J 22 8.24 -16.03 -13.48
CA LYS J 22 7.41 -14.89 -13.14
C LYS J 22 6.31 -15.32 -12.17
N LYS J 23 5.79 -16.52 -12.35
CA LYS J 23 4.70 -17.01 -11.51
C LYS J 23 5.17 -17.17 -10.07
N LEU J 24 6.41 -17.65 -9.95
CA LEU J 24 7.07 -17.91 -8.68
C LEU J 24 7.41 -16.62 -7.94
N LEU J 25 8.17 -15.75 -8.60
CA LEU J 25 8.57 -14.48 -8.04
C LEU J 25 7.36 -13.68 -7.58
N ASP J 26 6.26 -13.81 -8.32
CA ASP J 26 5.04 -13.10 -7.96
C ASP J 26 4.49 -13.66 -6.65
N LEU J 27 4.29 -14.98 -6.62
CA LEU J 27 3.89 -15.66 -5.39
C LEU J 27 4.85 -15.36 -4.22
N VAL J 28 6.16 -15.35 -4.50
CA VAL J 28 7.18 -15.02 -3.50
C VAL J 28 6.97 -13.63 -2.96
N GLN J 29 6.69 -12.68 -3.86
CA GLN J 29 6.56 -11.29 -3.46
C GLN J 29 5.40 -11.19 -2.52
N GLN J 30 4.40 -12.04 -2.73
CA GLN J 30 3.22 -11.98 -1.90
C GLN J 30 3.42 -12.64 -0.55
N SER J 31 4.21 -13.72 -0.54
CA SER J 31 4.51 -14.39 0.71
C SER J 31 5.24 -13.42 1.63
N CYS J 32 6.02 -12.50 1.06
CA CYS J 32 6.71 -11.52 1.88
C CYS J 32 5.71 -10.59 2.56
N ASN J 33 4.72 -10.14 1.80
CA ASN J 33 3.76 -9.18 2.30
C ASN J 33 2.83 -9.77 3.32
N TYR J 34 2.40 -11.00 3.08
CA TYR J 34 1.51 -11.68 4.00
C TYR J 34 2.26 -12.54 5.02
N LYS J 35 3.57 -12.29 5.13
CA LYS J 35 4.42 -12.85 6.17
C LYS J 35 4.55 -14.38 6.18
N GLN J 36 4.87 -14.97 5.04
CA GLN J 36 5.07 -16.41 4.93
C GLN J 36 6.34 -16.70 4.16
N LEU J 37 7.28 -15.78 4.23
CA LEU J 37 8.52 -15.90 3.49
C LEU J 37 9.73 -15.97 4.38
N ARG J 38 10.55 -17.00 4.14
CA ARG J 38 11.86 -17.12 4.76
C ARG J 38 12.91 -16.84 3.69
N LYS J 39 13.67 -15.75 3.88
CA LYS J 39 14.63 -15.34 2.87
C LYS J 39 16.04 -15.61 3.34
N GLY J 40 16.83 -16.25 2.48
CA GLY J 40 18.18 -16.67 2.82
C GLY J 40 18.26 -18.19 2.90
N ALA J 41 19.32 -18.75 2.31
CA ALA J 41 19.47 -20.19 2.23
C ALA J 41 19.58 -20.75 3.64
N ASN J 42 20.21 -19.99 4.51
CA ASN J 42 20.32 -20.43 5.89
C ASN J 42 18.96 -20.65 6.54
N GLU J 43 18.11 -19.64 6.48
CA GLU J 43 16.82 -19.66 7.15
C GLU J 43 15.88 -20.64 6.48
N ALA J 44 16.09 -20.76 5.17
CA ALA J 44 15.43 -21.74 4.35
C ALA J 44 15.65 -23.14 4.89
N THR J 45 16.89 -23.41 5.31
CA THR J 45 17.24 -24.72 5.80
C THR J 45 16.49 -24.96 7.10
N LYS J 46 16.46 -23.93 7.96
CA LYS J 46 15.74 -24.04 9.24
C LYS J 46 14.30 -24.45 8.95
N THR J 47 13.63 -23.61 8.17
CA THR J 47 12.34 -23.92 7.60
C THR J 47 12.18 -25.40 7.25
N LEU J 48 12.97 -25.86 6.29
CA LEU J 48 12.89 -27.23 5.80
C LEU J 48 13.04 -28.28 6.91
N ASN J 49 14.11 -28.18 7.71
CA ASN J 49 14.31 -29.07 8.87
C ASN J 49 13.08 -29.24 9.75
N ARG J 50 12.48 -28.11 10.14
CA ARG J 50 11.34 -28.08 11.04
C ARG J 50 10.00 -28.39 10.37
N GLY J 51 10.08 -28.91 9.14
CA GLY J 51 8.92 -29.46 8.42
C GLY J 51 7.80 -28.52 8.03
N ILE J 52 8.13 -27.24 7.89
CA ILE J 52 7.14 -26.19 7.67
C ILE J 52 7.38 -25.37 6.39
N SER J 53 7.95 -26.04 5.40
CA SER J 53 8.19 -25.39 4.13
C SER J 53 7.18 -25.92 3.15
N GLU J 54 6.67 -25.03 2.28
CA GLU J 54 5.70 -25.42 1.27
C GLU J 54 6.41 -25.70 -0.05
N PHE J 55 7.41 -24.89 -0.34
CA PHE J 55 8.29 -25.15 -1.47
C PHE J 55 9.55 -24.29 -1.37
N ILE J 56 10.58 -24.70 -2.09
CA ILE J 56 11.87 -24.02 -2.01
C ILE J 56 12.18 -23.39 -3.35
N VAL J 57 12.65 -22.15 -3.31
CA VAL J 57 13.08 -21.48 -4.51
C VAL J 57 14.56 -21.19 -4.44
N MET J 58 15.28 -21.47 -5.53
CA MET J 58 16.74 -21.45 -5.49
C MET J 58 17.37 -20.79 -6.70
N ALA J 59 18.19 -19.78 -6.48
CA ALA J 59 18.92 -19.13 -7.58
C ALA J 59 19.93 -20.09 -8.15
N ALA J 60 19.89 -20.33 -9.45
CA ALA J 60 20.83 -21.28 -10.00
C ALA J 60 22.10 -20.60 -10.49
N ASP J 61 22.42 -19.45 -9.92
CA ASP J 61 23.68 -18.78 -10.24
C ASP J 61 24.43 -18.45 -8.96
N ALA J 62 24.22 -19.27 -7.94
CA ALA J 62 24.95 -19.13 -6.71
C ALA J 62 26.28 -19.85 -6.88
N GLU J 63 27.38 -19.24 -6.45
CA GLU J 63 28.71 -19.81 -6.67
C GLU J 63 29.49 -20.08 -5.40
N PRO J 64 29.88 -21.33 -5.20
CA PRO J 64 29.56 -22.45 -6.10
C PRO J 64 28.13 -22.86 -5.91
N LEU J 65 27.57 -23.53 -6.91
CA LEU J 65 26.19 -23.94 -6.83
C LEU J 65 25.99 -24.88 -5.66
N GLU J 66 27.08 -25.43 -5.14
CA GLU J 66 26.94 -26.47 -4.15
C GLU J 66 26.53 -25.89 -2.80
N ILE J 67 26.58 -24.56 -2.71
CA ILE J 67 26.29 -23.93 -1.43
C ILE J 67 24.81 -23.92 -1.12
N ILE J 68 24.00 -24.37 -2.07
CA ILE J 68 22.56 -24.50 -1.84
C ILE J 68 22.09 -25.90 -2.17
N LEU J 69 22.89 -26.60 -2.99
CA LEU J 69 22.57 -27.95 -3.43
C LEU J 69 22.29 -28.95 -2.33
N HIS J 70 22.40 -28.51 -1.08
CA HIS J 70 22.10 -29.37 0.05
C HIS J 70 20.61 -29.34 0.33
N LEU J 71 19.96 -28.25 -0.05
CA LEU J 71 18.51 -28.08 0.16
C LEU J 71 17.64 -29.19 -0.45
N PRO J 72 17.86 -29.51 -1.73
CA PRO J 72 17.25 -30.67 -2.39
C PRO J 72 17.31 -31.96 -1.58
N LEU J 73 18.35 -32.16 -0.78
CA LEU J 73 18.46 -33.42 -0.04
C LEU J 73 17.51 -33.47 1.16
N LEU J 74 17.30 -32.34 1.83
CA LEU J 74 16.32 -32.31 2.92
C LEU J 74 14.92 -32.23 2.36
N CYS J 75 14.83 -31.92 1.08
CA CYS J 75 13.55 -31.93 0.40
C CYS J 75 13.09 -33.35 0.14
N GLU J 76 14.00 -34.32 0.16
CA GLU J 76 13.59 -35.73 0.00
C GLU J 76 13.08 -36.26 1.33
N ASP J 77 13.83 -36.01 2.39
CA ASP J 77 13.44 -36.39 3.75
C ASP J 77 12.02 -35.90 4.06
N LYS J 78 11.64 -34.79 3.43
CA LYS J 78 10.41 -34.07 3.77
C LYS J 78 9.33 -34.22 2.68
N ASN J 79 9.76 -34.42 1.44
CA ASN J 79 8.89 -34.49 0.26
C ASN J 79 8.54 -33.13 -0.38
N VAL J 80 8.80 -32.05 0.35
CA VAL J 80 8.67 -30.69 -0.15
C VAL J 80 9.22 -30.52 -1.57
N PRO J 81 8.62 -29.61 -2.35
CA PRO J 81 9.06 -29.40 -3.73
C PRO J 81 9.97 -28.18 -3.90
N TYR J 82 10.84 -28.23 -4.90
CA TYR J 82 11.87 -27.20 -5.07
C TYR J 82 12.14 -26.87 -6.54
N VAL J 83 12.31 -25.59 -6.86
CA VAL J 83 12.71 -25.18 -8.20
C VAL J 83 13.83 -24.18 -8.23
N PHE J 84 14.55 -24.21 -9.33
CA PHE J 84 15.54 -23.19 -9.58
C PHE J 84 14.96 -22.09 -10.44
N VAL J 85 15.12 -20.84 -10.02
CA VAL J 85 14.97 -19.72 -10.95
C VAL J 85 16.37 -19.34 -11.41
N ARG J 86 16.45 -18.54 -12.47
CA ARG J 86 17.75 -18.29 -13.08
C ARG J 86 18.61 -17.26 -12.35
N SER J 87 18.02 -16.34 -11.57
CA SER J 87 18.86 -15.28 -10.97
C SER J 87 18.73 -14.99 -9.47
N LYS J 88 19.85 -15.08 -8.75
CA LYS J 88 19.85 -14.76 -7.32
C LYS J 88 19.49 -13.32 -7.15
N GLN J 89 19.91 -12.52 -8.13
CA GLN J 89 19.69 -11.09 -8.15
C GLN J 89 18.19 -10.79 -8.23
N ALA J 90 17.56 -11.40 -9.22
CA ALA J 90 16.12 -11.35 -9.39
C ALA J 90 15.39 -11.73 -8.10
N LEU J 91 15.69 -12.94 -7.60
CA LEU J 91 15.06 -13.49 -6.41
C LEU J 91 15.17 -12.58 -5.22
N GLY J 92 16.29 -11.86 -5.12
CA GLY J 92 16.45 -10.91 -4.06
C GLY J 92 15.42 -9.80 -4.19
N ARG J 93 15.45 -9.11 -5.33
CA ARG J 93 14.54 -8.01 -5.62
C ARG J 93 13.11 -8.46 -5.31
N ALA J 94 12.82 -9.72 -5.65
CA ALA J 94 11.49 -10.30 -5.49
C ALA J 94 11.15 -10.67 -4.04
N CYS J 95 12.17 -10.77 -3.19
CA CYS J 95 11.95 -11.03 -1.79
C CYS J 95 11.79 -9.72 -1.03
N GLY J 96 12.20 -8.62 -1.63
CA GLY J 96 12.02 -7.32 -1.01
C GLY J 96 13.32 -6.82 -0.41
N VAL J 97 14.41 -7.25 -1.02
CA VAL J 97 15.72 -7.07 -0.42
C VAL J 97 16.68 -6.24 -1.27
N SER J 98 17.56 -5.50 -0.60
CA SER J 98 18.58 -4.70 -1.27
C SER J 98 19.68 -5.54 -1.95
N ARG J 99 19.88 -6.77 -1.47
CA ARG J 99 20.93 -7.67 -1.97
C ARG J 99 20.32 -8.94 -2.58
N PRO J 100 21.14 -9.82 -3.17
CA PRO J 100 20.58 -11.02 -3.79
C PRO J 100 20.12 -12.05 -2.77
N VAL J 101 19.45 -13.09 -3.24
CA VAL J 101 19.03 -14.17 -2.37
C VAL J 101 19.16 -15.48 -3.14
N ILE J 102 19.90 -16.44 -2.61
CA ILE J 102 20.15 -17.63 -3.41
C ILE J 102 19.12 -18.68 -3.07
N ALA J 103 18.33 -18.41 -2.05
CA ALA J 103 17.27 -19.34 -1.72
C ALA J 103 16.33 -18.74 -0.72
N CYS J 104 15.11 -19.27 -0.72
CA CYS J 104 14.06 -18.84 0.17
C CYS J 104 12.97 -19.90 0.21
N SER J 105 12.17 -19.81 1.25
CA SER J 105 11.18 -20.83 1.48
C SER J 105 9.87 -20.11 1.79
N VAL J 106 8.78 -20.72 1.35
CA VAL J 106 7.47 -20.24 1.74
C VAL J 106 6.94 -21.12 2.87
N THR J 107 6.81 -20.51 4.04
CA THR J 107 6.42 -21.20 5.27
C THR J 107 4.93 -21.46 5.31
N ILE J 108 4.55 -22.61 5.86
CA ILE J 108 3.14 -22.88 6.16
C ILE J 108 2.61 -21.97 7.28
N LYS J 109 1.86 -20.94 6.90
CA LYS J 109 0.99 -20.28 7.86
C LYS J 109 -0.40 -20.89 7.66
N GLU J 110 -1.31 -20.66 8.61
CA GLU J 110 -2.63 -21.30 8.50
C GLU J 110 -3.71 -20.35 8.01
N GLY J 111 -4.56 -20.86 7.11
CA GLY J 111 -5.55 -20.02 6.44
C GLY J 111 -4.85 -19.02 5.52
N SER J 112 -3.95 -19.53 4.71
CA SER J 112 -3.21 -18.70 3.78
C SER J 112 -4.15 -18.37 2.67
N GLN J 113 -4.55 -17.10 2.61
CA GLN J 113 -5.24 -16.65 1.43
C GLN J 113 -4.46 -17.14 0.20
N LEU J 114 -3.14 -17.02 0.27
CA LEU J 114 -2.27 -17.42 -0.84
C LEU J 114 -2.41 -18.91 -1.12
N LYS J 115 -3.02 -19.63 -0.18
CA LYS J 115 -3.04 -21.08 -0.22
C LYS J 115 -3.34 -21.68 -1.60
N GLN J 116 -4.22 -21.04 -2.35
CA GLN J 116 -4.62 -21.63 -3.62
C GLN J 116 -3.49 -21.60 -4.63
N GLN J 117 -2.81 -20.45 -4.70
CA GLN J 117 -1.68 -20.28 -5.63
C GLN J 117 -0.44 -21.01 -5.15
N ILE J 118 -0.27 -21.09 -3.83
CA ILE J 118 0.72 -22.01 -3.28
C ILE J 118 0.45 -23.42 -3.81
N GLN J 119 -0.72 -23.97 -3.48
CA GLN J 119 -1.10 -25.25 -4.03
C GLN J 119 -0.86 -25.27 -5.53
N SER J 120 -1.07 -24.12 -6.18
CA SER J 120 -0.81 -24.02 -7.60
C SER J 120 0.62 -24.40 -7.91
N ILE J 121 1.54 -23.55 -7.45
CA ILE J 121 2.95 -23.73 -7.69
C ILE J 121 3.38 -25.13 -7.29
N GLN J 122 3.13 -25.51 -6.03
CA GLN J 122 3.45 -26.85 -5.59
C GLN J 122 3.21 -27.81 -6.75
N GLN J 123 2.01 -27.75 -7.31
CA GLN J 123 1.64 -28.68 -8.37
C GLN J 123 2.26 -28.34 -9.73
N SER J 124 2.50 -27.05 -9.98
CA SER J 124 3.12 -26.59 -11.23
C SER J 124 4.59 -27.02 -11.37
N ILE J 125 5.21 -27.28 -10.21
CA ILE J 125 6.61 -27.72 -10.11
C ILE J 125 6.70 -29.22 -10.31
N GLU J 126 5.85 -29.96 -9.62
CA GLU J 126 5.88 -31.40 -9.72
C GLU J 126 5.68 -31.84 -11.16
N ARG J 127 4.80 -31.13 -11.88
CA ARG J 127 4.58 -31.41 -13.30
C ARG J 127 5.88 -31.17 -14.07
N LEU J 128 6.75 -30.38 -13.47
CA LEU J 128 8.06 -30.09 -14.02
C LEU J 128 8.96 -31.33 -13.95
N LEU J 129 9.14 -31.84 -12.72
CA LEU J 129 10.02 -32.98 -12.44
C LEU J 129 9.55 -34.22 -13.17
N VAL J 130 8.37 -34.68 -12.79
CA VAL J 130 7.81 -35.92 -13.32
C VAL J 130 6.55 -35.64 -14.14
N ALA K 7 31.20 -50.72 12.22
CA ALA K 7 31.37 -49.29 11.97
C ALA K 7 31.93 -48.98 10.58
N ALA K 8 33.22 -48.57 10.55
CA ALA K 8 34.01 -48.31 9.32
C ALA K 8 34.10 -46.84 8.89
N PRO K 9 33.79 -45.88 9.80
CA PRO K 9 33.86 -44.49 9.35
C PRO K 9 35.20 -43.86 9.73
N GLU K 10 36.07 -43.66 8.74
CA GLU K 10 37.38 -43.07 8.98
C GLU K 10 37.20 -41.77 9.75
N TYR K 11 36.15 -41.02 9.43
CA TYR K 11 35.94 -39.75 10.11
C TYR K 11 35.86 -39.95 11.64
N ARG K 12 35.15 -40.98 12.09
CA ARG K 12 35.07 -41.32 13.52
C ARG K 12 36.49 -41.40 14.09
N VAL K 13 37.30 -42.29 13.53
CA VAL K 13 38.72 -42.38 13.84
C VAL K 13 39.39 -41.02 14.04
N ILE K 14 39.41 -40.20 12.98
CA ILE K 14 40.11 -38.92 13.00
C ILE K 14 39.52 -37.95 14.03
N VAL K 15 38.29 -38.22 14.47
CA VAL K 15 37.71 -37.39 15.53
C VAL K 15 38.27 -37.80 16.88
N ASP K 16 38.21 -39.10 17.17
CA ASP K 16 38.67 -39.64 18.45
C ASP K 16 40.17 -39.42 18.66
N ALA K 17 40.90 -39.35 17.55
CA ALA K 17 42.32 -39.01 17.56
C ALA K 17 42.50 -37.53 17.89
N ASN K 18 41.85 -36.66 17.12
CA ASN K 18 41.95 -35.24 17.39
C ASN K 18 41.66 -34.97 18.85
N ASN K 19 40.70 -35.70 19.40
CA ASN K 19 40.28 -35.50 20.79
C ASN K 19 41.36 -35.85 21.78
N LEU K 20 42.16 -36.87 21.46
CA LEU K 20 43.28 -37.25 22.33
C LEU K 20 44.07 -36.00 22.60
N THR K 21 44.46 -35.32 21.52
CA THR K 21 45.31 -34.13 21.61
C THR K 21 44.79 -33.13 22.64
N VAL K 22 43.47 -32.95 22.67
CA VAL K 22 42.86 -32.06 23.64
C VAL K 22 43.09 -32.59 25.06
N GLU K 23 42.95 -33.90 25.22
CA GLU K 23 43.24 -34.55 26.50
C GLU K 23 44.71 -34.43 26.86
N ILE K 24 45.56 -34.63 25.87
CA ILE K 24 47.00 -34.49 26.02
C ILE K 24 47.39 -33.03 26.30
N GLU K 25 46.82 -32.09 25.57
CA GLU K 25 47.08 -30.71 25.90
C GLU K 25 46.74 -30.48 27.36
N ASN K 26 45.61 -31.03 27.81
CA ASN K 26 45.23 -30.94 29.22
C ASN K 26 46.30 -31.42 30.16
N GLU K 27 46.62 -32.71 30.04
CA GLU K 27 47.63 -33.32 30.89
C GLU K 27 48.91 -32.47 30.96
N LEU K 28 49.09 -31.55 30.01
CA LEU K 28 50.34 -30.82 29.91
C LEU K 28 50.42 -29.57 30.76
N ASN K 29 49.31 -28.86 30.98
CA ASN K 29 49.35 -27.70 31.87
C ASN K 29 49.14 -28.12 33.31
N ILE K 30 48.45 -29.24 33.46
CA ILE K 30 48.38 -29.94 34.73
C ILE K 30 49.81 -30.28 35.16
N ILE K 31 50.56 -30.93 34.29
CA ILE K 31 52.00 -31.14 34.52
C ILE K 31 52.74 -29.81 34.65
N HIS K 32 52.34 -28.80 33.87
CA HIS K 32 52.99 -27.51 33.98
C HIS K 32 52.79 -26.97 35.39
N LYS K 33 51.55 -26.64 35.74
CA LYS K 33 51.26 -26.12 37.07
C LYS K 33 52.05 -26.89 38.13
N PHE K 34 52.29 -28.16 37.84
CA PHE K 34 52.96 -29.04 38.78
C PHE K 34 54.47 -28.79 38.85
N ILE K 35 55.12 -28.74 37.69
CA ILE K 35 56.58 -28.53 37.66
C ILE K 35 56.88 -27.09 38.10
N ARG K 36 55.98 -26.18 37.71
CA ARG K 36 56.04 -24.79 38.12
C ARG K 36 55.99 -24.70 39.64
N ASP K 37 54.99 -25.36 40.22
CA ASP K 37 54.77 -25.31 41.65
C ASP K 37 55.89 -26.01 42.44
N LYS K 38 56.29 -27.19 41.98
CA LYS K 38 57.30 -27.96 42.70
C LYS K 38 58.73 -27.58 42.33
N TYR K 39 58.88 -26.49 41.55
CA TYR K 39 60.21 -25.94 41.28
C TYR K 39 60.45 -24.61 41.99
N SER K 40 59.39 -24.02 42.53
CA SER K 40 59.55 -22.79 43.32
C SER K 40 60.31 -23.10 44.63
N LYS K 41 60.86 -24.31 44.72
CA LYS K 41 61.59 -24.78 45.88
C LYS K 41 63.08 -24.48 45.67
N ARG K 42 63.51 -24.50 44.40
CA ARG K 42 64.87 -24.17 44.01
C ARG K 42 64.91 -22.74 43.51
N PHE K 43 64.05 -22.44 42.55
CA PHE K 43 64.17 -21.23 41.74
C PHE K 43 62.81 -20.56 41.50
N PRO K 44 62.18 -20.09 42.58
CA PRO K 44 60.84 -19.48 42.58
C PRO K 44 60.65 -18.42 41.52
N GLU K 45 61.74 -17.81 41.09
CA GLU K 45 61.66 -16.64 40.24
C GLU K 45 61.58 -17.00 38.75
N LEU K 46 62.15 -18.14 38.37
CA LEU K 46 62.20 -18.54 36.95
C LEU K 46 60.82 -18.77 36.30
N GLU K 47 59.90 -19.37 37.04
CA GLU K 47 58.52 -19.54 36.56
C GLU K 47 57.94 -18.24 36.04
N SER K 48 58.41 -17.12 36.60
CA SER K 48 57.94 -15.78 36.23
C SER K 48 58.77 -15.20 35.09
N LEU K 49 60.08 -15.46 35.09
CA LEU K 49 60.93 -15.06 33.98
C LEU K 49 60.48 -15.70 32.67
N VAL K 50 60.98 -16.91 32.37
CA VAL K 50 60.50 -17.67 31.21
C VAL K 50 59.03 -18.03 31.41
N PRO K 51 58.18 -17.60 30.48
CA PRO K 51 56.73 -17.72 30.66
C PRO K 51 56.11 -18.94 30.00
N ASN K 52 56.79 -19.51 29.01
CA ASN K 52 56.20 -20.56 28.21
C ASN K 52 56.39 -21.99 28.75
N ALA K 53 55.33 -22.77 28.63
CA ALA K 53 55.32 -24.15 29.09
C ALA K 53 56.56 -24.89 28.60
N LEU K 54 56.52 -25.37 27.37
CA LEU K 54 57.59 -26.17 26.79
C LEU K 54 58.99 -25.62 27.10
N ASP K 55 59.08 -24.30 27.04
CA ASP K 55 60.31 -23.62 27.39
C ASP K 55 60.67 -23.97 28.83
N TYR K 56 59.82 -23.52 29.75
CA TYR K 56 59.97 -23.79 31.18
C TYR K 56 60.42 -25.22 31.47
N ILE K 57 59.54 -26.15 31.15
CA ILE K 57 59.77 -27.57 31.32
C ILE K 57 61.08 -28.00 30.67
N ARG K 58 61.35 -27.50 29.46
CA ARG K 58 62.58 -27.89 28.78
C ARG K 58 63.81 -27.36 29.54
N THR K 59 63.58 -26.33 30.35
CA THR K 59 64.64 -25.62 31.07
C THR K 59 64.96 -26.29 32.40
N VAL K 60 63.93 -26.47 33.23
CA VAL K 60 64.14 -27.11 34.52
C VAL K 60 64.76 -28.48 34.30
N LYS K 61 64.34 -29.19 33.26
CA LYS K 61 64.97 -30.47 33.02
C LYS K 61 66.49 -30.26 32.82
N GLU K 62 66.87 -29.06 32.39
CA GLU K 62 68.28 -28.77 32.08
C GLU K 62 69.05 -28.25 33.29
N LEU K 63 68.45 -27.28 33.99
CA LEU K 63 69.06 -26.68 35.18
C LEU K 63 69.30 -27.69 36.30
N GLY K 64 68.22 -28.22 36.88
CA GLY K 64 68.33 -29.16 37.98
C GLY K 64 68.69 -28.42 39.25
N ASN K 65 69.71 -28.91 39.95
CA ASN K 65 70.22 -28.23 41.14
C ASN K 65 71.29 -27.19 40.84
N SER K 66 72.05 -27.42 39.78
CA SER K 66 73.12 -26.53 39.37
C SER K 66 72.61 -25.30 38.61
N LEU K 67 72.38 -24.20 39.35
CA LEU K 67 72.04 -22.93 38.73
C LEU K 67 73.30 -22.14 38.37
N ASP K 68 74.44 -22.84 38.46
CA ASP K 68 75.73 -22.27 38.15
C ASP K 68 75.79 -21.90 36.67
N LYS K 69 75.22 -22.77 35.84
CA LYS K 69 75.33 -22.62 34.40
C LYS K 69 74.07 -22.08 33.79
N CYS K 70 74.26 -21.11 32.91
CA CYS K 70 73.21 -20.61 32.06
C CYS K 70 73.96 -20.22 30.79
N LYS K 71 75.11 -19.59 31.01
CA LYS K 71 76.03 -19.22 29.95
C LYS K 71 76.59 -20.44 29.24
N ASN K 72 77.14 -20.22 28.04
CA ASN K 72 77.81 -21.26 27.27
C ASN K 72 77.15 -22.63 27.41
N ASN K 73 75.83 -22.64 27.53
CA ASN K 73 75.15 -23.92 27.65
C ASN K 73 74.74 -24.45 26.30
N GLU K 74 75.42 -25.51 25.86
CA GLU K 74 75.05 -26.16 24.62
C GLU K 74 73.54 -26.28 24.53
N ASN K 75 72.96 -27.21 25.29
CA ASN K 75 71.53 -27.50 25.18
C ASN K 75 70.60 -26.36 25.59
N LEU K 76 71.08 -25.44 26.43
CA LEU K 76 70.21 -24.39 26.96
C LEU K 76 70.13 -23.15 26.07
N GLN K 77 71.23 -22.84 25.38
CA GLN K 77 71.26 -21.70 24.48
C GLN K 77 70.29 -21.92 23.32
N GLN K 78 69.87 -23.16 23.14
CA GLN K 78 69.00 -23.53 22.02
C GLN K 78 67.51 -23.52 22.39
N ILE K 79 67.19 -22.97 23.56
CA ILE K 79 65.81 -22.87 23.99
C ILE K 79 65.45 -21.45 24.38
N LEU K 80 66.47 -20.60 24.52
CA LEU K 80 66.27 -19.24 25.02
C LEU K 80 67.10 -18.16 24.31
N THR K 81 66.62 -16.91 24.35
CA THR K 81 67.36 -15.74 23.85
C THR K 81 68.57 -15.50 24.76
N ASN K 82 69.76 -15.37 24.17
CA ASN K 82 70.95 -15.13 24.99
C ASN K 82 70.73 -13.94 25.89
N ALA K 83 69.76 -13.11 25.51
CA ALA K 83 69.35 -11.94 26.28
C ALA K 83 68.65 -12.34 27.57
N THR K 84 67.63 -13.19 27.41
CA THR K 84 66.84 -13.70 28.54
C THR K 84 67.56 -14.84 29.28
N ILE K 85 68.75 -15.20 28.82
CA ILE K 85 69.58 -16.17 29.51
C ILE K 85 70.40 -15.53 30.65
N MET K 86 70.78 -14.27 30.48
CA MET K 86 71.49 -13.55 31.55
C MET K 86 70.51 -12.83 32.47
N VAL K 87 69.28 -12.62 32.00
CA VAL K 87 68.20 -12.19 32.88
C VAL K 87 68.00 -13.25 33.96
N VAL K 88 68.51 -14.47 33.72
CA VAL K 88 68.43 -15.53 34.73
C VAL K 88 69.77 -15.82 35.42
N SER K 89 70.88 -15.86 34.68
CA SER K 89 72.16 -16.16 35.30
C SER K 89 72.47 -15.14 36.40
N VAL K 90 71.92 -13.93 36.23
CA VAL K 90 72.01 -12.87 37.24
C VAL K 90 71.16 -13.22 38.45
N THR K 91 69.86 -13.45 38.24
CA THR K 91 68.96 -13.85 39.33
C THR K 91 69.21 -15.30 39.79
N ALA K 92 70.32 -15.87 39.35
CA ALA K 92 70.74 -17.22 39.72
C ALA K 92 71.70 -17.20 40.90
N SER K 93 72.07 -16.00 41.34
CA SER K 93 72.90 -15.81 42.53
C SER K 93 72.11 -15.03 43.58
N THR K 94 70.94 -14.54 43.16
CA THR K 94 69.96 -13.93 44.06
C THR K 94 68.73 -14.85 44.13
N THR K 95 68.99 -16.16 44.13
CA THR K 95 67.95 -17.18 43.94
C THR K 95 66.88 -17.25 45.04
N GLN K 96 67.30 -17.43 46.29
CA GLN K 96 66.37 -17.58 47.40
C GLN K 96 65.60 -18.90 47.32
N GLY K 97 66.34 -20.01 47.38
CA GLY K 97 65.73 -21.33 47.26
C GLY K 97 66.70 -22.42 47.68
N GLN K 98 66.15 -23.53 48.16
CA GLN K 98 66.95 -24.64 48.67
C GLN K 98 67.23 -25.66 47.60
N GLN K 99 68.49 -26.09 47.50
CA GLN K 99 68.83 -27.27 46.71
C GLN K 99 67.80 -28.35 47.03
N LEU K 100 67.43 -29.18 46.05
CA LEU K 100 66.32 -30.12 46.22
C LEU K 100 66.72 -31.55 46.58
N SER K 101 65.82 -32.20 47.33
CA SER K 101 65.93 -33.61 47.71
C SER K 101 66.54 -34.43 46.58
N GLU K 102 67.11 -35.59 46.88
CA GLU K 102 67.58 -36.46 45.80
C GLU K 102 66.39 -37.11 45.09
N GLU K 103 65.25 -37.22 45.79
CA GLU K 103 64.05 -37.85 45.22
C GLU K 103 62.99 -36.84 44.80
N GLU K 104 63.19 -35.56 45.11
CA GLU K 104 62.31 -34.53 44.59
C GLU K 104 62.77 -34.15 43.19
N LEU K 105 64.04 -34.39 42.92
CA LEU K 105 64.56 -34.22 41.57
C LEU K 105 63.90 -35.24 40.67
N GLU K 106 64.08 -36.51 41.00
CA GLU K 106 63.47 -37.59 40.22
C GLU K 106 61.96 -37.40 40.10
N ARG K 107 61.35 -36.71 41.05
CA ARG K 107 59.93 -36.43 41.01
C ARG K 107 59.63 -35.44 39.90
N LEU K 108 60.59 -34.54 39.70
CA LEU K 108 60.49 -33.48 38.69
C LEU K 108 61.08 -33.92 37.37
N GLU K 109 62.35 -34.27 37.40
CA GLU K 109 63.04 -34.68 36.19
C GLU K 109 62.28 -35.78 35.47
N GLU K 110 61.38 -36.45 36.18
CA GLU K 110 60.61 -37.56 35.60
C GLU K 110 59.23 -37.10 35.12
N ALA K 111 58.78 -35.99 35.69
CA ALA K 111 57.54 -35.34 35.28
C ALA K 111 57.79 -34.55 34.01
N CYS K 112 59.07 -34.28 33.74
CA CYS K 112 59.48 -33.53 32.57
C CYS K 112 59.62 -34.43 31.37
N ASP K 113 60.31 -35.54 31.54
CA ASP K 113 60.32 -36.54 30.49
C ASP K 113 58.92 -36.81 29.99
N MET K 114 57.93 -36.67 30.87
CA MET K 114 56.55 -36.91 30.47
C MET K 114 56.12 -35.83 29.50
N ALA K 115 56.08 -34.59 29.98
CA ALA K 115 55.76 -33.44 29.15
C ALA K 115 56.25 -33.66 27.72
N LEU K 116 57.56 -33.86 27.58
CA LEU K 116 58.16 -34.07 26.27
C LEU K 116 57.59 -35.25 25.51
N GLU K 117 57.67 -36.45 26.05
CA GLU K 117 57.20 -37.61 25.30
C GLU K 117 55.70 -37.53 25.03
N LEU K 118 55.03 -36.60 25.71
CA LEU K 118 53.62 -36.31 25.45
C LEU K 118 53.43 -35.27 24.34
N ASN K 119 53.90 -34.06 24.60
CA ASN K 119 53.92 -32.98 23.62
C ASN K 119 54.39 -33.47 22.27
N ALA K 120 55.48 -34.23 22.28
CA ALA K 120 56.01 -34.83 21.08
C ALA K 120 54.97 -35.65 20.33
N SER K 121 54.14 -36.42 21.02
CA SER K 121 53.16 -37.25 20.30
C SER K 121 51.80 -36.57 20.07
N LYS K 122 51.54 -35.46 20.77
CA LYS K 122 50.50 -34.56 20.32
C LYS K 122 50.84 -34.21 18.85
N HIS K 123 51.94 -33.49 18.65
CA HIS K 123 52.40 -33.08 17.32
C HIS K 123 52.56 -34.22 16.33
N ARG K 124 52.29 -35.44 16.73
CA ARG K 124 52.40 -36.53 15.77
C ARG K 124 51.07 -37.20 15.59
N ILE K 125 50.14 -36.88 16.48
CA ILE K 125 48.74 -37.26 16.30
C ILE K 125 48.13 -36.20 15.41
N TYR K 126 48.40 -34.94 15.78
CA TYR K 126 47.97 -33.77 15.05
C TYR K 126 48.27 -33.92 13.56
N GLU K 127 49.52 -34.23 13.24
CA GLU K 127 49.96 -34.22 11.86
C GLU K 127 49.17 -35.18 11.02
N TYR K 128 48.70 -36.26 11.65
CA TYR K 128 47.84 -37.26 11.00
C TYR K 128 46.42 -36.72 10.71
N VAL K 129 45.79 -36.20 11.76
CA VAL K 129 44.53 -35.50 11.66
C VAL K 129 44.61 -34.43 10.56
N GLU K 130 45.63 -33.59 10.63
CA GLU K 130 45.81 -32.52 9.64
C GLU K 130 46.18 -33.07 8.26
N SER K 131 46.09 -34.37 8.07
CA SER K 131 46.41 -34.92 6.76
C SER K 131 45.34 -35.89 6.38
N ARG K 132 44.36 -36.06 7.26
CA ARG K 132 43.18 -36.84 6.92
C ARG K 132 42.01 -35.87 6.77
N MET K 133 42.05 -34.77 7.50
CA MET K 133 41.11 -33.69 7.29
C MET K 133 41.28 -33.21 5.86
N SER K 134 42.54 -33.01 5.47
CA SER K 134 42.89 -32.51 4.15
C SER K 134 42.36 -33.38 3.02
N PHE K 135 41.78 -34.51 3.36
CA PHE K 135 41.17 -35.35 2.34
C PHE K 135 39.66 -35.42 2.51
N ILE K 136 39.20 -35.56 3.74
CA ILE K 136 37.77 -35.66 4.02
C ILE K 136 37.00 -34.34 3.82
N ALA K 137 37.36 -33.32 4.59
CA ALA K 137 36.75 -32.00 4.43
C ALA K 137 37.82 -30.94 4.20
N PRO K 138 38.45 -30.94 3.01
CA PRO K 138 39.56 -30.06 2.63
C PRO K 138 39.25 -28.59 2.76
N ASN K 139 38.16 -28.16 2.14
CA ASN K 139 37.78 -26.74 2.15
C ASN K 139 37.44 -26.20 3.53
N LEU K 140 36.79 -27.03 4.35
CA LEU K 140 36.40 -26.61 5.69
C LEU K 140 37.64 -26.37 6.56
N SER K 141 38.62 -27.29 6.48
CA SER K 141 39.83 -27.23 7.29
C SER K 141 40.82 -26.16 6.81
N ILE K 142 40.64 -25.73 5.58
CA ILE K 142 41.44 -24.64 5.06
C ILE K 142 41.08 -23.32 5.73
N ILE K 143 39.91 -23.27 6.37
CA ILE K 143 39.40 -22.02 6.89
C ILE K 143 39.61 -21.87 8.38
N ILE K 144 39.35 -22.93 9.15
CA ILE K 144 39.45 -22.81 10.62
C ILE K 144 40.65 -23.54 11.24
N GLY K 145 41.00 -24.67 10.64
CA GLY K 145 42.11 -25.48 11.12
C GLY K 145 41.63 -26.91 11.06
N ALA K 146 42.50 -27.83 10.70
CA ALA K 146 42.10 -29.22 10.65
C ALA K 146 41.55 -29.69 12.00
N SER K 147 42.16 -29.22 13.09
CA SER K 147 41.73 -29.62 14.43
C SER K 147 40.27 -29.25 14.66
N THR K 148 40.03 -27.95 14.83
CA THR K 148 38.67 -27.42 15.02
C THR K 148 37.64 -27.97 14.02
N ALA K 149 38.11 -28.36 12.83
CA ALA K 149 37.21 -28.79 11.76
C ALA K 149 36.72 -30.19 11.97
N ALA K 150 37.58 -31.04 12.50
CA ALA K 150 37.15 -32.38 12.88
C ALA K 150 36.57 -32.37 14.29
N LYS K 151 36.68 -31.24 14.99
CA LYS K 151 35.98 -31.08 16.26
C LYS K 151 34.51 -30.91 15.96
N ILE K 152 34.17 -29.90 15.16
CA ILE K 152 32.77 -29.57 14.94
C ILE K 152 32.09 -30.68 14.15
N MET K 153 32.86 -31.33 13.28
CA MET K 153 32.31 -32.41 12.46
C MET K 153 32.06 -33.70 13.25
N GLY K 154 32.85 -33.92 14.28
CA GLY K 154 32.63 -35.04 15.15
C GLY K 154 31.29 -34.85 15.82
N VAL K 155 31.15 -33.70 16.50
CA VAL K 155 29.93 -33.36 17.23
C VAL K 155 28.76 -33.01 16.30
N ALA K 156 29.06 -32.88 15.01
CA ALA K 156 28.00 -32.61 14.05
C ALA K 156 27.28 -33.90 13.70
N GLY K 157 28.03 -34.96 13.59
CA GLY K 157 27.44 -36.24 13.27
C GLY K 157 27.87 -36.73 11.90
N GLY K 158 28.90 -36.09 11.36
CA GLY K 158 29.43 -36.48 10.07
C GLY K 158 29.53 -35.23 9.25
N LEU K 159 29.85 -35.36 7.97
CA LEU K 159 29.87 -34.19 7.11
C LEU K 159 28.49 -33.94 6.52
N THR K 160 27.73 -35.01 6.29
CA THR K 160 26.38 -34.87 5.80
C THR K 160 25.55 -34.13 6.82
N ASN K 161 25.52 -34.64 8.05
CA ASN K 161 24.72 -34.00 9.10
C ASN K 161 25.08 -32.54 9.27
N LEU K 162 26.32 -32.19 8.94
CA LEU K 162 26.80 -30.86 9.17
C LEU K 162 26.24 -29.90 8.12
N SER K 163 26.25 -30.32 6.86
CA SER K 163 25.76 -29.46 5.78
C SER K 163 24.29 -29.12 6.00
N LYS K 164 23.55 -30.05 6.61
CA LYS K 164 22.13 -29.86 6.87
C LYS K 164 21.86 -28.90 8.06
N MET K 165 22.90 -28.21 8.53
CA MET K 165 22.76 -27.23 9.58
C MET K 165 22.89 -25.86 9.00
N PRO K 166 22.42 -24.86 9.75
CA PRO K 166 22.51 -23.41 9.44
C PRO K 166 23.68 -22.74 10.14
N ALA K 167 24.33 -21.76 9.52
CA ALA K 167 25.48 -21.14 10.17
C ALA K 167 25.24 -20.77 11.62
N CYS K 168 24.02 -20.38 11.95
CA CYS K 168 23.72 -19.91 13.31
C CYS K 168 23.90 -21.01 14.38
N ASN K 169 23.61 -22.27 14.01
CA ASN K 169 23.78 -23.45 14.86
C ASN K 169 25.22 -23.95 14.89
N ILE K 170 25.84 -23.98 13.73
CA ILE K 170 27.23 -24.37 13.63
C ILE K 170 28.04 -23.44 14.52
N MET K 171 27.68 -22.16 14.55
CA MET K 171 28.41 -21.25 15.40
C MET K 171 28.41 -21.71 16.86
N LEU K 172 27.32 -22.35 17.29
CA LEU K 172 27.13 -22.79 18.68
C LEU K 172 27.67 -24.17 19.03
N LEU K 173 27.82 -25.04 18.05
CA LEU K 173 28.32 -26.39 18.32
C LEU K 173 29.41 -26.38 19.39
N GLY K 174 29.22 -27.23 20.41
CA GLY K 174 30.16 -27.37 21.49
C GLY K 174 30.39 -26.12 22.33
N ALA K 175 29.31 -25.46 22.72
CA ALA K 175 29.39 -24.30 23.62
C ALA K 175 28.76 -24.60 24.97
N GLN K 176 28.70 -23.59 25.84
CA GLN K 176 28.22 -23.73 27.22
C GLN K 176 26.87 -24.41 27.31
N ARG K 177 26.84 -25.65 27.76
CA ARG K 177 25.54 -26.35 27.86
C ARG K 177 24.47 -25.58 28.66
N LYS K 178 23.25 -25.55 28.11
CA LYS K 178 22.09 -25.00 28.82
C LYS K 178 21.78 -25.87 30.05
N THR K 179 22.62 -25.76 31.07
CA THR K 179 22.53 -26.58 32.26
C THR K 179 23.35 -25.86 33.35
N LEU K 180 22.69 -25.08 34.20
CA LEU K 180 23.37 -24.25 35.21
C LEU K 180 24.15 -23.05 34.62
N SER K 187 31.83 -21.80 33.97
CA SER K 187 31.32 -20.83 33.00
C SER K 187 32.21 -19.57 32.88
N VAL K 188 32.67 -19.30 31.66
CA VAL K 188 33.50 -18.13 31.39
C VAL K 188 32.91 -17.19 30.30
N LEU K 189 32.52 -17.76 29.16
CA LEU K 189 31.91 -16.95 28.08
C LEU K 189 30.60 -17.55 27.54
N PRO K 190 29.67 -16.67 27.11
CA PRO K 190 28.30 -17.09 26.79
C PRO K 190 28.08 -17.36 25.31
N HIS K 191 27.48 -18.49 25.00
CA HIS K 191 27.17 -18.79 23.61
C HIS K 191 28.43 -18.77 22.73
N THR K 192 29.47 -19.41 23.23
CA THR K 192 30.73 -19.51 22.49
C THR K 192 31.12 -20.99 22.39
N GLY K 193 31.26 -21.46 21.16
CA GLY K 193 31.54 -22.85 20.92
C GLY K 193 32.84 -22.98 20.16
N TYR K 194 33.03 -24.13 19.53
CA TYR K 194 34.29 -24.44 18.91
C TYR K 194 34.79 -23.33 18.02
N ILE K 195 33.92 -22.78 17.18
CA ILE K 195 34.33 -21.73 16.26
C ILE K 195 34.81 -20.50 17.03
N TYR K 196 34.11 -20.13 18.10
CA TYR K 196 34.57 -18.98 18.84
C TYR K 196 36.00 -19.15 19.36
N HIS K 197 36.36 -20.37 19.75
CA HIS K 197 37.67 -20.61 20.38
C HIS K 197 38.75 -21.09 19.42
N SER K 198 38.41 -21.14 18.13
CA SER K 198 39.33 -21.61 17.10
C SER K 198 40.53 -20.71 16.95
N ASP K 199 41.60 -21.25 16.37
CA ASP K 199 42.81 -20.47 16.19
C ASP K 199 42.48 -19.13 15.53
N ILE K 200 41.85 -19.20 14.36
CA ILE K 200 41.66 -18.02 13.51
C ILE K 200 40.85 -16.88 14.12
N VAL K 201 39.81 -17.19 14.90
CA VAL K 201 39.07 -16.15 15.62
C VAL K 201 39.90 -15.56 16.73
N GLN K 202 40.68 -16.42 17.38
CA GLN K 202 41.37 -16.02 18.59
C GLN K 202 42.57 -15.10 18.36
N SER K 203 43.26 -15.28 17.24
CA SER K 203 44.36 -14.39 16.87
C SER K 203 43.95 -12.89 16.84
N LEU K 204 42.68 -12.61 17.08
CA LEU K 204 42.19 -11.23 17.03
C LEU K 204 42.04 -10.63 18.42
N PRO K 205 41.85 -9.28 18.48
CA PRO K 205 41.50 -8.52 19.69
C PRO K 205 40.23 -9.06 20.35
N PRO K 206 40.12 -8.91 21.66
CA PRO K 206 39.11 -9.59 22.48
C PRO K 206 37.68 -9.36 22.01
N ASP K 207 37.39 -8.19 21.45
CA ASP K 207 36.02 -7.82 21.12
C ASP K 207 35.56 -8.19 19.71
N LEU K 208 36.41 -7.91 18.72
CA LEU K 208 36.15 -8.32 17.33
C LEU K 208 35.72 -9.76 17.25
N ARG K 209 36.03 -10.51 18.29
CA ARG K 209 35.85 -11.94 18.25
C ARG K 209 34.41 -12.34 18.04
N ARG K 210 33.46 -11.67 18.69
CA ARG K 210 32.09 -12.07 18.43
C ARG K 210 31.69 -11.88 16.95
N LYS K 211 31.89 -10.68 16.42
CA LYS K 211 31.65 -10.38 15.01
C LYS K 211 32.38 -11.40 14.14
N ALA K 212 33.64 -11.64 14.50
CA ALA K 212 34.49 -12.57 13.75
C ALA K 212 33.96 -14.01 13.79
N ALA K 213 33.42 -14.41 14.92
CA ALA K 213 32.96 -15.78 15.09
C ALA K 213 31.76 -15.96 14.19
N ARG K 214 30.91 -14.94 14.16
CA ARG K 214 29.74 -14.97 13.31
C ARG K 214 30.18 -15.19 11.87
N LEU K 215 31.16 -14.38 11.45
CA LEU K 215 31.68 -14.44 10.09
C LEU K 215 32.18 -15.82 9.73
N VAL K 216 33.12 -16.35 10.53
CA VAL K 216 33.71 -17.65 10.25
C VAL K 216 32.71 -18.79 10.33
N ALA K 217 31.84 -18.73 11.33
CA ALA K 217 30.75 -19.68 11.41
C ALA K 217 30.09 -19.74 10.04
N ALA K 218 29.69 -18.56 9.56
CA ALA K 218 29.02 -18.43 8.27
C ALA K 218 29.78 -19.11 7.15
N LYS K 219 31.02 -18.68 6.92
CA LYS K 219 31.80 -19.20 5.80
C LYS K 219 32.15 -20.69 5.94
N CYS K 220 32.22 -21.19 7.16
CA CYS K 220 32.44 -22.63 7.30
C CYS K 220 31.22 -23.42 6.85
N THR K 221 30.05 -22.89 7.15
CA THR K 221 28.82 -23.55 6.80
C THR K 221 28.75 -23.76 5.29
N LEU K 222 29.31 -22.81 4.54
CA LEU K 222 29.38 -22.91 3.08
C LEU K 222 30.39 -23.98 2.67
N ALA K 223 31.62 -23.78 3.14
CA ALA K 223 32.69 -24.74 2.95
C ALA K 223 32.23 -26.16 3.29
N ALA K 224 31.52 -26.28 4.40
CA ALA K 224 31.02 -27.58 4.85
C ALA K 224 30.13 -28.19 3.78
N ARG K 225 29.18 -27.39 3.28
CA ARG K 225 28.29 -27.84 2.22
C ARG K 225 29.08 -28.23 0.98
N VAL K 226 30.01 -27.37 0.56
CA VAL K 226 30.91 -27.73 -0.54
C VAL K 226 31.57 -29.09 -0.29
N ASP K 227 32.17 -29.25 0.89
CA ASP K 227 32.97 -30.42 1.15
C ASP K 227 32.12 -31.68 1.31
N SER K 228 30.84 -31.50 1.59
CA SER K 228 29.92 -32.63 1.75
C SER K 228 29.51 -33.22 0.42
N PHE K 229 30.01 -32.65 -0.67
CA PHE K 229 29.79 -33.19 -2.01
C PHE K 229 31.14 -33.54 -2.60
N HIS K 230 32.15 -33.59 -1.72
CA HIS K 230 33.49 -33.87 -2.16
C HIS K 230 33.66 -33.11 -3.46
N GLU K 231 33.37 -31.81 -3.39
CA GLU K 231 33.58 -30.90 -4.50
C GLU K 231 34.69 -29.91 -4.22
N SER K 232 35.14 -29.23 -5.27
CA SER K 232 36.31 -28.35 -5.17
C SER K 232 37.37 -28.96 -4.28
N THR K 233 37.74 -30.20 -4.59
CA THR K 233 38.70 -30.92 -3.78
C THR K 233 40.10 -30.29 -3.76
N GLU K 234 40.48 -29.64 -4.83
CA GLU K 234 41.78 -29.01 -4.87
C GLU K 234 41.84 -27.88 -3.83
N GLY K 235 40.71 -27.54 -3.24
CA GLY K 235 40.64 -26.58 -2.16
C GLY K 235 40.40 -25.10 -2.49
N LYS K 236 39.83 -24.79 -3.66
CA LYS K 236 39.68 -23.39 -4.11
C LYS K 236 38.72 -22.56 -3.26
N VAL K 237 37.49 -23.03 -3.10
CA VAL K 237 36.50 -22.39 -2.22
C VAL K 237 37.15 -22.07 -0.89
N GLY K 238 37.68 -23.12 -0.27
CA GLY K 238 38.40 -23.02 0.97
C GLY K 238 39.30 -21.80 0.93
N TYR K 239 40.25 -21.79 -0.01
CA TYR K 239 41.23 -20.71 -0.06
C TYR K 239 40.64 -19.32 -0.37
N GLU K 240 39.60 -19.29 -1.20
CA GLU K 240 38.97 -18.03 -1.60
C GLU K 240 38.16 -17.44 -0.46
N LEU K 241 37.45 -18.32 0.20
CA LEU K 241 36.66 -17.98 1.37
C LEU K 241 37.57 -17.38 2.43
N LYS K 242 38.69 -18.05 2.68
CA LYS K 242 39.66 -17.63 3.68
C LYS K 242 40.13 -16.22 3.36
N ASP K 243 40.36 -15.94 2.08
CA ASP K 243 40.69 -14.58 1.66
C ASP K 243 39.58 -13.59 2.01
N GLU K 244 38.34 -13.96 1.72
CA GLU K 244 37.18 -13.11 2.02
C GLU K 244 37.23 -12.65 3.48
N ILE K 245 37.53 -13.60 4.37
CA ILE K 245 37.63 -13.36 5.81
C ILE K 245 38.85 -12.55 6.22
N GLU K 246 40.03 -12.96 5.78
CA GLU K 246 41.23 -12.23 6.15
C GLU K 246 41.16 -10.81 5.63
N ARG K 247 40.33 -10.58 4.62
CA ARG K 247 40.16 -9.25 4.09
C ARG K 247 39.22 -8.43 4.97
N LYS K 248 38.12 -9.04 5.40
CA LYS K 248 37.20 -8.36 6.31
C LYS K 248 37.97 -7.98 7.55
N PHE K 249 38.81 -8.91 7.99
CA PHE K 249 39.56 -8.74 9.22
C PHE K 249 40.46 -7.53 9.21
N ASP K 250 41.18 -7.31 8.11
CA ASP K 250 42.05 -6.15 8.02
C ASP K 250 41.28 -4.82 8.10
N LYS K 251 40.17 -4.75 7.37
CA LYS K 251 39.33 -3.56 7.41
C LYS K 251 38.63 -3.40 8.75
N TRP K 252 38.94 -4.28 9.68
CA TRP K 252 38.39 -4.17 11.03
C TRP K 252 39.40 -3.55 11.98
N GLN K 253 40.68 -3.64 11.61
CA GLN K 253 41.80 -3.29 12.49
C GLN K 253 42.08 -4.38 13.56
#